data_4U3E
#
_entry.id   4U3E
#
_cell.length_a   78.313
_cell.length_b   98.768
_cell.length_c   86.556
_cell.angle_alpha   90.00
_cell.angle_beta   111.72
_cell.angle_gamma   90.00
#
_symmetry.space_group_name_H-M   'P 1 21 1'
#
loop_
_entity.id
_entity.type
_entity.pdbx_description
1 polymer 'Ribonucleoside triphosphate reductase'
2 non-polymer 'ZINC ION'
3 non-polymer 'CITRIC ACID'
4 non-polymer GLYCEROL
5 non-polymer 'SODIUM ION'
6 non-polymer 'ACETATE ION'
7 water water
#
_entity_poly.entity_id   1
_entity_poly.type   'polypeptide(L)'
_entity_poly.pdbx_seq_one_letter_code
;(MSE)GSSHHHHHHSSGLVPRGSH(MSE)KVQYSFEREFEEL(MSE)SDLLSKYGYE(MSE)FQ(MSE)DGLGDQLDVVK
FTEDFVRRGIIESTIDANANVRVTNISTYFIEISKPHTYLYSLYRIWQK(MSE)KE(MSE)FGKGVADEFVEAQINGAVY
LHDRHHAAL(MSE)PYCFAYTLKPIVEKGLPFIKTIKSEPAKHLSTFIQHVIQFV(MSE)FASNQSSGAVGLPDFFVW
(MSE)WYFVKKDLKEGIIPRDKLDWYIEQHFQILTYSLNQPIRTTQSPYTNFTYLDRNYIKAIFEGERYPDGSLITDHVE
DIIALQKHYWEWVSRERERQ(MSE)FTFPVLTASLLYKDGKFLDEDSARFINKIN(MSE)KWQDTNWYISDSIDAVASCC
RLTSSTQTLKKFSLSSEEEEKLKGR(MSE)NSIGGSDLNIGSFKVITVNLPRIALESGGDREKYLQILRHRVQLIKKALA
AVREIIKERISEGLLPLYENGL(MSE)LLNRQYGTIGVTGVWESASI(MSE)GLTTEDIDGLKYTEEGEVFVDNVLDTIR
EEAEKGYHEYGFTFNIEQVPAEKAAVTLAQKDRFLFGEKQPFEIYSNQWVPL(MSE)ANTDVLNRIRYSGKWDKKVSGGA
ILHINLGESFKTEEESFN(MSE)VK(MSE)IAD(MSE)GV(MSE)YFAFNTKISVCEDGHAFYGERCPVCGKAKVDEY
(MSE)RIVGYLVPVSAFNKERREIEYPRRQFYDSLTIRR
;
_entity_poly.pdbx_strand_id   A,B
#
loop_
_chem_comp.id
_chem_comp.type
_chem_comp.name
_chem_comp.formula
ACT non-polymer 'ACETATE ION' 'C2 H3 O2 -1'
CIT non-polymer 'CITRIC ACID' 'C6 H8 O7'
GOL non-polymer GLYCEROL 'C3 H8 O3'
NA non-polymer 'SODIUM ION' 'Na 1'
ZN non-polymer 'ZINC ION' 'Zn 2'
#
# COMPACT_ATOMS: atom_id res chain seq x y z
N SER A 12 -19.73 -19.62 13.24
CA SER A 12 -19.60 -18.30 12.64
C SER A 12 -18.72 -18.35 11.39
N GLY A 13 -18.68 -17.25 10.65
CA GLY A 13 -17.97 -17.21 9.40
C GLY A 13 -18.80 -17.86 8.31
N LEU A 14 -18.14 -18.63 7.44
CA LEU A 14 -18.85 -19.30 6.36
C LEU A 14 -19.64 -20.49 6.88
N VAL A 15 -20.96 -20.46 6.65
CA VAL A 15 -21.86 -21.51 7.12
C VAL A 15 -22.62 -22.15 5.96
N GLY A 18 -28.31 -27.52 3.80
CA GLY A 18 -27.86 -27.81 2.46
C GLY A 18 -28.17 -26.68 1.51
N SER A 19 -27.15 -26.24 0.77
CA SER A 19 -27.21 -25.04 -0.07
C SER A 19 -27.44 -23.80 0.80
N HIS A 20 -27.64 -22.66 0.16
CA HIS A 20 -27.95 -21.40 0.85
C HIS A 20 -26.86 -20.98 1.81
N MSE A 21 -25.66 -20.85 1.26
CA MSE A 21 -24.49 -20.47 2.01
C MSE A 21 -24.61 -19.06 2.57
O MSE A 21 -24.94 -18.13 1.84
CB MSE A 21 -23.27 -20.58 1.12
CG MSE A 21 -22.01 -20.82 1.87
SE MSE A 21 -20.89 -21.93 0.78
CE MSE A 21 -20.91 -20.90 -0.89
N LYS A 22 -24.33 -18.90 3.85
CA LYS A 22 -24.33 -17.58 4.47
C LYS A 22 -23.00 -17.31 5.15
N VAL A 23 -22.75 -16.03 5.42
CA VAL A 23 -21.63 -15.62 6.22
C VAL A 23 -22.16 -14.96 7.49
N GLN A 24 -21.71 -15.44 8.63
CA GLN A 24 -22.24 -15.00 9.91
C GLN A 24 -21.18 -14.27 10.73
N TYR A 25 -21.44 -13.02 11.08
CA TYR A 25 -20.53 -12.29 11.97
C TYR A 25 -20.98 -12.45 13.42
N SER A 26 -20.01 -12.51 14.33
CA SER A 26 -20.30 -12.72 15.75
C SER A 26 -20.74 -11.45 16.48
N PHE A 27 -22.01 -11.08 16.35
CA PHE A 27 -22.54 -9.94 17.07
C PHE A 27 -23.25 -10.38 18.34
N GLU A 28 -23.21 -9.54 19.36
CA GLU A 28 -24.09 -9.71 20.51
C GLU A 28 -25.53 -9.69 20.00
N ARG A 29 -26.39 -10.51 20.60
CA ARG A 29 -27.78 -10.59 20.17
C ARG A 29 -28.47 -9.23 20.22
N GLU A 30 -28.17 -8.44 21.25
CA GLU A 30 -28.74 -7.10 21.42
C GLU A 30 -28.49 -6.21 20.21
N PHE A 31 -27.29 -6.30 19.63
CA PHE A 31 -26.95 -5.49 18.48
C PHE A 31 -27.67 -5.99 17.23
N GLU A 32 -27.75 -7.31 17.06
CA GLU A 32 -28.50 -7.87 15.94
C GLU A 32 -29.95 -7.43 16.01
N GLU A 33 -30.50 -7.46 17.21
CA GLU A 33 -31.88 -7.04 17.44
C GLU A 33 -32.06 -5.55 17.17
N LEU A 34 -31.06 -4.75 17.55
CA LEU A 34 -31.08 -3.33 17.26
C LEU A 34 -31.11 -3.10 15.76
N MSE A 35 -30.25 -3.81 15.04
CA MSE A 35 -30.12 -3.61 13.60
C MSE A 35 -31.37 -4.12 12.88
O MSE A 35 -31.84 -3.49 11.92
CB MSE A 35 -28.86 -4.31 13.07
CG MSE A 35 -27.57 -3.71 13.62
SE MSE A 35 -27.25 -1.89 12.94
CE MSE A 35 -26.29 -2.38 11.31
N SER A 36 -31.91 -5.25 13.34
CA SER A 36 -33.15 -5.77 12.77
C SER A 36 -34.30 -4.79 12.96
N ASP A 37 -34.36 -4.20 14.15
CA ASP A 37 -35.42 -3.26 14.48
C ASP A 37 -35.31 -1.98 13.66
N LEU A 38 -34.08 -1.55 13.38
CA LEU A 38 -33.86 -0.33 12.60
C LEU A 38 -34.21 -0.54 11.14
N LEU A 39 -33.94 -1.73 10.63
CA LEU A 39 -34.25 -2.07 9.26
C LEU A 39 -35.77 -2.08 9.03
N SER A 40 -36.51 -2.61 10.00
CA SER A 40 -37.96 -2.62 9.94
C SER A 40 -38.52 -1.20 10.02
N LYS A 41 -37.90 -0.39 10.87
CA LYS A 41 -38.35 0.99 11.06
C LYS A 41 -38.09 1.87 9.85
N TYR A 42 -36.93 1.73 9.23
CA TYR A 42 -36.52 2.66 8.17
C TYR A 42 -36.60 2.07 6.77
N GLY A 43 -36.49 0.74 6.67
CA GLY A 43 -36.52 0.09 5.37
C GLY A 43 -35.15 -0.22 4.82
N TYR A 44 -35.08 -1.17 3.90
CA TYR A 44 -33.82 -1.59 3.30
C TYR A 44 -33.09 -0.44 2.60
N GLU A 45 -33.86 0.50 2.05
CA GLU A 45 -33.27 1.62 1.32
C GLU A 45 -32.38 2.48 2.21
N MSE A 46 -32.78 2.61 3.47
CA MSE A 46 -32.00 3.33 4.46
C MSE A 46 -30.62 2.71 4.65
O MSE A 46 -29.61 3.42 4.61
CB MSE A 46 -32.75 3.35 5.79
CG MSE A 46 -32.08 4.14 6.91
SE MSE A 46 -32.64 6.01 6.93
CE MSE A 46 -31.30 6.66 5.73
N PHE A 47 -30.57 1.40 4.85
CA PHE A 47 -29.30 0.70 5.02
C PHE A 47 -28.47 0.73 3.74
N GLN A 48 -29.13 0.60 2.60
CA GLN A 48 -28.45 0.67 1.32
C GLN A 48 -27.79 2.02 1.14
N MSE A 49 -28.52 3.08 1.47
CA MSE A 49 -27.99 4.44 1.41
C MSE A 49 -26.80 4.63 2.33
O MSE A 49 -25.88 5.40 2.03
CB MSE A 49 -29.06 5.45 1.76
CG MSE A 49 -29.64 6.19 0.58
SE MSE A 49 -30.95 7.45 1.23
CE MSE A 49 -32.07 6.22 2.19
N ASP A 50 -26.82 3.97 3.47
CA ASP A 50 -25.75 4.12 4.44
C ASP A 50 -24.51 3.27 4.11
N GLY A 51 -24.63 2.39 3.12
CA GLY A 51 -23.53 1.53 2.74
C GLY A 51 -23.53 0.19 3.46
N LEU A 52 -24.67 -0.16 4.04
CA LEU A 52 -24.82 -1.40 4.80
C LEU A 52 -25.89 -2.28 4.18
N GLY A 53 -25.97 -2.24 2.85
CA GLY A 53 -26.92 -3.04 2.11
C GLY A 53 -26.23 -4.11 1.31
N ASP A 54 -26.39 -4.09 -0.01
CA ASP A 54 -25.76 -5.11 -0.83
C ASP A 54 -24.28 -4.84 -1.05
N GLN A 55 -23.76 -3.75 -0.48
CA GLN A 55 -22.33 -3.45 -0.57
C GLN A 55 -21.48 -4.52 0.12
N LEU A 56 -22.08 -5.25 1.06
CA LEU A 56 -21.37 -6.31 1.77
C LEU A 56 -21.35 -7.62 0.99
N ASP A 57 -22.07 -7.67 -0.13
CA ASP A 57 -22.04 -8.83 -1.04
C ASP A 57 -20.73 -8.81 -1.83
N VAL A 58 -19.75 -9.56 -1.34
CA VAL A 58 -18.42 -9.56 -1.93
C VAL A 58 -18.42 -9.99 -3.40
N VAL A 59 -19.30 -10.93 -3.76
CA VAL A 59 -19.36 -11.37 -5.15
C VAL A 59 -19.94 -10.29 -6.05
N LYS A 60 -21.08 -9.71 -5.64
CA LYS A 60 -21.68 -8.64 -6.41
C LYS A 60 -20.78 -7.40 -6.47
N PHE A 61 -20.14 -7.09 -5.34
CA PHE A 61 -19.26 -5.93 -5.29
C PHE A 61 -18.15 -6.11 -6.32
N THR A 62 -17.58 -7.31 -6.36
CA THR A 62 -16.44 -7.57 -7.22
C THR A 62 -16.86 -7.54 -8.68
N GLU A 63 -17.97 -8.20 -9.02
CA GLU A 63 -18.39 -8.25 -10.42
C GLU A 63 -18.78 -6.85 -10.92
N ASP A 64 -19.38 -6.02 -10.06
CA ASP A 64 -19.66 -4.63 -10.43
C ASP A 64 -18.37 -3.84 -10.63
N PHE A 65 -17.44 -3.97 -9.70
CA PHE A 65 -16.16 -3.24 -9.76
C PHE A 65 -15.40 -3.50 -11.06
N VAL A 66 -15.30 -4.76 -11.46
CA VAL A 66 -14.45 -5.10 -12.60
C VAL A 66 -15.10 -4.71 -13.93
N ARG A 67 -16.38 -4.36 -13.89
CA ARG A 67 -17.12 -4.02 -15.10
C ARG A 67 -17.20 -2.51 -15.34
N ARG A 68 -16.66 -1.72 -14.41
CA ARG A 68 -16.84 -0.27 -14.45
C ARG A 68 -16.10 0.41 -15.59
N GLY A 69 -14.99 -0.18 -16.03
CA GLY A 69 -14.12 0.42 -17.03
C GLY A 69 -14.81 0.85 -18.32
N ILE A 70 -15.57 -0.05 -18.92
CA ILE A 70 -16.22 0.26 -20.19
C ILE A 70 -17.37 1.24 -19.99
N ILE A 71 -17.96 1.25 -18.79
CA ILE A 71 -18.99 2.23 -18.48
C ILE A 71 -18.37 3.61 -18.43
N GLU A 72 -17.25 3.73 -17.71
CA GLU A 72 -16.53 5.00 -17.62
C GLU A 72 -16.05 5.49 -18.99
N SER A 73 -15.55 4.56 -19.81
CA SER A 73 -15.13 4.90 -21.18
C SER A 73 -16.29 5.42 -22.02
N THR A 74 -17.47 4.91 -21.73
CA THR A 74 -18.68 5.28 -22.48
C THR A 74 -19.12 6.73 -22.17
N ILE A 75 -18.94 7.14 -20.94
CA ILE A 75 -19.56 8.39 -20.48
C ILE A 75 -18.58 9.49 -20.10
N ASP A 76 -17.29 9.18 -20.03
CA ASP A 76 -16.32 10.15 -19.52
C ASP A 76 -15.13 10.31 -20.47
N ALA A 77 -14.96 11.51 -21.00
CA ALA A 77 -13.89 11.82 -21.95
C ALA A 77 -12.51 11.66 -21.31
N ASN A 78 -12.45 11.78 -20.00
CA ASN A 78 -11.19 11.65 -19.28
C ASN A 78 -11.04 10.30 -18.55
N ALA A 79 -11.77 9.29 -19.03
CA ALA A 79 -11.69 7.95 -18.44
C ALA A 79 -10.27 7.40 -18.47
N ASN A 80 -9.56 7.68 -19.56
CA ASN A 80 -8.19 7.18 -19.74
C ASN A 80 -7.23 7.65 -18.66
N VAL A 81 -7.53 8.81 -18.06
CA VAL A 81 -6.74 9.34 -16.97
C VAL A 81 -7.23 8.81 -15.64
N ARG A 82 -8.55 8.66 -15.53
CA ARG A 82 -9.20 8.30 -14.26
C ARG A 82 -9.24 6.80 -13.98
N VAL A 83 -8.85 5.98 -14.95
CA VAL A 83 -9.03 4.53 -14.89
C VAL A 83 -8.46 3.88 -13.62
N THR A 84 -9.31 3.10 -12.96
CA THR A 84 -8.97 2.40 -11.73
C THR A 84 -8.20 1.11 -12.04
N ASN A 85 -7.18 0.77 -11.25
CA ASN A 85 -6.56 -0.55 -11.42
C ASN A 85 -6.84 -1.46 -10.21
N ILE A 86 -6.29 -2.66 -10.23
CA ILE A 86 -6.66 -3.68 -9.25
C ILE A 86 -6.29 -3.31 -7.80
N SER A 87 -5.32 -2.42 -7.64
CA SER A 87 -4.89 -2.04 -6.28
C SER A 87 -6.04 -1.41 -5.51
N THR A 88 -6.94 -0.75 -6.23
CA THR A 88 -8.09 -0.10 -5.60
C THR A 88 -9.08 -1.15 -5.11
N TYR A 89 -9.18 -2.26 -5.83
CA TYR A 89 -10.10 -3.32 -5.44
C TYR A 89 -9.89 -3.78 -4.00
N PHE A 90 -8.63 -4.02 -3.63
CA PHE A 90 -8.33 -4.59 -2.31
C PHE A 90 -8.52 -3.58 -1.19
N ILE A 91 -8.56 -2.30 -1.54
CA ILE A 91 -8.84 -1.27 -0.56
C ILE A 91 -10.34 -1.10 -0.39
N GLU A 92 -11.10 -1.19 -1.49
CA GLU A 92 -12.52 -0.90 -1.44
C GLU A 92 -13.37 -2.07 -0.97
N ILE A 93 -12.93 -3.29 -1.26
CA ILE A 93 -13.78 -4.49 -1.02
C ILE A 93 -14.18 -4.63 0.46
N SER A 94 -13.30 -4.26 1.36
CA SER A 94 -13.52 -4.50 2.78
C SER A 94 -14.13 -3.32 3.52
N LYS A 95 -14.23 -2.16 2.86
CA LYS A 95 -14.74 -0.97 3.54
C LYS A 95 -16.14 -1.13 4.16
N PRO A 96 -17.11 -1.72 3.43
CA PRO A 96 -18.42 -1.90 4.08
C PRO A 96 -18.32 -2.78 5.32
N HIS A 97 -17.42 -3.76 5.29
CA HIS A 97 -17.27 -4.71 6.40
C HIS A 97 -16.56 -4.09 7.60
N THR A 98 -15.56 -3.24 7.34
CA THR A 98 -14.84 -2.65 8.46
C THR A 98 -15.63 -1.45 9.02
N TYR A 99 -16.51 -0.88 8.19
CA TYR A 99 -17.49 0.07 8.71
C TYR A 99 -18.46 -0.65 9.64
N LEU A 100 -19.01 -1.77 9.19
CA LEU A 100 -19.95 -2.49 10.04
C LEU A 100 -19.28 -2.90 11.35
N TYR A 101 -18.05 -3.39 11.27
CA TYR A 101 -17.30 -3.72 12.48
C TYR A 101 -17.13 -2.48 13.35
N SER A 102 -16.74 -1.36 12.75
CA SER A 102 -16.48 -0.14 13.51
C SER A 102 -17.75 0.37 14.20
N LEU A 103 -18.87 0.35 13.48
CA LEU A 103 -20.15 0.77 14.05
C LEU A 103 -20.47 -0.10 15.27
N TYR A 104 -20.31 -1.41 15.12
CA TYR A 104 -20.54 -2.36 16.20
C TYR A 104 -19.64 -2.11 17.41
N ARG A 105 -18.35 -1.93 17.16
CA ARG A 105 -17.37 -1.74 18.23
C ARG A 105 -17.63 -0.43 18.98
N ILE A 106 -18.02 0.61 18.24
CA ILE A 106 -18.39 1.87 18.86
C ILE A 106 -19.67 1.71 19.70
N TRP A 107 -20.64 0.95 19.18
CA TRP A 107 -21.83 0.64 19.96
C TRP A 107 -21.46 -0.09 21.25
N GLN A 108 -20.56 -1.08 21.18
CA GLN A 108 -20.13 -1.79 22.39
C GLN A 108 -19.49 -0.85 23.42
N LYS A 109 -18.60 0.02 22.96
CA LYS A 109 -17.87 0.91 23.85
C LYS A 109 -18.81 1.95 24.46
N MSE A 110 -19.73 2.47 23.65
CA MSE A 110 -20.72 3.44 24.15
C MSE A 110 -21.67 2.80 25.16
O MSE A 110 -22.06 3.43 26.14
CB MSE A 110 -21.50 4.05 23.00
CG MSE A 110 -20.66 4.97 22.14
SE MSE A 110 -21.65 5.85 20.74
CE MSE A 110 -22.57 7.19 21.84
N LYS A 111 -22.03 1.54 24.92
CA LYS A 111 -22.89 0.83 25.86
C LYS A 111 -22.14 0.64 27.19
N GLU A 112 -20.85 0.33 27.07
CA GLU A 112 -19.99 0.16 28.23
C GLU A 112 -19.91 1.43 29.06
N MSE A 113 -19.73 2.55 28.37
CA MSE A 113 -19.50 3.83 29.04
C MSE A 113 -20.77 4.59 29.44
O MSE A 113 -20.76 5.32 30.43
CB MSE A 113 -18.66 4.76 28.14
CG MSE A 113 -17.27 4.25 27.84
SE MSE A 113 -16.40 5.40 26.51
CE MSE A 113 -15.93 6.92 27.65
N PHE A 114 -21.84 4.43 28.67
CA PHE A 114 -22.99 5.30 28.82
C PHE A 114 -24.32 4.56 28.91
N GLY A 115 -24.29 3.25 28.71
CA GLY A 115 -25.50 2.46 28.73
C GLY A 115 -26.05 2.17 27.35
N LYS A 116 -26.90 1.16 27.25
CA LYS A 116 -27.44 0.71 25.97
C LYS A 116 -28.29 1.79 25.27
N GLY A 117 -29.03 2.57 26.06
CA GLY A 117 -29.89 3.60 25.52
C GLY A 117 -29.12 4.58 24.63
N VAL A 118 -28.00 5.06 25.16
CA VAL A 118 -27.14 5.99 24.44
C VAL A 118 -26.45 5.32 23.24
N ALA A 119 -26.00 4.08 23.42
CA ALA A 119 -25.34 3.37 22.33
C ALA A 119 -26.33 3.14 21.17
N ASP A 120 -27.54 2.73 21.50
CA ASP A 120 -28.59 2.52 20.49
C ASP A 120 -28.94 3.81 19.75
N GLU A 121 -28.99 4.92 20.48
CA GLU A 121 -29.38 6.20 19.89
C GLU A 121 -28.33 6.63 18.88
N PHE A 122 -27.07 6.43 19.19
CA PHE A 122 -26.02 6.80 18.26
C PHE A 122 -26.09 5.95 16.98
N VAL A 123 -26.25 4.64 17.12
CA VAL A 123 -26.28 3.80 15.94
C VAL A 123 -27.44 4.21 15.04
N GLU A 124 -28.60 4.52 15.63
CA GLU A 124 -29.73 4.98 14.84
C GLU A 124 -29.43 6.32 14.16
N ALA A 125 -28.80 7.24 14.88
CA ALA A 125 -28.49 8.55 14.30
C ALA A 125 -27.47 8.43 13.17
N GLN A 126 -26.54 7.49 13.29
CA GLN A 126 -25.53 7.33 12.25
C GLN A 126 -26.17 6.72 10.99
N ILE A 127 -26.95 5.68 11.17
CA ILE A 127 -27.56 5.04 10.02
C ILE A 127 -28.58 5.96 9.36
N ASN A 128 -29.38 6.69 10.14
CA ASN A 128 -30.44 7.48 9.52
C ASN A 128 -30.00 8.87 9.04
N GLY A 129 -28.77 9.26 9.38
CA GLY A 129 -28.19 10.49 8.87
C GLY A 129 -28.32 11.71 9.77
N ALA A 130 -28.75 11.54 11.02
CA ALA A 130 -28.75 12.67 11.95
C ALA A 130 -27.33 13.13 12.25
N VAL A 131 -26.40 12.18 12.24
CA VAL A 131 -24.99 12.49 12.36
C VAL A 131 -24.22 11.80 11.24
N TYR A 132 -22.96 12.21 11.08
CA TYR A 132 -22.10 11.59 10.07
C TYR A 132 -20.75 11.25 10.69
N LEU A 133 -20.55 9.96 10.96
CA LEU A 133 -19.24 9.46 11.39
C LEU A 133 -18.26 9.51 10.22
N HIS A 134 -17.22 10.32 10.32
CA HIS A 134 -16.26 10.40 9.23
C HIS A 134 -15.32 9.21 9.23
N ASP A 135 -14.69 8.98 8.07
CA ASP A 135 -13.81 7.83 7.83
C ASP A 135 -14.35 6.58 8.51
N ARG A 136 -15.62 6.26 8.25
CA ARG A 136 -16.33 5.30 9.08
C ARG A 136 -15.79 3.88 8.96
N HIS A 137 -15.23 3.55 7.80
CA HIS A 137 -14.61 2.25 7.57
C HIS A 137 -13.30 2.06 8.37
N HIS A 138 -12.81 3.14 8.97
CA HIS A 138 -11.59 3.10 9.80
C HIS A 138 -11.84 3.41 11.27
N ALA A 139 -13.08 3.72 11.61
CA ALA A 139 -13.38 4.48 12.83
C ALA A 139 -13.00 3.76 14.12
N ALA A 140 -13.02 2.44 14.13
CA ALA A 140 -12.62 1.70 15.32
C ALA A 140 -11.27 1.05 15.14
N LEU A 141 -10.48 1.56 14.19
CA LEU A 141 -9.21 0.92 13.85
C LEU A 141 -8.01 1.86 13.93
N MSE A 142 -8.14 3.06 13.38
CA MSE A 142 -7.06 4.03 13.43
C MSE A 142 -7.61 5.46 13.43
O MSE A 142 -8.78 5.68 13.09
CB MSE A 142 -6.09 3.79 12.27
CG MSE A 142 -6.68 3.71 10.89
SE MSE A 142 -5.32 3.13 9.59
CE MSE A 142 -6.28 3.64 8.01
N PRO A 143 -6.79 6.43 13.85
CA PRO A 143 -7.24 7.82 13.98
C PRO A 143 -7.23 8.61 12.68
N TYR A 144 -7.73 9.84 12.76
CA TYR A 144 -7.94 10.65 11.57
C TYR A 144 -6.68 11.34 11.05
N CYS A 145 -6.16 12.36 11.74
CA CYS A 145 -5.09 13.15 11.14
C CYS A 145 -4.11 13.78 12.13
N PHE A 146 -3.01 14.30 11.60
CA PHE A 146 -2.03 15.02 12.41
C PHE A 146 -1.13 15.85 11.52
N ALA A 147 -0.73 17.01 12.03
CA ALA A 147 0.28 17.85 11.37
C ALA A 147 1.57 17.64 12.15
N TYR A 148 2.52 16.94 11.54
CA TYR A 148 3.71 16.45 12.22
C TYR A 148 4.85 17.44 12.22
N THR A 149 5.71 17.34 13.22
CA THR A 149 7.06 17.88 13.10
C THR A 149 8.00 16.76 12.65
N LEU A 150 9.00 17.11 11.85
CA LEU A 150 9.93 16.12 11.34
C LEU A 150 11.12 15.95 12.27
N LYS A 151 11.09 16.65 13.41
CA LYS A 151 12.17 16.53 14.39
C LYS A 151 12.50 15.06 14.74
N PRO A 152 11.47 14.24 15.08
CA PRO A 152 11.81 12.85 15.42
C PRO A 152 12.37 12.05 14.23
N ILE A 153 11.97 12.40 13.02
CA ILE A 153 12.52 11.74 11.84
C ILE A 153 13.99 12.08 11.69
N VAL A 154 14.29 13.37 11.83
CA VAL A 154 15.65 13.85 11.72
C VAL A 154 16.52 13.23 12.81
N GLU A 155 15.96 13.09 14.00
CA GLU A 155 16.76 12.66 15.15
C GLU A 155 16.83 11.15 15.35
N LYS A 156 15.79 10.44 14.93
CA LYS A 156 15.68 9.01 15.22
C LYS A 156 15.64 8.13 13.98
N GLY A 157 15.43 8.74 12.81
CA GLY A 157 15.27 7.97 11.58
C GLY A 157 13.84 7.49 11.40
N LEU A 158 13.67 6.18 11.17
CA LEU A 158 12.35 5.60 11.00
C LEU A 158 12.07 4.53 12.06
N PRO A 159 12.01 4.93 13.35
CA PRO A 159 11.94 3.95 14.43
C PRO A 159 10.61 3.19 14.49
N PHE A 160 9.60 3.71 13.80
CA PHE A 160 8.28 3.06 13.73
C PHE A 160 8.30 1.87 12.76
N ILE A 161 9.38 1.74 12.00
CA ILE A 161 9.60 0.56 11.18
C ILE A 161 10.58 -0.34 11.94
N LYS A 162 10.07 -1.43 12.49
CA LYS A 162 10.78 -2.16 13.53
C LYS A 162 11.48 -3.43 13.06
N THR A 163 11.38 -3.72 11.76
CA THR A 163 11.98 -4.93 11.21
C THR A 163 13.37 -4.67 10.66
N ILE A 164 13.80 -3.42 10.74
CA ILE A 164 15.16 -3.03 10.39
C ILE A 164 15.48 -1.78 11.21
N LYS A 165 16.73 -1.60 11.60
CA LYS A 165 17.09 -0.38 12.30
C LYS A 165 17.70 0.62 11.32
N SER A 166 17.03 1.74 11.11
CA SER A 166 17.52 2.77 10.20
C SER A 166 18.26 3.88 10.95
N GLU A 167 19.42 4.28 10.46
CA GLU A 167 20.12 5.42 11.04
C GLU A 167 19.48 6.72 10.61
N PRO A 168 19.53 7.75 11.47
CA PRO A 168 19.09 9.08 11.07
C PRO A 168 19.83 9.54 9.82
N ALA A 169 19.16 10.34 8.99
CA ALA A 169 19.79 10.84 7.78
C ALA A 169 21.02 11.67 8.11
N LYS A 170 22.06 11.50 7.29
CA LYS A 170 23.27 12.32 7.39
C LYS A 170 23.34 13.31 6.25
N HIS A 171 22.51 13.08 5.23
CA HIS A 171 22.59 13.85 3.99
C HIS A 171 21.20 14.17 3.45
N LEU A 172 21.15 15.15 2.56
CA LEU A 172 19.89 15.61 1.98
C LEU A 172 19.10 14.52 1.28
N SER A 173 19.77 13.72 0.46
N SER A 173 19.77 13.72 0.46
CA SER A 173 19.14 12.64 -0.28
CA SER A 173 19.08 12.66 -0.29
C SER A 173 18.42 11.68 0.65
C SER A 173 18.42 11.64 0.63
N THR A 174 19.09 11.30 1.73
CA THR A 174 18.53 10.35 2.68
C THR A 174 17.41 11.01 3.49
N PHE A 175 17.56 12.28 3.82
CA PHE A 175 16.48 13.00 4.49
C PHE A 175 15.19 13.01 3.65
N ILE A 176 15.34 13.29 2.36
CA ILE A 176 14.20 13.29 1.45
C ILE A 176 13.57 11.89 1.34
N GLN A 177 14.40 10.87 1.22
CA GLN A 177 13.93 9.48 1.25
C GLN A 177 13.10 9.21 2.51
N HIS A 178 13.64 9.60 3.67
CA HIS A 178 12.94 9.36 4.94
C HIS A 178 11.61 10.10 5.02
N VAL A 179 11.56 11.31 4.47
CA VAL A 179 10.30 12.05 4.48
C VAL A 179 9.25 11.38 3.60
N ILE A 180 9.65 10.93 2.41
CA ILE A 180 8.73 10.21 1.53
C ILE A 180 8.22 8.95 2.21
N GLN A 181 9.14 8.18 2.80
CA GLN A 181 8.75 6.95 3.48
C GLN A 181 7.83 7.24 4.65
N PHE A 182 8.14 8.28 5.42
CA PHE A 182 7.29 8.65 6.54
C PHE A 182 5.89 9.00 6.06
N VAL A 183 5.80 9.78 4.99
CA VAL A 183 4.50 10.16 4.46
C VAL A 183 3.70 8.91 4.11
N MSE A 184 4.34 7.98 3.40
CA MSE A 184 3.65 6.79 2.93
C MSE A 184 3.24 5.92 4.12
O MSE A 184 2.13 5.37 4.15
CB MSE A 184 4.54 6.00 1.96
CG MSE A 184 4.94 6.81 0.72
SE MSE A 184 3.36 7.43 -0.23
CE MSE A 184 4.12 9.03 -1.06
N PHE A 185 4.12 5.81 5.11
CA PHE A 185 3.84 5.06 6.33
C PHE A 185 2.67 5.68 7.10
N ALA A 186 2.74 6.98 7.35
CA ALA A 186 1.72 7.65 8.15
C ALA A 186 0.35 7.61 7.46
N SER A 187 0.35 7.60 6.13
CA SER A 187 -0.91 7.56 5.39
C SER A 187 -1.62 6.22 5.49
N ASN A 188 -0.89 5.19 5.94
CA ASN A 188 -1.49 3.89 6.21
C ASN A 188 -1.71 3.63 7.71
N GLN A 189 -1.51 4.67 8.51
CA GLN A 189 -1.72 4.61 9.96
C GLN A 189 -2.80 5.60 10.39
N SER A 190 -3.39 6.27 9.40
CA SER A 190 -4.37 7.31 9.65
C SER A 190 -5.28 7.46 8.45
N SER A 191 -6.42 8.13 8.63
CA SER A 191 -7.40 8.28 7.57
C SER A 191 -7.25 9.58 6.79
N GLY A 192 -6.68 10.58 7.43
CA GLY A 192 -6.70 11.93 6.90
C GLY A 192 -5.33 12.47 6.48
N ALA A 193 -5.19 13.78 6.58
CA ALA A 193 -4.01 14.46 6.06
C ALA A 193 -2.74 14.11 6.80
N VAL A 194 -1.64 14.09 6.07
CA VAL A 194 -0.32 14.08 6.66
C VAL A 194 0.26 15.47 6.48
N GLY A 195 0.19 16.29 7.52
CA GLY A 195 0.73 17.64 7.42
C GLY A 195 2.21 17.70 7.74
N LEU A 196 2.95 18.47 6.95
CA LEU A 196 4.38 18.69 7.20
C LEU A 196 4.73 20.17 7.28
N PRO A 197 4.14 20.88 8.26
CA PRO A 197 4.32 22.34 8.30
C PRO A 197 5.76 22.80 8.52
N ASP A 198 6.64 21.99 9.12
CA ASP A 198 8.01 22.46 9.32
C ASP A 198 9.03 21.76 8.43
N PHE A 199 8.56 21.25 7.29
CA PHE A 199 9.45 20.59 6.33
C PHE A 199 10.70 21.40 5.98
N PHE A 200 10.51 22.68 5.69
CA PHE A 200 11.63 23.46 5.19
C PHE A 200 12.61 23.82 6.29
N VAL A 201 12.12 23.83 7.53
CA VAL A 201 13.00 24.03 8.66
C VAL A 201 14.06 22.93 8.69
N TRP A 202 13.63 21.69 8.51
CA TRP A 202 14.56 20.56 8.59
C TRP A 202 15.29 20.30 7.27
N MSE A 203 14.66 20.57 6.14
CA MSE A 203 15.39 20.42 4.88
C MSE A 203 16.59 21.37 4.80
O MSE A 203 17.64 20.99 4.27
CB MSE A 203 14.47 20.65 3.68
CG MSE A 203 15.21 20.43 2.35
SE MSE A 203 14.17 20.74 0.74
CE MSE A 203 15.61 20.88 -0.56
N TRP A 204 16.43 22.59 5.31
CA TRP A 204 17.52 23.57 5.26
C TRP A 204 18.77 23.04 5.95
N TYR A 205 18.59 22.37 7.08
CA TYR A 205 19.71 21.81 7.83
C TYR A 205 20.60 20.92 6.96
N PHE A 206 19.97 20.05 6.17
CA PHE A 206 20.69 19.12 5.31
C PHE A 206 21.26 19.79 4.06
N VAL A 207 20.56 20.79 3.53
CA VAL A 207 21.10 21.57 2.43
C VAL A 207 22.43 22.21 2.85
N LYS A 208 22.43 22.86 4.02
CA LYS A 208 23.64 23.53 4.49
C LYS A 208 24.75 22.53 4.84
N LYS A 209 24.36 21.46 5.52
CA LYS A 209 25.30 20.41 5.89
C LYS A 209 26.03 19.87 4.67
N ASP A 210 25.28 19.51 3.63
CA ASP A 210 25.89 18.92 2.45
C ASP A 210 26.67 19.94 1.63
N LEU A 211 26.24 21.20 1.67
CA LEU A 211 26.99 22.28 1.05
C LEU A 211 28.35 22.46 1.73
N LYS A 212 28.31 22.52 3.06
CA LYS A 212 29.53 22.67 3.86
C LYS A 212 30.52 21.54 3.64
N GLU A 213 30.00 20.32 3.48
CA GLU A 213 30.85 19.13 3.37
C GLU A 213 31.34 18.87 1.95
N GLY A 214 30.85 19.65 0.99
CA GLY A 214 31.28 19.49 -0.38
C GLY A 214 30.54 18.37 -1.10
N ILE A 215 29.51 17.84 -0.44
CA ILE A 215 28.63 16.84 -1.04
C ILE A 215 27.83 17.47 -2.17
N ILE A 216 27.27 18.64 -1.88
CA ILE A 216 26.63 19.47 -2.89
C ILE A 216 27.63 20.46 -3.45
N PRO A 217 28.02 20.29 -4.73
CA PRO A 217 28.94 21.25 -5.33
C PRO A 217 28.33 22.65 -5.32
N ARG A 218 29.11 23.65 -4.95
CA ARG A 218 28.58 25.00 -4.81
CA ARG A 218 28.58 24.99 -4.80
C ARG A 218 27.91 25.49 -6.10
N ASP A 219 28.54 25.20 -7.24
CA ASP A 219 28.00 25.62 -8.53
C ASP A 219 26.78 24.81 -8.95
N LYS A 220 26.44 23.77 -8.18
CA LYS A 220 25.25 22.96 -8.46
C LYS A 220 24.23 23.06 -7.34
N LEU A 221 24.35 24.09 -6.50
CA LEU A 221 23.53 24.21 -5.29
C LEU A 221 22.04 24.30 -5.61
N ASP A 222 21.66 25.23 -6.48
CA ASP A 222 20.26 25.39 -6.80
C ASP A 222 19.74 24.19 -7.60
N TRP A 223 20.61 23.59 -8.41
CA TRP A 223 20.21 22.40 -9.15
C TRP A 223 19.90 21.25 -8.20
N TYR A 224 20.77 21.03 -7.22
CA TYR A 224 20.57 19.96 -6.24
C TYR A 224 19.30 20.19 -5.44
N ILE A 225 19.07 21.43 -5.03
CA ILE A 225 17.88 21.76 -4.26
C ILE A 225 16.63 21.42 -5.07
N GLU A 226 16.60 21.86 -6.32
CA GLU A 226 15.42 21.69 -7.16
C GLU A 226 15.23 20.24 -7.60
N GLN A 227 16.33 19.50 -7.76
CA GLN A 227 16.24 18.07 -8.01
C GLN A 227 15.50 17.35 -6.90
N HIS A 228 15.78 17.76 -5.66
CA HIS A 228 15.15 17.14 -4.51
C HIS A 228 13.73 17.67 -4.30
N PHE A 229 13.49 18.93 -4.63
CA PHE A 229 12.11 19.42 -4.76
C PHE A 229 11.32 18.51 -5.70
N GLN A 230 11.93 18.20 -6.84
CA GLN A 230 11.27 17.40 -7.87
C GLN A 230 11.00 15.98 -7.39
N ILE A 231 12.01 15.37 -6.80
CA ILE A 231 11.89 13.99 -6.33
C ILE A 231 10.78 13.87 -5.27
N LEU A 232 10.79 14.78 -4.30
CA LEU A 232 9.77 14.74 -3.25
C LEU A 232 8.38 15.08 -3.78
N THR A 233 8.27 16.14 -4.57
CA THR A 233 6.96 16.59 -5.05
C THR A 233 6.31 15.56 -5.97
N TYR A 234 7.05 15.05 -6.94
CA TYR A 234 6.45 14.06 -7.83
C TYR A 234 6.13 12.76 -7.09
N SER A 235 6.98 12.36 -6.16
CA SER A 235 6.67 11.18 -5.32
C SER A 235 5.33 11.35 -4.61
N LEU A 236 5.04 12.57 -4.17
CA LEU A 236 3.79 12.81 -3.45
C LEU A 236 2.61 12.99 -4.41
N ASN A 237 2.84 12.80 -5.70
CA ASN A 237 1.77 12.85 -6.69
C ASN A 237 1.80 11.66 -7.65
N GLN A 238 2.53 10.61 -7.28
CA GLN A 238 2.63 9.39 -8.08
C GLN A 238 2.10 8.22 -7.25
N PRO A 239 0.77 8.03 -7.25
CA PRO A 239 0.22 7.03 -6.33
C PRO A 239 0.65 5.61 -6.66
N ILE A 240 1.05 4.87 -5.63
CA ILE A 240 1.44 3.48 -5.79
C ILE A 240 0.19 2.60 -5.79
N ARG A 241 -0.70 2.87 -4.84
CA ARG A 241 -2.01 2.21 -4.79
C ARG A 241 -3.12 3.24 -4.99
N THR A 242 -4.25 2.79 -5.54
CA THR A 242 -5.35 3.66 -5.95
C THR A 242 -4.89 4.69 -6.99
N THR A 243 -5.81 5.58 -7.36
CA THR A 243 -5.51 6.62 -8.33
C THR A 243 -5.33 7.97 -7.63
N GLN A 244 -5.18 7.93 -6.31
CA GLN A 244 -5.02 9.14 -5.52
C GLN A 244 -3.84 9.05 -4.54
N SER A 245 -3.02 10.09 -4.53
CA SER A 245 -1.91 10.15 -3.57
C SER A 245 -2.42 10.45 -2.17
N PRO A 246 -1.60 10.17 -1.15
CA PRO A 246 -1.99 10.61 0.20
C PRO A 246 -2.20 12.12 0.25
N TYR A 247 -3.08 12.56 1.12
CA TYR A 247 -3.32 14.00 1.26
C TYR A 247 -2.21 14.60 2.12
N THR A 248 -1.38 15.45 1.51
CA THR A 248 -0.28 16.07 2.23
C THR A 248 -0.38 17.60 2.23
N ASN A 249 0.17 18.23 3.27
CA ASN A 249 0.17 19.69 3.41
C ASN A 249 1.57 20.23 3.62
N PHE A 250 1.91 21.33 2.94
CA PHE A 250 3.06 22.15 3.29
C PHE A 250 2.56 23.47 3.86
N THR A 251 3.34 24.06 4.76
CA THR A 251 3.06 25.42 5.23
C THR A 251 4.28 26.31 5.02
N TYR A 252 4.07 27.45 4.38
CA TYR A 252 5.06 28.52 4.43
C TYR A 252 4.88 29.19 5.78
N LEU A 253 5.82 28.93 6.69
CA LEU A 253 5.82 29.60 7.99
C LEU A 253 6.47 30.96 7.86
N ASP A 254 5.77 32.02 8.25
CA ASP A 254 6.39 33.35 8.16
C ASP A 254 7.39 33.49 9.30
N ARG A 255 8.09 34.63 9.36
CA ARG A 255 9.17 34.78 10.31
C ARG A 255 8.66 34.73 11.75
N ASN A 256 7.44 35.23 11.97
CA ASN A 256 6.85 35.23 13.29
C ASN A 256 6.62 33.81 13.79
N TYR A 257 6.11 32.96 12.90
CA TYR A 257 5.82 31.58 13.27
C TYR A 257 7.08 30.75 13.49
N ILE A 258 8.10 30.97 12.66
CA ILE A 258 9.35 30.25 12.83
C ILE A 258 10.00 30.59 14.18
N LYS A 259 10.05 31.89 14.46
CA LYS A 259 10.64 32.37 15.71
C LYS A 259 9.87 31.88 16.92
N ALA A 260 8.55 31.87 16.82
CA ALA A 260 7.70 31.48 17.95
C ALA A 260 7.78 29.97 18.21
N ILE A 261 7.63 29.18 17.14
CA ILE A 261 7.59 27.74 17.28
C ILE A 261 8.93 27.16 17.74
N PHE A 262 10.02 27.72 17.22
CA PHE A 262 11.32 27.06 17.38
C PHE A 262 12.27 27.79 18.31
N GLU A 263 11.73 28.68 19.13
CA GLU A 263 12.52 29.36 20.14
C GLU A 263 13.21 28.36 21.05
N GLY A 264 14.54 28.49 21.17
CA GLY A 264 15.32 27.60 22.02
C GLY A 264 15.64 26.24 21.43
N GLU A 265 15.03 25.92 20.29
CA GLU A 265 15.21 24.62 19.65
C GLU A 265 16.48 24.59 18.81
N ARG A 266 17.11 23.43 18.72
CA ARG A 266 18.42 23.31 18.07
C ARG A 266 18.47 22.22 17.00
N TYR A 267 19.33 22.42 16.00
CA TYR A 267 19.59 21.42 14.95
C TYR A 267 20.52 20.33 15.51
N PRO A 268 20.69 19.20 14.79
CA PRO A 268 21.58 18.16 15.29
C PRO A 268 23.02 18.60 15.54
N ASP A 269 23.43 19.74 14.96
CA ASP A 269 24.80 20.21 15.14
C ASP A 269 24.92 21.16 16.34
N GLY A 270 23.81 21.37 17.03
CA GLY A 270 23.81 22.21 18.22
C GLY A 270 23.43 23.66 17.99
N SER A 271 23.34 24.06 16.72
CA SER A 271 23.01 25.45 16.40
C SER A 271 21.54 25.74 16.65
N LEU A 272 21.24 26.96 17.08
CA LEU A 272 19.88 27.42 17.29
C LEU A 272 19.15 27.53 15.97
N ILE A 273 17.98 26.91 15.88
CA ILE A 273 17.19 26.97 14.66
C ILE A 273 16.85 28.41 14.32
N THR A 274 16.53 29.23 15.33
CA THR A 274 16.12 30.61 15.05
C THR A 274 17.26 31.46 14.50
N ASP A 275 18.49 30.99 14.64
CA ASP A 275 19.63 31.65 13.99
C ASP A 275 19.61 31.49 12.48
N HIS A 276 18.78 30.57 11.98
CA HIS A 276 18.72 30.28 10.55
C HIS A 276 17.44 30.78 9.87
N VAL A 277 16.68 31.64 10.54
CA VAL A 277 15.36 32.03 10.04
C VAL A 277 15.39 32.52 8.59
N GLU A 278 16.36 33.37 8.27
CA GLU A 278 16.42 33.95 6.93
C GLU A 278 16.69 32.89 5.87
N ASP A 279 17.51 31.91 6.22
CA ASP A 279 17.78 30.81 5.29
C ASP A 279 16.57 29.91 5.09
N ILE A 280 15.83 29.66 6.17
CA ILE A 280 14.60 28.87 6.10
C ILE A 280 13.57 29.60 5.23
N ILE A 281 13.43 30.90 5.42
CA ILE A 281 12.53 31.70 4.59
C ILE A 281 12.94 31.62 3.12
N ALA A 282 14.24 31.73 2.87
CA ALA A 282 14.74 31.72 1.50
C ALA A 282 14.46 30.37 0.82
N LEU A 283 14.62 29.28 1.57
CA LEU A 283 14.33 27.95 1.03
C LEU A 283 12.83 27.77 0.75
N GLN A 284 11.98 28.28 1.66
CA GLN A 284 10.53 28.23 1.45
C GLN A 284 10.17 29.00 0.18
N LYS A 285 10.69 30.21 0.06
CA LYS A 285 10.45 31.03 -1.13
C LYS A 285 10.88 30.29 -2.39
N HIS A 286 12.06 29.67 -2.32
CA HIS A 286 12.58 28.88 -3.43
C HIS A 286 11.60 27.78 -3.85
N TYR A 287 11.01 27.08 -2.88
CA TYR A 287 10.06 26.04 -3.22
C TYR A 287 8.80 26.60 -3.88
N TRP A 288 8.28 27.67 -3.29
CA TRP A 288 7.04 28.28 -3.78
C TRP A 288 7.24 28.75 -5.23
N GLU A 289 8.41 29.32 -5.51
CA GLU A 289 8.76 29.74 -6.86
C GLU A 289 8.89 28.54 -7.81
N TRP A 290 9.60 27.52 -7.35
CA TRP A 290 9.83 26.33 -8.18
C TRP A 290 8.51 25.66 -8.51
N VAL A 291 7.62 25.56 -7.52
CA VAL A 291 6.33 24.92 -7.71
C VAL A 291 5.49 25.65 -8.74
N SER A 292 5.49 26.98 -8.64
CA SER A 292 4.72 27.80 -9.57
C SER A 292 5.22 27.60 -10.99
N ARG A 293 6.54 27.52 -11.15
CA ARG A 293 7.14 27.23 -12.46
C ARG A 293 6.78 25.81 -12.93
N GLU A 294 6.82 24.85 -12.01
CA GLU A 294 6.67 23.45 -12.38
C GLU A 294 5.29 23.09 -12.92
N ARG A 295 4.26 23.83 -12.52
CA ARG A 295 2.90 23.53 -12.95
C ARG A 295 2.74 23.60 -14.47
N GLU A 296 3.48 24.50 -15.13
CA GLU A 296 3.40 24.55 -16.58
C GLU A 296 4.03 23.32 -17.23
N ARG A 297 5.00 22.72 -16.56
CA ARG A 297 5.58 21.46 -17.04
C ARG A 297 4.60 20.32 -16.79
N GLN A 298 3.93 20.37 -15.64
CA GLN A 298 3.00 19.31 -15.26
C GLN A 298 2.16 19.73 -14.05
N MSE A 299 0.83 19.67 -14.20
CA MSE A 299 -0.06 20.05 -13.12
C MSE A 299 -0.14 18.92 -12.10
O MSE A 299 -0.13 17.75 -12.46
CB MSE A 299 -1.44 20.40 -13.66
CG MSE A 299 -2.39 20.92 -12.60
SE MSE A 299 -1.72 22.54 -11.77
CE MSE A 299 -2.98 22.71 -10.30
N PHE A 300 -0.22 19.28 -10.83
CA PHE A 300 -0.33 18.30 -9.74
C PHE A 300 -1.02 18.95 -8.56
N THR A 301 -1.50 18.13 -7.64
CA THR A 301 -2.27 18.60 -6.50
C THR A 301 -1.45 18.84 -5.23
N PHE A 302 -0.52 17.94 -4.95
CA PHE A 302 0.13 17.91 -3.63
C PHE A 302 1.58 18.39 -3.66
N PRO A 303 2.09 18.85 -2.49
CA PRO A 303 1.35 19.06 -1.25
C PRO A 303 0.46 20.28 -1.37
N VAL A 304 -0.66 20.26 -0.66
CA VAL A 304 -1.54 21.42 -0.61
C VAL A 304 -0.80 22.55 0.10
N LEU A 305 -0.77 23.73 -0.54
CA LEU A 305 0.03 24.85 -0.03
C LEU A 305 -0.76 25.84 0.80
N THR A 306 -0.23 26.16 1.97
CA THR A 306 -0.79 27.19 2.85
C THR A 306 0.35 28.10 3.28
N ALA A 307 0.09 29.40 3.40
CA ALA A 307 1.02 30.31 4.06
C ALA A 307 0.42 30.79 5.37
N SER A 308 1.20 30.71 6.44
CA SER A 308 0.71 31.11 7.76
C SER A 308 1.30 32.47 8.13
N LEU A 309 0.44 33.48 8.18
CA LEU A 309 0.88 34.85 8.37
C LEU A 309 0.30 35.46 9.64
N LEU A 310 1.16 36.13 10.40
CA LEU A 310 0.71 36.90 11.56
C LEU A 310 0.27 38.28 11.10
N TYR A 311 -0.98 38.63 11.41
CA TYR A 311 -1.58 39.86 10.93
C TYR A 311 -2.30 40.53 12.09
N LYS A 312 -2.00 41.80 12.33
CA LYS A 312 -2.57 42.46 13.49
C LYS A 312 -2.70 43.95 13.25
N ASP A 313 -3.86 44.49 13.62
CA ASP A 313 -4.12 45.93 13.55
C ASP A 313 -3.84 46.50 12.17
N GLY A 314 -4.29 45.78 11.13
CA GLY A 314 -4.17 46.26 9.76
C GLY A 314 -2.82 46.03 9.11
N LYS A 315 -1.95 45.28 9.75
CA LYS A 315 -0.61 45.06 9.24
C LYS A 315 -0.14 43.61 9.34
N PHE A 316 0.56 43.16 8.30
CA PHE A 316 1.31 41.91 8.37
C PHE A 316 2.59 42.15 9.15
N LEU A 317 2.85 41.31 10.15
CA LEU A 317 4.04 41.50 10.97
C LEU A 317 5.28 40.98 10.26
N ASP A 318 5.07 40.13 9.25
CA ASP A 318 6.12 39.77 8.31
C ASP A 318 5.65 40.17 6.93
N GLU A 319 5.75 41.45 6.62
CA GLU A 319 5.21 41.99 5.37
C GLU A 319 5.97 41.48 4.16
N ASP A 320 7.26 41.23 4.34
CA ASP A 320 8.09 40.69 3.27
C ASP A 320 7.53 39.35 2.77
N SER A 321 7.23 38.45 3.70
CA SER A 321 6.64 37.16 3.33
C SER A 321 5.26 37.32 2.72
N ALA A 322 4.46 38.23 3.27
CA ALA A 322 3.10 38.44 2.78
C ALA A 322 3.09 38.94 1.35
N ARG A 323 3.94 39.92 1.06
CA ARG A 323 4.06 40.41 -0.31
C ARG A 323 4.58 39.33 -1.23
N PHE A 324 5.45 38.47 -0.71
CA PHE A 324 5.97 37.35 -1.50
C PHE A 324 4.85 36.38 -1.88
N ILE A 325 4.10 35.93 -0.88
CA ILE A 325 2.99 35.02 -1.13
C ILE A 325 2.00 35.65 -2.09
N ASN A 326 1.70 36.93 -1.87
CA ASN A 326 0.79 37.65 -2.73
C ASN A 326 1.27 37.65 -4.19
N LYS A 327 2.57 37.88 -4.36
CA LYS A 327 3.19 37.88 -5.69
C LYS A 327 3.15 36.53 -6.38
N ILE A 328 3.61 35.49 -5.68
N ILE A 328 3.58 35.49 -5.67
CA ILE A 328 3.69 34.18 -6.30
CA ILE A 328 3.71 34.17 -6.27
C ILE A 328 2.30 33.65 -6.65
C ILE A 328 2.33 33.56 -6.58
N ASN A 329 1.32 33.94 -5.80
CA ASN A 329 -0.06 33.50 -6.03
C ASN A 329 -0.67 34.08 -7.30
N MSE A 330 -0.10 35.15 -7.84
CA MSE A 330 -0.67 35.80 -9.02
C MSE A 330 -0.85 34.84 -10.19
O MSE A 330 -1.81 34.96 -10.96
CB MSE A 330 0.21 36.99 -9.46
CG MSE A 330 0.20 38.16 -8.47
SE MSE A 330 -1.51 39.10 -8.40
CE MSE A 330 -1.45 39.96 -10.14
N LYS A 331 0.06 33.88 -10.34
CA LYS A 331 -0.01 32.94 -11.45
C LYS A 331 -1.18 31.98 -11.31
N TRP A 332 -1.11 31.10 -10.31
CA TRP A 332 -2.11 30.04 -10.19
C TRP A 332 -3.08 30.18 -9.01
N GLN A 333 -2.85 31.13 -8.11
CA GLN A 333 -3.59 31.20 -6.85
C GLN A 333 -3.63 29.83 -6.17
N ASP A 334 -2.48 29.18 -6.11
CA ASP A 334 -2.41 27.81 -5.62
C ASP A 334 -2.10 27.71 -4.12
N THR A 335 -1.97 28.86 -3.45
CA THR A 335 -1.70 28.88 -2.02
C THR A 335 -2.88 29.46 -1.22
N ASN A 336 -3.27 28.75 -0.17
CA ASN A 336 -4.32 29.20 0.75
C ASN A 336 -3.75 30.14 1.81
N TRP A 337 -4.44 31.24 2.07
CA TRP A 337 -4.01 32.19 3.10
C TRP A 337 -4.50 31.82 4.49
N TYR A 338 -3.58 31.60 5.42
CA TYR A 338 -3.91 31.42 6.84
C TYR A 338 -3.55 32.73 7.53
N ILE A 339 -4.54 33.32 8.21
CA ILE A 339 -4.35 34.57 8.94
C ILE A 339 -4.60 34.34 10.42
N SER A 340 -3.68 34.83 11.25
CA SER A 340 -3.86 34.74 12.70
C SER A 340 -3.43 36.05 13.34
N ASP A 341 -4.03 36.39 14.48
CA ASP A 341 -3.68 37.64 15.15
C ASP A 341 -2.75 37.39 16.34
N SER A 342 -2.34 36.14 16.53
CA SER A 342 -1.49 35.79 17.67
C SER A 342 -0.66 34.54 17.41
N ILE A 343 0.56 34.51 17.95
CA ILE A 343 1.37 33.29 17.89
C ILE A 343 1.43 32.59 19.24
N ASP A 344 0.56 33.00 20.15
CA ASP A 344 0.56 32.44 21.50
C ASP A 344 0.32 30.94 21.50
N ALA A 345 -0.62 30.48 20.67
CA ALA A 345 -0.98 29.06 20.63
C ALA A 345 0.16 28.18 20.09
N VAL A 346 1.03 28.75 19.27
CA VAL A 346 2.11 27.96 18.67
C VAL A 346 3.46 28.18 19.35
N ALA A 347 3.52 29.10 20.30
CA ALA A 347 4.76 29.46 20.98
C ALA A 347 5.50 28.24 21.53
N SER A 348 6.65 27.96 20.93
CA SER A 348 7.51 26.84 21.28
C SER A 348 6.77 25.51 21.49
N CYS A 349 5.92 25.16 20.52
CA CYS A 349 5.17 23.91 20.60
C CYS A 349 5.98 22.74 20.05
N GLU A 370 -4.12 19.03 29.66
CA GLU A 370 -4.09 20.46 29.31
C GLU A 370 -5.04 20.77 28.16
N LYS A 371 -5.82 21.85 28.31
CA LYS A 371 -6.76 22.27 27.28
C LYS A 371 -6.03 22.61 25.99
N LEU A 372 -6.46 21.98 24.90
CA LEU A 372 -5.73 22.10 23.65
C LEU A 372 -6.06 23.39 22.91
N LYS A 373 -5.02 24.09 22.48
CA LYS A 373 -5.16 25.26 21.62
C LYS A 373 -4.24 25.07 20.42
N GLY A 374 -4.65 25.59 19.28
CA GLY A 374 -3.94 25.37 18.04
C GLY A 374 -4.95 25.12 16.95
N ARG A 375 -4.71 25.66 15.76
CA ARG A 375 -5.68 25.53 14.69
C ARG A 375 -5.72 24.11 14.12
N MSE A 376 -6.95 23.61 13.99
CA MSE A 376 -7.23 22.34 13.36
C MSE A 376 -8.13 22.58 12.14
O MSE A 376 -9.24 23.11 12.28
CB MSE A 376 -7.88 21.38 14.36
CG MSE A 376 -8.42 20.10 13.78
SE MSE A 376 -7.08 19.07 12.82
CE MSE A 376 -8.15 18.65 11.24
N ASN A 377 -7.63 22.23 10.97
CA ASN A 377 -8.35 22.45 9.71
C ASN A 377 -8.10 21.28 8.77
N SER A 378 -9.16 20.69 8.24
CA SER A 378 -9.02 19.46 7.46
C SER A 378 -8.42 19.71 6.07
N ILE A 379 -8.47 20.96 5.61
CA ILE A 379 -7.97 21.29 4.29
C ILE A 379 -6.49 21.65 4.32
N GLY A 380 -6.12 22.54 5.24
CA GLY A 380 -4.73 22.93 5.37
C GLY A 380 -4.60 23.96 6.49
N GLY A 381 -3.37 24.26 6.89
CA GLY A 381 -3.14 25.27 7.88
C GLY A 381 -3.28 24.78 9.32
N SER A 382 -3.45 23.48 9.53
CA SER A 382 -3.41 22.98 10.90
C SER A 382 -2.04 23.31 11.46
N ASP A 383 -2.00 23.77 12.71
CA ASP A 383 -0.74 24.15 13.34
C ASP A 383 0.12 22.93 13.62
N LEU A 384 1.42 23.17 13.70
CA LEU A 384 2.39 22.12 14.02
C LEU A 384 2.00 21.39 15.30
N ASN A 385 2.05 20.05 15.24
CA ASN A 385 1.67 19.19 16.36
C ASN A 385 0.25 19.40 16.83
N ILE A 386 -0.66 19.51 15.86
CA ILE A 386 -2.10 19.55 16.11
C ILE A 386 -2.77 18.56 15.17
N GLY A 387 -3.74 17.81 15.68
CA GLY A 387 -4.56 16.98 14.82
C GLY A 387 -5.93 16.75 15.40
N SER A 388 -6.64 15.80 14.81
CA SER A 388 -7.94 15.37 15.29
C SER A 388 -7.97 13.86 15.23
N PHE A 389 -8.42 13.18 16.28
CA PHE A 389 -8.44 11.72 16.18
C PHE A 389 -9.68 11.25 15.43
N LYS A 390 -10.72 12.09 15.39
CA LYS A 390 -11.96 11.74 14.70
C LYS A 390 -12.90 12.93 14.58
N VAL A 391 -13.58 13.02 13.44
CA VAL A 391 -14.68 13.98 13.27
C VAL A 391 -16.01 13.24 13.20
N ILE A 392 -17.00 13.76 13.91
CA ILE A 392 -18.39 13.35 13.71
C ILE A 392 -19.23 14.61 13.48
N THR A 393 -19.94 14.63 12.36
CA THR A 393 -20.61 15.85 11.91
C THR A 393 -22.09 15.82 12.26
N VAL A 394 -22.60 16.95 12.75
CA VAL A 394 -24.03 17.05 13.00
C VAL A 394 -24.72 17.53 11.75
N ASN A 395 -25.76 16.80 11.35
CA ASN A 395 -26.58 17.18 10.20
C ASN A 395 -27.50 18.33 10.60
N LEU A 396 -27.11 19.57 10.25
CA LEU A 396 -27.92 20.73 10.63
C LEU A 396 -29.25 20.83 9.86
N PRO A 397 -29.27 20.51 8.55
CA PRO A 397 -30.58 20.52 7.90
C PRO A 397 -31.58 19.52 8.50
N ARG A 398 -31.11 18.35 8.93
CA ARG A 398 -31.99 17.40 9.62
C ARG A 398 -32.72 18.06 10.78
N ILE A 399 -31.97 18.82 11.58
CA ILE A 399 -32.56 19.46 12.76
C ILE A 399 -33.58 20.52 12.32
N ALA A 400 -33.28 21.24 11.25
CA ALA A 400 -34.24 22.19 10.71
C ALA A 400 -35.54 21.49 10.32
N LEU A 401 -35.42 20.33 9.69
CA LEU A 401 -36.59 19.56 9.29
C LEU A 401 -37.37 19.07 10.50
N GLU A 402 -36.66 18.69 11.56
CA GLU A 402 -37.31 18.20 12.78
C GLU A 402 -37.93 19.32 13.62
N SER A 403 -37.52 20.56 13.37
N SER A 403 -37.52 20.56 13.35
CA SER A 403 -37.94 21.66 14.22
CA SER A 403 -37.91 21.69 14.19
C SER A 403 -39.25 22.29 13.76
C SER A 403 -39.19 22.38 13.73
N GLY A 404 -39.53 22.17 12.47
CA GLY A 404 -40.73 22.77 11.89
C GLY A 404 -40.74 24.29 11.93
N GLY A 405 -39.56 24.89 11.97
CA GLY A 405 -39.44 26.34 11.97
C GLY A 405 -39.25 26.95 13.35
N ASP A 406 -39.32 26.11 14.38
CA ASP A 406 -39.22 26.56 15.77
C ASP A 406 -37.76 26.62 16.20
N ARG A 407 -37.23 27.83 16.33
CA ARG A 407 -35.81 28.01 16.63
C ARG A 407 -35.44 27.52 18.03
N GLU A 408 -36.36 27.63 18.98
CA GLU A 408 -36.08 27.14 20.33
C GLU A 408 -36.02 25.62 20.34
N LYS A 409 -36.92 24.98 19.61
CA LYS A 409 -36.92 23.53 19.47
C LYS A 409 -35.62 23.11 18.78
N TYR A 410 -35.23 23.87 17.76
CA TYR A 410 -34.00 23.59 17.03
C TYR A 410 -32.80 23.51 17.97
N LEU A 411 -32.63 24.52 18.81
CA LEU A 411 -31.46 24.58 19.69
C LEU A 411 -31.49 23.47 20.74
N GLN A 412 -32.69 23.08 21.18
CA GLN A 412 -32.82 21.97 22.12
C GLN A 412 -32.34 20.66 21.49
N ILE A 413 -32.78 20.38 20.26
CA ILE A 413 -32.36 19.18 19.53
C ILE A 413 -30.86 19.21 19.26
N LEU A 414 -30.37 20.38 18.82
CA LEU A 414 -28.96 20.57 18.53
C LEU A 414 -28.07 20.25 19.73
N ARG A 415 -28.41 20.81 20.89
CA ARG A 415 -27.64 20.58 22.10
C ARG A 415 -27.62 19.09 22.45
N HIS A 416 -28.77 18.43 22.35
CA HIS A 416 -28.83 16.99 22.62
C HIS A 416 -27.97 16.19 21.62
N ARG A 417 -28.05 16.53 20.33
CA ARG A 417 -27.27 15.85 19.30
C ARG A 417 -25.78 16.01 19.52
N VAL A 418 -25.37 17.20 19.94
CA VAL A 418 -23.95 17.48 20.14
C VAL A 418 -23.45 16.74 21.37
N GLN A 419 -24.30 16.66 22.40
CA GLN A 419 -23.95 15.87 23.58
C GLN A 419 -23.79 14.39 23.22
N LEU A 420 -24.63 13.90 22.32
CA LEU A 420 -24.52 12.52 21.84
C LEU A 420 -23.21 12.32 21.06
N ILE A 421 -22.90 13.29 20.20
CA ILE A 421 -21.66 13.25 19.44
C ILE A 421 -20.44 13.25 20.36
N LYS A 422 -20.47 14.05 21.42
CA LYS A 422 -19.36 14.04 22.38
C LYS A 422 -19.15 12.65 23.00
N LYS A 423 -20.24 11.95 23.32
CA LYS A 423 -20.14 10.60 23.87
C LYS A 423 -19.53 9.63 22.86
N ALA A 424 -19.94 9.76 21.61
CA ALA A 424 -19.40 8.92 20.55
C ALA A 424 -17.91 9.19 20.35
N LEU A 425 -17.52 10.46 20.36
CA LEU A 425 -16.09 10.81 20.24
C LEU A 425 -15.26 10.27 21.41
N ALA A 426 -15.82 10.33 22.61
CA ALA A 426 -15.15 9.80 23.79
C ALA A 426 -14.95 8.29 23.65
N ALA A 427 -15.95 7.63 23.08
CA ALA A 427 -15.86 6.19 22.86
C ALA A 427 -14.80 5.85 21.81
N VAL A 428 -14.76 6.62 20.72
CA VAL A 428 -13.77 6.37 19.69
C VAL A 428 -12.37 6.57 20.27
N ARG A 429 -12.21 7.61 21.10
CA ARG A 429 -10.92 7.87 21.71
C ARG A 429 -10.48 6.69 22.59
N GLU A 430 -11.42 6.13 23.34
CA GLU A 430 -11.14 4.96 24.15
C GLU A 430 -10.72 3.77 23.29
N ILE A 431 -11.34 3.61 22.12
CA ILE A 431 -10.98 2.53 21.22
C ILE A 431 -9.58 2.76 20.66
N ILE A 432 -9.27 4.01 20.31
N ILE A 432 -9.27 4.01 20.31
CA ILE A 432 -7.93 4.36 19.82
CA ILE A 432 -7.93 4.35 19.82
C ILE A 432 -6.88 4.04 20.89
C ILE A 432 -6.87 4.06 20.88
N LYS A 433 -7.16 4.40 22.13
CA LYS A 433 -6.26 4.09 23.24
C LYS A 433 -6.03 2.58 23.37
N GLU A 434 -7.08 1.80 23.13
CA GLU A 434 -6.93 0.34 23.13
C GLU A 434 -6.00 -0.11 22.02
N ARG A 435 -6.16 0.48 20.83
CA ARG A 435 -5.32 0.12 19.68
C ARG A 435 -3.86 0.48 19.97
N ILE A 436 -3.65 1.62 20.61
CA ILE A 436 -2.30 2.01 21.02
C ILE A 436 -1.72 0.97 21.96
N SER A 437 -2.51 0.55 22.94
CA SER A 437 -2.02 -0.40 23.94
C SER A 437 -1.78 -1.78 23.31
N GLU A 438 -2.43 -2.04 22.19
CA GLU A 438 -2.30 -3.32 21.48
C GLU A 438 -1.11 -3.32 20.50
N GLY A 439 -0.37 -2.21 20.48
CA GLY A 439 0.83 -2.09 19.66
C GLY A 439 0.55 -1.90 18.19
N LEU A 440 -0.67 -1.47 17.88
CA LEU A 440 -1.09 -1.38 16.48
C LEU A 440 -0.84 -0.03 15.83
N LEU A 441 -0.50 0.98 16.64
CA LEU A 441 -0.38 2.34 16.13
C LEU A 441 0.95 2.97 16.57
N PRO A 442 2.06 2.53 15.95
CA PRO A 442 3.40 2.94 16.38
C PRO A 442 3.72 4.44 16.20
N LEU A 443 2.93 5.18 15.44
CA LEU A 443 3.15 6.64 15.35
C LEU A 443 2.98 7.29 16.72
N TYR A 444 2.11 6.72 17.55
CA TYR A 444 1.93 7.19 18.92
C TYR A 444 3.11 6.77 19.81
N GLU A 445 3.49 5.49 19.75
CA GLU A 445 4.59 4.97 20.55
C GLU A 445 5.88 5.74 20.30
N ASN A 446 6.07 6.16 19.06
CA ASN A 446 7.31 6.83 18.69
C ASN A 446 7.19 8.35 18.70
N GLY A 447 6.09 8.84 19.26
CA GLY A 447 5.95 10.26 19.53
C GLY A 447 5.81 11.16 18.33
N LEU A 448 5.34 10.60 17.22
CA LEU A 448 5.10 11.41 16.02
C LEU A 448 3.67 11.94 16.02
N MSE A 449 2.73 11.05 16.32
CA MSE A 449 1.36 11.44 16.61
C MSE A 449 1.22 11.51 18.13
O MSE A 449 1.70 10.64 18.85
CB MSE A 449 0.39 10.43 16.00
CG MSE A 449 -0.97 10.99 15.65
SE MSE A 449 -2.10 9.63 14.82
CE MSE A 449 -2.33 10.42 13.06
N LEU A 450 0.59 12.58 18.62
CA LEU A 450 0.42 12.80 20.05
C LEU A 450 -1.06 12.88 20.40
N LEU A 451 -1.57 11.91 21.16
CA LEU A 451 -3.01 11.87 21.45
C LEU A 451 -3.47 13.09 22.23
N ASN A 452 -2.64 13.62 23.12
CA ASN A 452 -3.06 14.79 23.89
C ASN A 452 -2.93 16.08 23.06
N ARG A 453 -2.51 15.94 21.81
CA ARG A 453 -2.49 17.06 20.87
C ARG A 453 -3.52 16.87 19.76
N GLN A 454 -4.45 15.93 19.98
CA GLN A 454 -5.54 15.71 19.04
C GLN A 454 -6.90 16.06 19.63
N TYR A 455 -7.65 16.85 18.91
CA TYR A 455 -9.03 17.16 19.26
C TYR A 455 -9.95 15.99 18.91
N GLY A 456 -11.10 15.94 19.58
CA GLY A 456 -12.26 15.27 19.02
C GLY A 456 -13.06 16.37 18.33
N THR A 457 -13.49 16.13 17.08
CA THR A 457 -14.11 17.19 16.31
C THR A 457 -15.61 17.05 16.15
N ILE A 458 -16.32 18.10 16.54
CA ILE A 458 -17.73 18.24 16.21
C ILE A 458 -17.83 18.94 14.86
N GLY A 459 -18.23 18.21 13.83
CA GLY A 459 -18.33 18.79 12.50
C GLY A 459 -19.70 19.42 12.28
N VAL A 460 -19.76 20.41 11.40
CA VAL A 460 -21.05 20.93 10.95
C VAL A 460 -21.09 20.97 9.42
N THR A 461 -22.29 20.81 8.88
CA THR A 461 -22.48 20.99 7.45
C THR A 461 -23.91 21.44 7.18
N GLY A 462 -24.14 22.05 6.02
CA GLY A 462 -25.48 22.48 5.66
C GLY A 462 -25.98 23.65 6.50
N VAL A 463 -25.08 24.52 6.94
CA VAL A 463 -25.48 25.69 7.72
C VAL A 463 -26.48 26.53 6.94
N TRP A 464 -26.13 26.83 5.70
CA TRP A 464 -27.01 27.59 4.81
C TRP A 464 -28.36 26.91 4.58
N GLU A 465 -28.33 25.64 4.20
CA GLU A 465 -29.55 24.92 3.91
C GLU A 465 -30.45 24.80 5.14
N SER A 466 -29.81 24.64 6.30
CA SER A 466 -30.56 24.60 7.55
C SER A 466 -31.32 25.91 7.78
N ALA A 467 -30.63 27.04 7.62
CA ALA A 467 -31.27 28.34 7.73
C ALA A 467 -32.34 28.55 6.68
N SER A 468 -32.08 28.07 5.46
N SER A 468 -32.08 28.08 5.46
CA SER A 468 -33.05 28.18 4.37
CA SER A 468 -33.03 28.17 4.36
C SER A 468 -34.34 27.47 4.72
C SER A 468 -34.35 27.47 4.73
N ILE A 469 -34.24 26.24 5.21
CA ILE A 469 -35.40 25.46 5.60
C ILE A 469 -36.16 26.14 6.75
N MSE A 470 -35.43 26.79 7.64
CA MSE A 470 -36.03 27.53 8.76
C MSE A 470 -36.73 28.81 8.30
O MSE A 470 -37.42 29.45 9.09
CB MSE A 470 -34.97 27.88 9.81
CG MSE A 470 -34.35 26.68 10.49
SE MSE A 470 -35.65 25.70 11.56
CE MSE A 470 -35.64 26.79 13.16
N GLY A 471 -36.53 29.19 7.04
CA GLY A 471 -37.17 30.37 6.50
C GLY A 471 -36.36 31.62 6.79
N LEU A 472 -35.06 31.44 6.97
CA LEU A 472 -34.19 32.50 7.48
C LEU A 472 -33.14 32.96 6.47
N THR A 473 -33.39 32.72 5.20
CA THR A 473 -32.52 33.26 4.15
C THR A 473 -33.38 34.09 3.22
N THR A 474 -32.75 34.94 2.45
CA THR A 474 -33.47 35.84 1.57
C THR A 474 -32.58 36.25 0.40
N GLU A 475 -33.13 37.08 -0.48
CA GLU A 475 -32.34 37.64 -1.57
C GLU A 475 -32.68 39.11 -1.69
N ASP A 476 -31.67 39.97 -1.64
CA ASP A 476 -31.92 41.40 -1.84
C ASP A 476 -31.00 41.92 -2.93
N ILE A 477 -30.79 43.24 -2.96
CA ILE A 477 -30.05 43.84 -4.06
C ILE A 477 -28.61 43.29 -4.13
N ASP A 478 -28.10 42.82 -3.00
CA ASP A 478 -26.73 42.30 -2.94
C ASP A 478 -26.67 40.79 -3.11
N GLY A 479 -27.78 40.18 -3.54
CA GLY A 479 -27.82 38.75 -3.79
C GLY A 479 -28.30 37.94 -2.60
N LEU A 480 -28.00 36.64 -2.61
CA LEU A 480 -28.43 35.71 -1.56
C LEU A 480 -27.74 36.00 -0.24
N LYS A 481 -28.52 35.95 0.85
CA LYS A 481 -27.98 36.21 2.17
C LYS A 481 -28.87 35.65 3.27
N TYR A 482 -28.34 35.60 4.49
CA TYR A 482 -29.16 35.33 5.66
C TYR A 482 -30.02 36.55 5.97
N THR A 483 -31.22 36.33 6.50
CA THR A 483 -32.00 37.44 7.05
C THR A 483 -31.33 37.88 8.34
N GLU A 484 -31.77 38.99 8.92
CA GLU A 484 -31.20 39.44 10.17
C GLU A 484 -31.37 38.38 11.26
N GLU A 485 -32.55 37.77 11.30
CA GLU A 485 -32.78 36.69 12.25
C GLU A 485 -31.99 35.43 11.86
N GLY A 486 -31.74 35.27 10.57
CA GLY A 486 -30.94 34.16 10.10
C GLY A 486 -29.51 34.23 10.61
N GLU A 487 -28.97 35.45 10.68
CA GLU A 487 -27.61 35.65 11.20
C GLU A 487 -27.55 35.33 12.69
N VAL A 488 -28.53 35.80 13.44
CA VAL A 488 -28.64 35.48 14.84
C VAL A 488 -28.77 33.96 15.06
N PHE A 489 -29.59 33.33 14.24
CA PHE A 489 -29.78 31.89 14.30
C PHE A 489 -28.45 31.14 14.14
N VAL A 490 -27.65 31.55 13.16
CA VAL A 490 -26.35 30.90 12.97
C VAL A 490 -25.42 31.19 14.15
N ASP A 491 -25.40 32.43 14.63
CA ASP A 491 -24.70 32.77 15.87
C ASP A 491 -25.07 31.79 16.98
N ASN A 492 -26.38 31.63 17.19
CA ASN A 492 -26.88 30.76 18.26
C ASN A 492 -26.46 29.30 18.07
N VAL A 493 -26.54 28.82 16.83
CA VAL A 493 -26.14 27.44 16.53
C VAL A 493 -24.66 27.22 16.88
N LEU A 494 -23.80 28.11 16.39
CA LEU A 494 -22.37 27.97 16.62
C LEU A 494 -22.02 28.17 18.09
N ASP A 495 -22.65 29.15 18.73
CA ASP A 495 -22.40 29.42 20.14
C ASP A 495 -22.84 28.25 21.01
N THR A 496 -23.92 27.57 20.62
CA THR A 496 -24.42 26.43 21.37
C THR A 496 -23.43 25.27 21.28
N ILE A 497 -22.86 25.07 20.09
CA ILE A 497 -21.87 24.01 19.91
C ILE A 497 -20.58 24.34 20.68
N ARG A 498 -20.17 25.61 20.65
CA ARG A 498 -19.02 26.07 21.43
C ARG A 498 -19.18 25.75 22.91
N GLU A 499 -20.36 26.05 23.44
CA GLU A 499 -20.65 25.80 24.85
C GLU A 499 -20.52 24.33 25.19
N GLU A 500 -21.08 23.47 24.34
CA GLU A 500 -20.98 22.04 24.56
C GLU A 500 -19.55 21.55 24.39
N ALA A 501 -18.81 22.15 23.45
CA ALA A 501 -17.41 21.77 23.26
C ALA A 501 -16.60 22.11 24.50
N GLU A 502 -16.85 23.31 25.04
CA GLU A 502 -16.18 23.75 26.26
C GLU A 502 -16.56 22.87 27.45
N LYS A 503 -17.83 22.50 27.55
CA LYS A 503 -18.26 21.60 28.62
C LYS A 503 -17.62 20.21 28.47
N GLY A 504 -17.43 19.79 27.23
CA GLY A 504 -16.87 18.48 26.95
C GLY A 504 -15.49 18.26 27.55
N TYR A 505 -14.71 19.34 27.64
CA TYR A 505 -13.36 19.27 28.19
C TYR A 505 -13.40 18.78 29.64
N HIS A 506 -14.25 19.41 30.44
CA HIS A 506 -14.40 19.02 31.84
C HIS A 506 -15.08 17.67 31.96
N GLU A 507 -15.97 17.36 31.03
CA GLU A 507 -16.73 16.12 31.06
C GLU A 507 -15.90 14.88 30.71
N TYR A 508 -15.03 14.98 29.70
CA TYR A 508 -14.39 13.80 29.14
C TYR A 508 -12.86 13.82 29.22
N GLY A 509 -12.29 14.94 29.62
CA GLY A 509 -10.87 15.00 29.88
C GLY A 509 -10.00 15.24 28.65
N PHE A 510 -10.63 15.63 27.54
CA PHE A 510 -9.87 16.01 26.36
C PHE A 510 -10.60 17.12 25.63
N THR A 511 -9.95 17.75 24.67
CA THR A 511 -10.49 18.96 24.06
C THR A 511 -11.29 18.69 22.77
N PHE A 512 -12.39 19.41 22.60
CA PHE A 512 -13.22 19.32 21.39
C PHE A 512 -13.03 20.56 20.55
N ASN A 513 -13.01 20.38 19.23
CA ASN A 513 -13.04 21.52 18.33
C ASN A 513 -14.25 21.41 17.41
N ILE A 514 -14.43 22.43 16.60
CA ILE A 514 -15.54 22.51 15.65
C ILE A 514 -14.97 22.75 14.28
N GLU A 515 -15.48 22.05 13.28
CA GLU A 515 -15.08 22.33 11.91
C GLU A 515 -16.28 22.31 10.98
N GLN A 516 -16.35 23.31 10.10
CA GLN A 516 -17.23 23.25 8.94
C GLN A 516 -16.51 22.40 7.90
N VAL A 517 -16.87 21.12 7.87
CA VAL A 517 -16.08 20.11 7.17
C VAL A 517 -16.21 20.22 5.65
N PRO A 518 -15.17 19.79 4.92
CA PRO A 518 -15.24 19.77 3.46
C PRO A 518 -16.42 18.96 2.93
N ALA A 519 -16.73 17.84 3.58
CA ALA A 519 -17.93 17.05 3.29
C ALA A 519 -18.06 16.66 1.81
N GLU A 520 -16.96 16.21 1.21
CA GLU A 520 -16.98 15.80 -0.19
C GLU A 520 -18.07 14.77 -0.48
N LYS A 521 -18.26 13.81 0.42
CA LYS A 521 -19.33 12.83 0.27
C LYS A 521 -20.52 13.14 1.17
N ALA A 522 -20.23 13.56 2.40
CA ALA A 522 -21.28 13.79 3.39
C ALA A 522 -22.33 14.80 2.93
N ALA A 523 -21.89 15.81 2.17
CA ALA A 523 -22.81 16.86 1.72
C ALA A 523 -23.87 16.29 0.78
N VAL A 524 -23.52 15.21 0.08
CA VAL A 524 -24.45 14.53 -0.81
C VAL A 524 -25.30 13.48 -0.06
N THR A 525 -24.65 12.62 0.70
CA THR A 525 -25.34 11.50 1.31
C THR A 525 -26.31 11.95 2.41
N LEU A 526 -25.94 12.99 3.15
CA LEU A 526 -26.84 13.50 4.18
C LEU A 526 -28.08 14.11 3.54
N ALA A 527 -27.89 14.80 2.42
CA ALA A 527 -29.02 15.40 1.69
C ALA A 527 -29.95 14.31 1.19
N GLN A 528 -29.37 13.23 0.69
CA GLN A 528 -30.15 12.10 0.19
C GLN A 528 -30.94 11.41 1.29
N LYS A 529 -30.30 11.21 2.45
CA LYS A 529 -30.99 10.57 3.56
C LYS A 529 -32.15 11.44 4.05
N ASP A 530 -31.93 12.75 4.11
CA ASP A 530 -32.98 13.67 4.55
C ASP A 530 -34.15 13.69 3.57
N ARG A 531 -33.86 13.62 2.27
CA ARG A 531 -34.92 13.57 1.27
C ARG A 531 -35.72 12.28 1.39
N PHE A 532 -35.03 11.18 1.68
CA PHE A 532 -35.69 9.89 1.91
C PHE A 532 -36.66 9.99 3.07
N LEU A 533 -36.26 10.72 4.12
CA LEU A 533 -37.06 10.79 5.32
C LEU A 533 -38.12 11.89 5.31
N PHE A 534 -37.84 13.00 4.61
CA PHE A 534 -38.73 14.16 4.70
C PHE A 534 -39.30 14.61 3.36
N GLY A 535 -38.91 13.94 2.28
CA GLY A 535 -39.46 14.23 0.97
C GLY A 535 -39.19 15.65 0.49
N GLU A 536 -40.22 16.29 -0.06
CA GLU A 536 -40.07 17.60 -0.69
C GLU A 536 -39.81 18.73 0.30
N LYS A 537 -39.95 18.46 1.59
CA LYS A 537 -39.55 19.42 2.61
C LYS A 537 -38.05 19.71 2.54
N GLN A 538 -37.30 18.80 1.94
CA GLN A 538 -35.85 18.94 1.78
C GLN A 538 -35.53 19.13 0.30
N PRO A 539 -35.44 20.40 -0.14
CA PRO A 539 -35.35 20.74 -1.57
C PRO A 539 -33.95 20.67 -2.18
N PHE A 540 -32.92 20.50 -1.35
CA PHE A 540 -31.54 20.62 -1.83
C PHE A 540 -30.90 19.31 -2.27
N GLU A 541 -30.16 19.38 -3.37
CA GLU A 541 -29.46 18.22 -3.92
C GLU A 541 -28.18 17.94 -3.13
N ILE A 542 -27.59 18.99 -2.58
CA ILE A 542 -26.34 18.89 -1.86
C ILE A 542 -26.32 19.96 -0.76
N TYR A 543 -25.69 19.66 0.38
CA TYR A 543 -25.55 20.65 1.44
C TYR A 543 -24.24 21.43 1.26
N SER A 544 -24.13 22.62 1.85
CA SER A 544 -22.97 23.49 1.62
C SER A 544 -21.89 23.34 2.69
N ASN A 545 -20.65 23.61 2.29
CA ASN A 545 -19.50 23.51 3.19
C ASN A 545 -18.80 24.86 3.39
N GLN A 546 -19.47 25.94 3.02
CA GLN A 546 -19.02 27.30 3.35
C GLN A 546 -20.23 28.06 3.91
N TRP A 547 -20.00 29.16 4.63
CA TRP A 547 -21.13 29.83 5.31
C TRP A 547 -22.19 30.28 4.31
N VAL A 548 -21.77 30.71 3.14
CA VAL A 548 -22.69 30.87 2.01
C VAL A 548 -22.22 29.92 0.89
N PRO A 549 -23.16 29.29 0.19
CA PRO A 549 -22.79 28.26 -0.80
C PRO A 549 -21.82 28.80 -1.85
N LEU A 550 -20.85 27.96 -2.24
CA LEU A 550 -19.87 28.31 -3.26
C LEU A 550 -20.56 28.86 -4.50
N MSE A 551 -21.68 28.24 -4.85
CA MSE A 551 -22.42 28.61 -6.05
C MSE A 551 -23.71 29.36 -5.73
O MSE A 551 -24.74 29.15 -6.37
CB MSE A 551 -22.72 27.37 -6.89
CG MSE A 551 -21.46 26.65 -7.36
SE MSE A 551 -20.47 27.70 -8.68
CE MSE A 551 -18.68 27.26 -8.14
N ALA A 552 -23.65 30.21 -4.72
CA ALA A 552 -24.74 31.15 -4.47
C ALA A 552 -24.37 32.46 -5.12
N ASN A 553 -25.35 33.10 -5.77
CA ASN A 553 -25.12 34.41 -6.36
C ASN A 553 -25.25 35.46 -5.28
N THR A 554 -24.11 35.94 -4.79
CA THR A 554 -24.12 36.94 -3.74
C THR A 554 -22.88 37.81 -3.83
N ASP A 555 -22.99 39.03 -3.30
CA ASP A 555 -21.88 39.96 -3.31
C ASP A 555 -20.73 39.39 -2.48
N VAL A 556 -19.50 39.55 -2.97
CA VAL A 556 -18.34 38.98 -2.28
C VAL A 556 -18.21 39.55 -0.87
N LEU A 557 -18.66 40.80 -0.69
CA LEU A 557 -18.62 41.44 0.61
C LEU A 557 -19.43 40.66 1.64
N ASN A 558 -20.54 40.06 1.20
CA ASN A 558 -21.36 39.22 2.06
C ASN A 558 -20.62 37.99 2.54
N ARG A 559 -19.95 37.30 1.62
CA ARG A 559 -19.15 36.12 1.95
C ARG A 559 -18.11 36.47 3.00
N ILE A 560 -17.41 37.58 2.77
CA ILE A 560 -16.32 38.00 3.65
C ILE A 560 -16.85 38.36 5.03
N ARG A 561 -17.96 39.10 5.06
CA ARG A 561 -18.57 39.48 6.32
C ARG A 561 -18.99 38.25 7.14
N TYR A 562 -19.59 37.26 6.50
CA TYR A 562 -20.00 36.05 7.19
C TYR A 562 -18.82 35.28 7.74
N SER A 563 -17.76 35.15 6.94
CA SER A 563 -16.56 34.48 7.43
C SER A 563 -15.92 35.26 8.57
N GLY A 564 -15.99 36.59 8.51
CA GLY A 564 -15.48 37.40 9.60
C GLY A 564 -16.24 37.22 10.89
N LYS A 565 -17.55 36.99 10.78
CA LYS A 565 -18.37 36.76 11.97
C LYS A 565 -18.14 35.37 12.56
N TRP A 566 -17.99 34.38 11.70
CA TRP A 566 -18.15 33.00 12.14
C TRP A 566 -16.88 32.15 12.14
N ASP A 567 -15.85 32.53 11.38
CA ASP A 567 -14.58 31.80 11.43
C ASP A 567 -14.07 31.71 12.86
N LYS A 568 -14.11 32.82 13.59
CA LYS A 568 -13.62 32.83 14.96
C LYS A 568 -14.42 31.89 15.86
N LYS A 569 -15.68 31.67 15.56
CA LYS A 569 -16.51 30.82 16.41
C LYS A 569 -16.08 29.35 16.29
N VAL A 570 -15.54 28.98 15.13
CA VAL A 570 -15.02 27.62 14.92
C VAL A 570 -13.48 27.61 14.96
N SER A 571 -12.90 28.67 15.51
CA SER A 571 -11.45 28.82 15.70
C SER A 571 -10.66 28.52 14.41
N GLY A 572 -11.17 28.99 13.28
CA GLY A 572 -10.47 28.84 12.02
C GLY A 572 -10.72 27.51 11.32
N GLY A 573 -11.65 26.71 11.85
CA GLY A 573 -12.03 25.47 11.22
C GLY A 573 -13.02 25.65 10.08
N ALA A 574 -12.60 26.38 9.05
CA ALA A 574 -13.46 26.68 7.91
C ALA A 574 -12.58 27.15 6.78
N ILE A 575 -13.15 27.32 5.59
CA ILE A 575 -12.46 27.99 4.51
C ILE A 575 -13.43 28.85 3.71
N LEU A 576 -12.94 29.99 3.25
CA LEU A 576 -13.65 30.82 2.31
C LEU A 576 -12.89 30.78 1.00
N HIS A 577 -13.46 30.32 -0.09
CA HIS A 577 -12.71 30.57 -1.33
C HIS A 577 -13.59 31.22 -2.37
N ILE A 578 -13.03 32.30 -2.90
CA ILE A 578 -13.70 33.21 -3.81
C ILE A 578 -13.26 32.99 -5.24
N ASN A 579 -14.20 32.57 -6.08
CA ASN A 579 -13.90 32.32 -7.49
C ASN A 579 -13.65 33.61 -8.24
N LEU A 580 -12.51 33.68 -8.93
CA LEU A 580 -12.18 34.82 -9.77
C LEU A 580 -12.33 34.45 -11.24
N GLY A 581 -13.05 35.27 -11.99
CA GLY A 581 -13.22 35.03 -13.42
C GLY A 581 -11.94 35.29 -14.18
N GLU A 582 -11.18 36.28 -13.70
CA GLU A 582 -9.87 36.59 -14.26
C GLU A 582 -8.88 36.85 -13.14
N SER A 583 -7.62 36.49 -13.37
CA SER A 583 -6.56 36.75 -12.41
C SER A 583 -6.50 38.24 -12.09
N PHE A 584 -5.98 38.58 -10.91
CA PHE A 584 -5.79 39.99 -10.55
C PHE A 584 -4.90 40.68 -11.58
N LYS A 585 -5.18 41.95 -11.86
CA LYS A 585 -4.41 42.68 -12.86
C LYS A 585 -3.06 43.12 -12.31
N THR A 586 -3.04 43.53 -11.05
CA THR A 586 -1.81 43.97 -10.42
C THR A 586 -1.63 43.35 -9.03
N GLU A 587 -0.37 43.22 -8.61
CA GLU A 587 -0.06 42.77 -7.27
C GLU A 587 -0.69 43.68 -6.22
N GLU A 588 -0.69 44.97 -6.49
CA GLU A 588 -1.24 45.96 -5.56
C GLU A 588 -2.74 45.74 -5.32
N GLU A 589 -3.49 45.55 -6.39
CA GLU A 589 -4.92 45.25 -6.32
C GLU A 589 -5.18 43.98 -5.50
N SER A 590 -4.41 42.95 -5.78
CA SER A 590 -4.50 41.69 -5.05
C SER A 590 -4.24 41.92 -3.57
N PHE A 591 -3.17 42.64 -3.27
CA PHE A 591 -2.71 42.78 -1.89
C PHE A 591 -3.70 43.59 -1.07
N ASN A 592 -4.28 44.63 -1.67
CA ASN A 592 -5.30 45.41 -1.01
C ASN A 592 -6.52 44.56 -0.64
N MSE A 593 -6.87 43.62 -1.51
CA MSE A 593 -7.98 42.72 -1.25
C MSE A 593 -7.65 41.76 -0.11
O MSE A 593 -8.48 41.53 0.78
CB MSE A 593 -8.33 41.94 -2.50
CG MSE A 593 -9.28 40.81 -2.22
SE MSE A 593 -11.09 41.33 -2.61
CE MSE A 593 -11.20 40.33 -4.27
N VAL A 594 -6.46 41.18 -0.17
CA VAL A 594 -5.97 40.30 0.88
C VAL A 594 -6.04 40.97 2.25
N LYS A 595 -5.57 42.22 2.32
CA LYS A 595 -5.56 42.95 3.57
C LYS A 595 -6.98 43.25 4.05
N MSE A 596 -7.88 43.57 3.11
N MSE A 596 -7.87 43.57 3.12
CA MSE A 596 -9.27 43.85 3.45
CA MSE A 596 -9.25 43.85 3.47
C MSE A 596 -9.95 42.61 4.04
C MSE A 596 -9.89 42.60 4.08
O MSE A 596 -10.69 42.71 5.02
O MSE A 596 -10.53 42.69 5.13
CB MSE A 596 -10.05 44.34 2.23
CB MSE A 596 -10.03 44.32 2.25
CG MSE A 596 -11.46 44.80 2.55
CG MSE A 596 -11.47 44.73 2.56
SE MSE A 596 -12.58 45.05 0.97
SE MSE A 596 -12.73 43.26 2.30
CE MSE A 596 -12.54 43.24 0.26
CE MSE A 596 -12.74 43.21 0.36
N ILE A 597 -9.70 41.47 3.43
CA ILE A 597 -10.24 40.20 3.90
C ILE A 597 -9.68 39.84 5.28
N ALA A 598 -8.38 40.06 5.47
CA ALA A 598 -7.74 39.82 6.77
C ALA A 598 -8.27 40.78 7.84
N ASP A 599 -8.50 42.03 7.46
CA ASP A 599 -9.07 43.02 8.38
C ASP A 599 -10.44 42.62 8.89
N MSE A 600 -11.21 41.95 8.02
N MSE A 600 -11.21 41.95 8.03
CA MSE A 600 -12.58 41.57 8.33
CA MSE A 600 -12.58 41.60 8.36
C MSE A 600 -12.66 40.36 9.25
C MSE A 600 -12.66 40.35 9.25
O MSE A 600 -13.73 40.02 9.75
O MSE A 600 -13.74 39.99 9.71
CB MSE A 600 -13.35 41.31 7.04
CB MSE A 600 -13.40 41.40 7.09
CG MSE A 600 -13.67 42.56 6.26
CG MSE A 600 -13.37 42.61 6.16
SE MSE A 600 -14.85 43.74 7.28
SE MSE A 600 -15.09 43.05 5.37
CE MSE A 600 -16.48 42.66 7.18
CE MSE A 600 -16.12 43.22 7.01
N GLY A 601 -11.52 39.71 9.46
CA GLY A 601 -11.47 38.59 10.39
C GLY A 601 -11.54 37.20 9.78
N VAL A 602 -11.46 37.13 8.45
CA VAL A 602 -11.44 35.83 7.77
C VAL A 602 -10.13 35.12 8.09
N MSE A 603 -10.20 33.84 8.46
CA MSE A 603 -9.02 33.17 9.02
C MSE A 603 -8.32 32.22 8.07
O MSE A 603 -7.18 31.84 8.29
CB MSE A 603 -9.40 32.44 10.32
CG MSE A 603 -9.79 33.42 11.44
SE MSE A 603 -10.44 32.53 13.04
CE MSE A 603 -8.79 31.72 13.67
N TYR A 604 -9.01 31.84 7.01
CA TYR A 604 -8.45 30.91 6.03
C TYR A 604 -9.19 31.13 4.73
N PHE A 605 -8.47 31.53 3.70
CA PHE A 605 -9.15 31.81 2.44
C PHE A 605 -8.24 31.64 1.25
N ALA A 606 -8.86 31.58 0.08
CA ALA A 606 -8.12 31.51 -1.17
C ALA A 606 -8.95 32.11 -2.29
N PHE A 607 -8.25 32.54 -3.34
CA PHE A 607 -8.89 32.94 -4.59
C PHE A 607 -8.86 31.76 -5.55
N ASN A 608 -9.94 31.59 -6.31
CA ASN A 608 -10.03 30.45 -7.24
C ASN A 608 -9.96 30.86 -8.70
N THR A 609 -9.03 30.26 -9.43
CA THR A 609 -8.99 30.42 -10.87
C THR A 609 -9.35 29.09 -11.51
N LYS A 610 -9.79 29.11 -12.76
CA LYS A 610 -10.00 27.87 -13.50
C LYS A 610 -8.73 27.56 -14.29
N ILE A 611 -8.04 26.50 -13.90
CA ILE A 611 -6.78 26.16 -14.55
C ILE A 611 -7.02 25.08 -15.61
N SER A 612 -6.64 25.36 -16.86
CA SER A 612 -6.76 24.39 -17.93
C SER A 612 -5.59 23.40 -17.95
N VAL A 613 -5.86 22.16 -18.34
CA VAL A 613 -4.78 21.24 -18.67
C VAL A 613 -5.06 20.61 -20.03
N CYS A 614 -3.99 20.27 -20.73
CA CYS A 614 -4.08 19.54 -21.98
C CYS A 614 -3.87 18.05 -21.69
N GLU A 615 -3.95 17.21 -22.73
CA GLU A 615 -3.80 15.77 -22.51
C GLU A 615 -2.38 15.41 -22.06
N ASP A 616 -1.44 16.33 -22.28
CA ASP A 616 -0.05 16.11 -21.86
C ASP A 616 0.21 16.63 -20.44
N GLY A 617 -0.80 17.24 -19.84
CA GLY A 617 -0.72 17.62 -18.44
C GLY A 617 -0.12 18.98 -18.15
N HIS A 618 0.08 19.80 -19.19
CA HIS A 618 0.55 21.17 -19.01
C HIS A 618 -0.56 22.07 -18.45
N ALA A 619 -0.23 22.89 -17.46
CA ALA A 619 -1.21 23.83 -16.91
C ALA A 619 -1.12 25.18 -17.62
N PHE A 620 -2.27 25.78 -17.82
CA PHE A 620 -2.36 27.07 -18.50
C PHE A 620 -3.77 27.64 -18.33
N TYR A 621 -4.01 28.80 -18.93
CA TYR A 621 -5.34 29.38 -18.97
C TYR A 621 -5.82 29.44 -20.41
N GLY A 622 -7.12 29.26 -20.61
CA GLY A 622 -7.69 29.32 -21.95
C GLY A 622 -7.91 27.95 -22.55
N GLU A 623 -8.12 27.94 -23.87
CA GLU A 623 -8.47 26.70 -24.58
C GLU A 623 -7.28 26.04 -25.29
N ARG A 624 -6.18 26.77 -25.45
CA ARG A 624 -5.04 26.23 -26.18
C ARG A 624 -3.74 26.30 -25.38
N CYS A 625 -3.03 25.18 -25.32
CA CYS A 625 -1.80 25.07 -24.55
C CYS A 625 -0.66 25.85 -25.18
N PRO A 626 -0.04 26.75 -24.41
CA PRO A 626 1.08 27.57 -24.90
C PRO A 626 2.37 26.77 -25.02
N VAL A 627 2.37 25.55 -24.48
CA VAL A 627 3.54 24.68 -24.55
C VAL A 627 3.48 23.79 -25.80
N CYS A 628 2.41 23.03 -25.94
CA CYS A 628 2.32 22.03 -27.00
C CYS A 628 1.24 22.32 -28.04
N GLY A 629 0.45 23.36 -27.82
CA GLY A 629 -0.55 23.78 -28.78
C GLY A 629 -1.83 22.97 -28.79
N LYS A 630 -1.90 21.94 -27.96
CA LYS A 630 -3.08 21.08 -27.91
C LYS A 630 -4.22 21.72 -27.12
N ALA A 631 -5.41 21.15 -27.25
CA ALA A 631 -6.61 21.71 -26.63
C ALA A 631 -6.73 21.34 -25.16
N LYS A 632 -7.45 22.16 -24.42
CA LYS A 632 -7.83 21.86 -23.05
C LYS A 632 -8.74 20.64 -22.98
N VAL A 633 -8.46 19.72 -22.06
CA VAL A 633 -9.26 18.51 -21.95
C VAL A 633 -9.84 18.36 -20.54
N ASP A 634 -9.38 19.23 -19.63
CA ASP A 634 -9.83 19.17 -18.25
C ASP A 634 -9.50 20.50 -17.57
N GLU A 635 -10.00 20.66 -16.34
CA GLU A 635 -9.77 21.86 -15.54
C GLU A 635 -9.36 21.46 -14.14
N TYR A 636 -8.49 22.26 -13.52
CA TYR A 636 -8.19 22.13 -12.09
C TYR A 636 -8.86 23.28 -11.36
N MSE A 637 -9.46 22.97 -10.22
CA MSE A 637 -10.19 23.96 -9.46
C MSE A 637 -10.23 23.60 -7.98
O MSE A 637 -10.18 22.42 -7.63
CB MSE A 637 -11.62 24.08 -10.01
CG MSE A 637 -12.20 25.49 -9.94
SE MSE A 637 -13.60 25.71 -11.26
CE MSE A 637 -14.54 24.04 -10.99
N ARG A 638 -10.31 24.62 -7.13
CA ARG A 638 -10.66 24.42 -5.74
C ARG A 638 -12.16 24.26 -5.60
N ILE A 639 -12.57 23.09 -5.15
CA ILE A 639 -13.99 22.80 -4.99
C ILE A 639 -14.33 22.66 -3.51
N VAL A 640 -13.49 21.95 -2.76
CA VAL A 640 -13.66 21.95 -1.31
C VAL A 640 -12.47 22.56 -0.57
N GLY A 641 -11.50 23.12 -1.29
CA GLY A 641 -10.41 23.83 -0.63
C GLY A 641 -9.02 23.56 -1.16
N TYR A 642 -8.86 22.50 -1.95
CA TYR A 642 -7.59 22.21 -2.61
C TYR A 642 -7.81 21.93 -4.09
N LEU A 643 -6.75 22.09 -4.88
CA LEU A 643 -6.87 22.05 -6.35
C LEU A 643 -6.94 20.62 -6.87
N VAL A 644 -8.04 20.27 -7.53
CA VAL A 644 -8.24 18.93 -8.06
C VAL A 644 -8.75 18.99 -9.49
N PRO A 645 -8.52 17.91 -10.28
CA PRO A 645 -9.12 17.90 -11.62
C PRO A 645 -10.64 17.80 -11.52
N VAL A 646 -11.36 18.62 -12.27
CA VAL A 646 -12.82 18.59 -12.25
C VAL A 646 -13.35 17.20 -12.62
N SER A 647 -12.66 16.55 -13.55
CA SER A 647 -13.05 15.19 -13.96
C SER A 647 -12.97 14.20 -12.80
N ALA A 648 -12.05 14.44 -11.87
CA ALA A 648 -11.91 13.56 -10.71
C ALA A 648 -13.04 13.81 -9.72
N PHE A 649 -13.38 15.08 -9.52
CA PHE A 649 -14.49 15.45 -8.66
C PHE A 649 -15.80 14.83 -9.14
N ASN A 650 -16.08 14.97 -10.43
CA ASN A 650 -17.33 14.51 -11.02
C ASN A 650 -17.49 13.00 -11.01
N LYS A 651 -16.39 12.29 -11.22
CA LYS A 651 -16.42 10.83 -11.19
C LYS A 651 -16.76 10.33 -9.78
N GLU A 652 -16.13 10.93 -8.79
CA GLU A 652 -16.40 10.58 -7.40
C GLU A 652 -17.83 10.98 -7.02
N ARG A 653 -18.25 12.16 -7.48
CA ARG A 653 -19.60 12.64 -7.22
C ARG A 653 -20.66 11.71 -7.81
N ARG A 654 -20.42 11.28 -9.06
CA ARG A 654 -21.31 10.33 -9.73
C ARG A 654 -21.50 9.04 -8.95
N GLU A 655 -20.42 8.59 -8.32
CA GLU A 655 -20.41 7.29 -7.65
C GLU A 655 -21.32 7.24 -6.43
N ILE A 656 -21.65 8.40 -5.86
CA ILE A 656 -22.48 8.43 -4.66
C ILE A 656 -23.81 9.17 -4.86
N GLU A 657 -23.86 10.04 -5.87
CA GLU A 657 -25.02 10.91 -6.04
C GLU A 657 -26.16 10.22 -6.81
N TYR A 658 -25.80 9.36 -7.75
CA TYR A 658 -26.79 8.59 -8.48
C TYR A 658 -26.44 7.10 -8.48
N PRO A 659 -26.58 6.44 -7.31
CA PRO A 659 -26.21 5.03 -7.16
C PRO A 659 -26.97 4.14 -8.13
N ARG A 660 -26.27 3.20 -8.76
CA ARG A 660 -26.85 2.37 -9.80
C ARG A 660 -27.84 1.36 -9.25
N ARG A 661 -28.93 1.14 -10.00
CA ARG A 661 -29.84 0.04 -9.73
C ARG A 661 -29.11 -1.27 -10.03
N GLN A 662 -29.56 -2.36 -9.42
CA GLN A 662 -28.93 -3.65 -9.65
C GLN A 662 -29.35 -4.24 -11.00
N PHE A 663 -28.38 -4.40 -11.89
CA PHE A 663 -28.62 -5.01 -13.21
C PHE A 663 -27.84 -6.31 -13.34
N TYR A 664 -28.23 -7.13 -14.32
CA TYR A 664 -27.59 -8.42 -14.54
C TYR A 664 -27.22 -8.61 -16.01
N ASP A 665 -26.18 -9.39 -16.27
CA ASP A 665 -25.85 -9.75 -17.63
C ASP A 665 -25.92 -11.28 -17.81
N SER A 666 -25.43 -11.79 -18.94
CA SER A 666 -25.50 -13.22 -19.25
C SER A 666 -24.92 -14.09 -18.13
N LEU A 667 -23.89 -13.58 -17.46
CA LEU A 667 -23.22 -14.31 -16.40
C LEU A 667 -23.89 -14.11 -15.03
N THR A 668 -24.13 -12.87 -14.65
CA THR A 668 -24.60 -12.56 -13.29
C THR A 668 -26.10 -12.80 -13.12
N ILE A 669 -26.83 -13.01 -14.22
CA ILE A 669 -28.22 -13.43 -14.13
C ILE A 669 -28.26 -14.88 -13.66
N ARG A 670 -27.12 -15.55 -13.87
CA ARG A 670 -26.75 -16.94 -13.48
C ARG A 670 -26.23 -17.72 -14.68
N SER B 11 -32.32 -9.48 -0.17
CA SER B 11 -31.64 -9.77 -1.43
C SER B 11 -30.23 -10.30 -1.18
N SER B 12 -29.25 -9.40 -1.14
CA SER B 12 -27.87 -9.79 -0.88
C SER B 12 -27.17 -8.79 0.03
N GLY B 13 -25.99 -9.16 0.51
CA GLY B 13 -25.26 -8.33 1.46
C GLY B 13 -25.84 -8.54 2.84
N LEU B 14 -25.97 -7.45 3.59
CA LEU B 14 -26.45 -7.51 4.96
C LEU B 14 -27.95 -7.67 4.97
N VAL B 15 -28.41 -8.78 5.53
CA VAL B 15 -29.83 -9.15 5.52
C VAL B 15 -30.30 -9.45 6.93
N MSE B 21 -28.83 -11.02 12.04
CA MSE B 21 -28.48 -10.54 10.71
C MSE B 21 -27.34 -11.38 10.11
O MSE B 21 -26.36 -11.69 10.79
CB MSE B 21 -28.07 -9.06 10.76
CG MSE B 21 -29.13 -8.11 11.34
SE MSE B 21 -30.55 -7.51 10.11
CE MSE B 21 -29.56 -6.20 9.06
N LYS B 22 -27.50 -11.75 8.85
CA LYS B 22 -26.48 -12.52 8.14
C LYS B 22 -25.94 -11.73 6.96
N VAL B 23 -24.85 -12.20 6.39
CA VAL B 23 -24.32 -11.61 5.16
C VAL B 23 -24.44 -12.65 4.05
N GLN B 24 -25.08 -12.26 2.95
CA GLN B 24 -25.28 -13.18 1.84
C GLN B 24 -24.49 -12.76 0.61
N TYR B 25 -23.67 -13.67 0.11
CA TYR B 25 -22.95 -13.45 -1.14
C TYR B 25 -23.74 -14.08 -2.28
N SER B 26 -23.63 -13.50 -3.47
CA SER B 26 -24.43 -13.96 -4.62
C SER B 26 -23.77 -15.14 -5.33
N PHE B 27 -24.03 -16.35 -4.84
CA PHE B 27 -23.51 -17.54 -5.48
C PHE B 27 -24.58 -18.24 -6.31
N GLU B 28 -24.18 -18.82 -7.43
CA GLU B 28 -25.07 -19.75 -8.14
C GLU B 28 -25.39 -20.90 -7.20
N ARG B 29 -26.62 -21.42 -7.28
CA ARG B 29 -27.08 -22.46 -6.37
C ARG B 29 -26.20 -23.70 -6.47
N GLU B 30 -25.80 -24.04 -7.69
CA GLU B 30 -24.92 -25.18 -7.91
C GLU B 30 -23.63 -25.11 -7.11
N PHE B 31 -23.04 -23.92 -7.01
CA PHE B 31 -21.84 -23.76 -6.21
C PHE B 31 -22.14 -23.93 -4.73
N GLU B 32 -23.25 -23.35 -4.29
CA GLU B 32 -23.70 -23.51 -2.91
C GLU B 32 -23.93 -24.97 -2.56
N GLU B 33 -24.57 -25.70 -3.47
CA GLU B 33 -24.84 -27.11 -3.26
C GLU B 33 -23.56 -27.92 -3.18
N LEU B 34 -22.59 -27.59 -4.04
CA LEU B 34 -21.30 -28.24 -4.02
C LEU B 34 -20.60 -28.05 -2.69
N MSE B 35 -20.57 -26.81 -2.23
CA MSE B 35 -19.88 -26.50 -0.98
C MSE B 35 -20.57 -27.18 0.19
O MSE B 35 -19.91 -27.69 1.10
CB MSE B 35 -19.84 -24.99 -0.77
CG MSE B 35 -19.02 -24.28 -1.83
SE MSE B 35 -17.12 -24.64 -1.63
CE MSE B 35 -16.68 -23.11 -0.48
N SER B 36 -21.90 -27.21 0.15
CA SER B 36 -22.66 -27.92 1.16
C SER B 36 -22.32 -29.41 1.15
N ASP B 37 -22.23 -30.00 -0.04
CA ASP B 37 -21.86 -31.40 -0.17
C ASP B 37 -20.45 -31.67 0.38
N LEU B 38 -19.53 -30.76 0.07
CA LEU B 38 -18.15 -30.90 0.53
C LEU B 38 -18.06 -30.76 2.05
N LEU B 39 -18.87 -29.87 2.63
CA LEU B 39 -18.95 -29.76 4.07
C LEU B 39 -19.48 -31.05 4.70
N SER B 40 -20.53 -31.63 4.11
CA SER B 40 -21.08 -32.89 4.59
C SER B 40 -20.04 -34.02 4.52
N LYS B 41 -19.26 -34.03 3.44
CA LYS B 41 -18.31 -35.11 3.26
C LYS B 41 -17.12 -34.98 4.20
N TYR B 42 -16.60 -33.77 4.33
CA TYR B 42 -15.32 -33.57 4.99
C TYR B 42 -15.41 -32.99 6.39
N GLY B 43 -16.50 -32.30 6.68
CA GLY B 43 -16.71 -31.71 8.00
C GLY B 43 -16.17 -30.29 8.11
N TYR B 44 -16.65 -29.58 9.11
CA TYR B 44 -16.25 -28.18 9.31
C TYR B 44 -14.75 -28.00 9.47
N GLU B 45 -14.07 -28.98 10.07
CA GLU B 45 -12.64 -28.85 10.33
C GLU B 45 -11.84 -28.72 9.03
N MSE B 46 -12.35 -29.35 7.98
CA MSE B 46 -11.74 -29.27 6.66
C MSE B 46 -11.79 -27.85 6.12
O MSE B 46 -10.79 -27.32 5.62
CB MSE B 46 -12.47 -30.22 5.69
CG MSE B 46 -11.90 -30.28 4.29
SE MSE B 46 -10.57 -31.67 4.10
CE MSE B 46 -9.04 -30.59 4.57
N PHE B 47 -12.96 -27.23 6.18
CA PHE B 47 -13.11 -25.84 5.77
C PHE B 47 -12.29 -24.90 6.67
N GLN B 48 -12.28 -25.17 7.98
CA GLN B 48 -11.47 -24.35 8.88
C GLN B 48 -9.99 -24.43 8.53
N MSE B 49 -9.49 -25.63 8.26
CA MSE B 49 -8.11 -25.82 7.83
C MSE B 49 -7.78 -25.09 6.53
O MSE B 49 -6.66 -24.62 6.33
CB MSE B 49 -7.82 -27.31 7.64
CG MSE B 49 -6.89 -27.90 8.64
SE MSE B 49 -6.95 -29.83 8.38
CE MSE B 49 -8.08 -30.26 9.88
N ASP B 50 -8.77 -25.00 5.64
CA ASP B 50 -8.54 -24.40 4.34
C ASP B 50 -8.68 -22.88 4.35
N GLY B 51 -9.12 -22.34 5.48
CA GLY B 51 -9.27 -20.90 5.62
C GLY B 51 -10.66 -20.40 5.25
N LEU B 52 -11.62 -21.33 5.18
CA LEU B 52 -12.99 -21.01 4.80
C LEU B 52 -13.99 -21.37 5.89
N GLY B 53 -13.57 -21.21 7.14
CA GLY B 53 -14.44 -21.43 8.27
C GLY B 53 -14.77 -20.11 8.97
N ASP B 54 -14.36 -19.99 10.23
CA ASP B 54 -14.69 -18.77 10.96
C ASP B 54 -13.74 -17.61 10.63
N GLN B 55 -12.83 -17.82 9.68
CA GLN B 55 -11.97 -16.73 9.21
C GLN B 55 -12.78 -15.66 8.49
N LEU B 56 -13.94 -16.03 7.97
CA LEU B 56 -14.80 -15.06 7.29
C LEU B 56 -15.66 -14.26 8.27
N ASP B 57 -15.62 -14.62 9.55
CA ASP B 57 -16.28 -13.85 10.60
C ASP B 57 -15.49 -12.58 10.86
N VAL B 58 -15.93 -11.47 10.29
CA VAL B 58 -15.18 -10.23 10.36
C VAL B 58 -15.04 -9.75 11.80
N VAL B 59 -16.06 -9.97 12.63
CA VAL B 59 -15.96 -9.52 14.01
C VAL B 59 -14.95 -10.37 14.79
N LYS B 60 -15.10 -11.68 14.75
CA LYS B 60 -14.14 -12.55 15.42
C LYS B 60 -12.71 -12.37 14.90
N PHE B 61 -12.57 -12.27 13.57
CA PHE B 61 -11.24 -12.09 12.98
C PHE B 61 -10.61 -10.81 13.54
N THR B 62 -11.40 -9.76 13.61
CA THR B 62 -10.87 -8.47 14.02
C THR B 62 -10.48 -8.48 15.49
N GLU B 63 -11.35 -8.99 16.34
CA GLU B 63 -11.04 -9.01 17.77
C GLU B 63 -9.84 -9.89 18.05
N ASP B 64 -9.74 -11.04 17.38
CA ASP B 64 -8.57 -11.91 17.53
C ASP B 64 -7.29 -11.19 17.08
N PHE B 65 -7.38 -10.47 15.97
CA PHE B 65 -6.23 -9.76 15.45
C PHE B 65 -5.74 -8.67 16.40
N VAL B 66 -6.64 -7.83 16.87
CA VAL B 66 -6.22 -6.67 17.64
C VAL B 66 -5.78 -7.06 19.05
N ARG B 67 -6.36 -8.13 19.58
CA ARG B 67 -6.08 -8.52 20.96
C ARG B 67 -4.93 -9.52 21.02
N ARG B 68 -4.40 -9.86 19.85
CA ARG B 68 -3.33 -10.83 19.73
C ARG B 68 -2.11 -10.45 20.57
N GLY B 69 -1.71 -9.19 20.49
CA GLY B 69 -0.58 -8.70 21.26
C GLY B 69 -0.84 -8.72 22.75
N ILE B 70 -2.12 -8.69 23.13
CA ILE B 70 -2.50 -8.66 24.54
C ILE B 70 -2.40 -10.04 25.19
N ILE B 71 -2.78 -11.08 24.46
CA ILE B 71 -2.96 -12.40 25.06
C ILE B 71 -1.89 -13.45 24.67
N GLU B 72 -0.68 -13.01 24.37
CA GLU B 72 0.37 -13.95 23.96
C GLU B 72 1.66 -13.76 24.75
N SER B 73 2.56 -14.74 24.62
CA SER B 73 3.92 -14.67 25.17
C SER B 73 3.97 -14.20 26.62
N THR B 84 3.80 -6.25 14.28
CA THR B 84 2.60 -6.10 13.46
C THR B 84 1.80 -4.86 13.86
N ASN B 85 1.45 -4.01 12.89
CA ASN B 85 0.65 -2.84 13.19
C ASN B 85 -0.67 -2.83 12.41
N ILE B 86 -1.42 -1.74 12.51
CA ILE B 86 -2.77 -1.70 11.96
C ILE B 86 -2.80 -1.88 10.43
N SER B 87 -1.70 -1.57 9.74
CA SER B 87 -1.72 -1.68 8.28
C SER B 87 -1.88 -3.14 7.85
N THR B 88 -1.38 -4.06 8.67
CA THR B 88 -1.52 -5.49 8.38
C THR B 88 -2.97 -5.93 8.47
N TYR B 89 -3.72 -5.30 9.39
CA TYR B 89 -5.13 -5.64 9.54
C TYR B 89 -5.91 -5.48 8.24
N PHE B 90 -5.71 -4.36 7.57
CA PHE B 90 -6.50 -4.08 6.37
C PHE B 90 -6.13 -4.99 5.20
N ILE B 91 -4.91 -5.51 5.22
CA ILE B 91 -4.50 -6.51 4.24
C ILE B 91 -5.07 -7.89 4.58
N GLU B 92 -5.02 -8.26 5.85
CA GLU B 92 -5.41 -9.61 6.24
C GLU B 92 -6.94 -9.85 6.31
N ILE B 93 -7.71 -8.83 6.69
CA ILE B 93 -9.15 -8.98 6.94
C ILE B 93 -9.92 -9.52 5.71
N SER B 94 -9.52 -9.12 4.51
CA SER B 94 -10.31 -9.48 3.33
C SER B 94 -9.84 -10.76 2.66
N LYS B 95 -8.69 -11.29 3.06
CA LYS B 95 -8.13 -12.46 2.39
C LYS B 95 -9.05 -13.69 2.36
N PRO B 96 -9.76 -14.00 3.47
CA PRO B 96 -10.65 -15.17 3.36
C PRO B 96 -11.76 -14.94 2.35
N HIS B 97 -12.21 -13.69 2.27
CA HIS B 97 -13.28 -13.29 1.37
C HIS B 97 -12.85 -13.25 -0.09
N THR B 98 -11.65 -12.76 -0.38
CA THR B 98 -11.21 -12.72 -1.78
C THR B 98 -10.70 -14.09 -2.23
N TYR B 99 -10.27 -14.94 -1.29
CA TYR B 99 -10.06 -16.36 -1.62
C TYR B 99 -11.40 -16.99 -1.99
N LEU B 100 -12.43 -16.82 -1.15
CA LEU B 100 -13.72 -17.41 -1.48
C LEU B 100 -14.21 -16.92 -2.84
N TYR B 101 -14.07 -15.62 -3.09
CA TYR B 101 -14.45 -15.09 -4.40
C TYR B 101 -13.66 -15.75 -5.53
N SER B 102 -12.34 -15.85 -5.34
CA SER B 102 -11.47 -16.38 -6.39
C SER B 102 -11.79 -17.84 -6.69
N LEU B 103 -12.04 -18.61 -5.64
CA LEU B 103 -12.39 -20.02 -5.80
C LEU B 103 -13.68 -20.16 -6.60
N TYR B 104 -14.65 -19.32 -6.25
CA TYR B 104 -15.90 -19.27 -6.98
C TYR B 104 -15.74 -18.87 -8.44
N ARG B 105 -14.98 -17.80 -8.69
CA ARG B 105 -14.79 -17.31 -10.06
C ARG B 105 -14.09 -18.33 -10.93
N ILE B 106 -13.09 -18.99 -10.35
CA ILE B 106 -12.38 -20.06 -11.05
C ILE B 106 -13.33 -21.22 -11.34
N TRP B 107 -14.16 -21.57 -10.37
CA TRP B 107 -15.18 -22.59 -10.58
C TRP B 107 -16.10 -22.19 -11.74
N GLN B 108 -16.56 -20.95 -11.76
CA GLN B 108 -17.40 -20.48 -12.86
C GLN B 108 -16.71 -20.63 -14.21
N LYS B 109 -15.47 -20.19 -14.30
CA LYS B 109 -14.73 -20.20 -15.56
C LYS B 109 -14.46 -21.63 -16.02
N MSE B 110 -14.04 -22.49 -15.09
CA MSE B 110 -13.82 -23.90 -15.41
C MSE B 110 -15.10 -24.58 -15.85
O MSE B 110 -15.09 -25.45 -16.72
CB MSE B 110 -13.20 -24.66 -14.23
CG MSE B 110 -11.78 -24.21 -13.91
SE MSE B 110 -10.99 -25.18 -12.43
CE MSE B 110 -10.68 -26.89 -13.36
N LYS B 111 -16.22 -24.21 -15.23
CA LYS B 111 -17.50 -24.76 -15.63
C LYS B 111 -17.84 -24.38 -17.08
N GLU B 112 -17.63 -23.10 -17.39
CA GLU B 112 -17.80 -22.57 -18.73
C GLU B 112 -16.94 -23.31 -19.76
N MSE B 113 -15.66 -23.51 -19.43
CA MSE B 113 -14.71 -24.08 -20.38
C MSE B 113 -14.75 -25.61 -20.45
O MSE B 113 -14.54 -26.20 -21.51
CB MSE B 113 -13.29 -23.65 -20.04
CG MSE B 113 -13.06 -22.13 -20.07
SE MSE B 113 -11.28 -21.68 -19.42
CE MSE B 113 -10.25 -22.22 -20.98
N PHE B 114 -15.01 -26.26 -19.31
CA PHE B 114 -14.81 -27.71 -19.21
C PHE B 114 -16.01 -28.50 -18.70
N GLY B 115 -17.07 -27.79 -18.31
CA GLY B 115 -18.24 -28.44 -17.77
C GLY B 115 -18.22 -28.48 -16.25
N LYS B 116 -19.37 -28.76 -15.66
CA LYS B 116 -19.56 -28.70 -14.23
C LYS B 116 -18.75 -29.75 -13.46
N GLY B 117 -18.61 -30.95 -14.04
CA GLY B 117 -17.86 -32.02 -13.41
C GLY B 117 -16.42 -31.62 -13.11
N VAL B 118 -15.75 -31.07 -14.10
CA VAL B 118 -14.36 -30.63 -13.97
C VAL B 118 -14.24 -29.50 -12.96
N ALA B 119 -15.17 -28.55 -13.01
CA ALA B 119 -15.13 -27.40 -12.10
C ALA B 119 -15.29 -27.87 -10.65
N ASP B 120 -16.28 -28.74 -10.43
CA ASP B 120 -16.53 -29.35 -9.13
C ASP B 120 -15.31 -30.11 -8.61
N GLU B 121 -14.68 -30.87 -9.49
CA GLU B 121 -13.53 -31.67 -9.10
C GLU B 121 -12.37 -30.80 -8.62
N PHE B 122 -12.15 -29.67 -9.30
CA PHE B 122 -11.08 -28.78 -8.85
C PHE B 122 -11.37 -28.20 -7.48
N VAL B 123 -12.60 -27.77 -7.26
CA VAL B 123 -12.92 -27.14 -5.98
C VAL B 123 -12.74 -28.15 -4.84
N GLU B 124 -13.17 -29.39 -5.06
CA GLU B 124 -12.96 -30.43 -4.06
C GLU B 124 -11.48 -30.65 -3.80
N ALA B 125 -10.68 -30.68 -4.86
CA ALA B 125 -9.26 -30.94 -4.74
C ALA B 125 -8.54 -29.82 -4.00
N GLN B 126 -8.97 -28.58 -4.23
CA GLN B 126 -8.37 -27.43 -3.59
C GLN B 126 -8.73 -27.40 -2.11
N ILE B 127 -10.01 -27.63 -1.82
CA ILE B 127 -10.41 -27.58 -0.43
C ILE B 127 -9.83 -28.77 0.36
N ASN B 128 -9.79 -29.97 -0.21
CA ASN B 128 -9.31 -31.11 0.58
C ASN B 128 -7.79 -31.28 0.56
N GLY B 129 -7.10 -30.49 -0.26
CA GLY B 129 -5.64 -30.50 -0.26
C GLY B 129 -4.95 -31.43 -1.26
N ALA B 130 -5.71 -31.97 -2.21
CA ALA B 130 -5.11 -32.78 -3.27
C ALA B 130 -4.26 -31.88 -4.16
N VAL B 131 -4.68 -30.63 -4.31
CA VAL B 131 -3.88 -29.61 -4.99
C VAL B 131 -3.78 -28.37 -4.10
N TYR B 132 -2.89 -27.47 -4.47
CA TYR B 132 -2.69 -26.25 -3.69
C TYR B 132 -2.59 -25.08 -4.64
N LEU B 133 -3.68 -24.32 -4.72
CA LEU B 133 -3.72 -23.07 -5.48
C LEU B 133 -2.90 -22.02 -4.73
N HIS B 134 -1.82 -21.55 -5.33
CA HIS B 134 -0.97 -20.55 -4.68
C HIS B 134 -1.57 -19.15 -4.78
N ASP B 135 -1.16 -18.26 -3.88
CA ASP B 135 -1.73 -16.91 -3.76
C ASP B 135 -3.25 -16.93 -3.90
N ARG B 136 -3.91 -17.82 -3.16
CA ARG B 136 -5.31 -18.13 -3.44
C ARG B 136 -6.22 -16.94 -3.21
N HIS B 137 -5.81 -16.05 -2.31
N HIS B 137 -5.79 -16.04 -2.32
CA HIS B 137 -6.59 -14.84 -2.01
CA HIS B 137 -6.58 -14.85 -2.00
C HIS B 137 -6.57 -13.84 -3.16
C HIS B 137 -6.53 -13.82 -3.13
N HIS B 138 -5.66 -14.06 -4.10
CA HIS B 138 -5.48 -13.16 -5.25
C HIS B 138 -5.80 -13.79 -6.59
N ALA B 139 -6.15 -15.07 -6.59
CA ALA B 139 -6.03 -15.89 -7.79
C ALA B 139 -6.95 -15.48 -8.94
N ALA B 140 -8.09 -14.87 -8.64
CA ALA B 140 -8.97 -14.40 -9.71
C ALA B 140 -8.88 -12.90 -9.91
N LEU B 141 -7.82 -12.29 -9.38
CA LEU B 141 -7.71 -10.84 -9.39
C LEU B 141 -6.44 -10.32 -10.04
N MSE B 142 -5.31 -10.95 -9.75
CA MSE B 142 -4.05 -10.52 -10.35
C MSE B 142 -3.07 -11.68 -10.45
O MSE B 142 -3.28 -12.74 -9.84
CB MSE B 142 -3.46 -9.33 -9.56
CG MSE B 142 -3.21 -9.53 -8.10
SE MSE B 142 -2.80 -7.80 -7.22
CE MSE B 142 -2.19 -8.59 -5.56
N PRO B 143 -2.02 -11.52 -11.29
CA PRO B 143 -1.11 -12.64 -11.53
C PRO B 143 0.00 -12.76 -10.51
N TYR B 144 0.84 -13.78 -10.68
CA TYR B 144 1.84 -14.13 -9.68
C TYR B 144 3.13 -13.32 -9.79
N CYS B 145 3.92 -13.50 -10.84
CA CYS B 145 5.24 -12.86 -10.84
C CYS B 145 5.83 -12.58 -12.21
N PHE B 146 6.93 -11.85 -12.19
CA PHE B 146 7.67 -11.52 -13.41
C PHE B 146 9.04 -10.98 -13.05
N ALA B 147 10.02 -11.29 -13.90
CA ALA B 147 11.34 -10.70 -13.80
C ALA B 147 11.47 -9.67 -14.90
N TYR B 148 11.43 -8.40 -14.52
CA TYR B 148 11.30 -7.30 -15.47
C TYR B 148 12.62 -6.83 -16.03
N THR B 149 12.58 -6.27 -17.23
CA THR B 149 13.65 -5.39 -17.68
C THR B 149 13.25 -3.96 -17.32
N LEU B 150 14.23 -3.12 -17.00
CA LEU B 150 13.94 -1.74 -16.62
C LEU B 150 13.95 -0.82 -17.84
N LYS B 151 14.13 -1.39 -19.03
CA LYS B 151 14.13 -0.61 -20.27
C LYS B 151 12.90 0.29 -20.43
N PRO B 152 11.67 -0.23 -20.15
CA PRO B 152 10.51 0.66 -20.28
C PRO B 152 10.49 1.77 -19.25
N ILE B 153 11.02 1.51 -18.05
CA ILE B 153 11.09 2.55 -17.03
C ILE B 153 12.09 3.62 -17.47
N VAL B 154 13.25 3.19 -17.97
CA VAL B 154 14.25 4.16 -18.41
C VAL B 154 13.74 4.99 -19.59
N GLU B 155 13.02 4.34 -20.50
CA GLU B 155 12.60 5.02 -21.72
C GLU B 155 11.28 5.79 -21.60
N LYS B 156 10.37 5.35 -20.73
CA LYS B 156 9.04 5.94 -20.68
C LYS B 156 8.64 6.49 -19.30
N GLY B 157 9.48 6.28 -18.30
CA GLY B 157 9.20 6.78 -16.96
C GLY B 157 8.27 5.86 -16.17
N LEU B 158 7.13 6.39 -15.76
CA LEU B 158 6.15 5.59 -15.01
C LEU B 158 4.80 5.64 -15.71
N PRO B 159 4.73 5.08 -16.92
CA PRO B 159 3.54 5.23 -17.77
C PRO B 159 2.30 4.53 -17.21
N PHE B 160 2.49 3.60 -16.28
CA PHE B 160 1.38 2.86 -15.67
C PHE B 160 0.65 3.69 -14.62
N ILE B 161 1.22 4.87 -14.31
CA ILE B 161 0.53 5.85 -13.48
C ILE B 161 -0.03 6.89 -14.43
N LYS B 162 -1.36 6.95 -14.52
CA LYS B 162 -2.04 7.70 -15.56
C LYS B 162 -2.51 9.08 -15.11
N THR B 163 -2.47 9.32 -13.80
CA THR B 163 -3.03 10.54 -13.23
C THR B 163 -2.03 11.69 -13.27
N ILE B 164 -0.80 11.37 -13.66
CA ILE B 164 0.24 12.36 -13.87
C ILE B 164 1.18 11.81 -14.93
N LYS B 165 1.76 12.67 -15.75
CA LYS B 165 2.72 12.19 -16.73
C LYS B 165 4.11 12.47 -16.21
N SER B 166 4.86 11.39 -15.97
CA SER B 166 6.20 11.51 -15.42
C SER B 166 7.21 11.44 -16.55
N GLU B 167 8.14 12.39 -16.59
CA GLU B 167 9.23 12.31 -17.57
C GLU B 167 10.18 11.18 -17.20
N PRO B 168 10.77 10.51 -18.21
CA PRO B 168 11.82 9.53 -17.96
C PRO B 168 12.95 10.17 -17.16
N ALA B 169 13.61 9.38 -16.31
CA ALA B 169 14.72 9.88 -15.50
C ALA B 169 15.83 10.44 -16.36
N LYS B 170 16.43 11.55 -15.92
CA LYS B 170 17.57 12.11 -16.61
C LYS B 170 18.84 11.97 -15.78
N HIS B 171 18.69 11.59 -14.52
CA HIS B 171 19.82 11.50 -13.61
C HIS B 171 19.68 10.31 -12.70
N LEU B 172 20.78 9.91 -12.07
CA LEU B 172 20.80 8.70 -11.24
C LEU B 172 19.79 8.76 -10.09
N SER B 173 19.67 9.92 -9.45
CA SER B 173 18.77 10.03 -8.31
C SER B 173 17.32 9.79 -8.71
N THR B 174 16.92 10.32 -9.86
CA THR B 174 15.56 10.10 -10.33
C THR B 174 15.36 8.66 -10.84
N PHE B 175 16.39 8.09 -11.44
CA PHE B 175 16.32 6.69 -11.85
C PHE B 175 16.07 5.80 -10.64
N ILE B 176 16.81 6.03 -9.56
CA ILE B 176 16.64 5.25 -8.34
C ILE B 176 15.22 5.41 -7.79
N GLN B 177 14.73 6.64 -7.76
CA GLN B 177 13.36 6.92 -7.34
C GLN B 177 12.36 6.11 -8.16
N HIS B 178 12.52 6.15 -9.48
CA HIS B 178 11.62 5.44 -10.36
C HIS B 178 11.65 3.92 -10.13
N VAL B 179 12.84 3.39 -9.88
CA VAL B 179 12.96 1.95 -9.62
C VAL B 179 12.21 1.60 -8.32
N ILE B 180 12.41 2.40 -7.28
CA ILE B 180 11.72 2.15 -6.01
C ILE B 180 10.21 2.21 -6.21
N GLN B 181 9.75 3.25 -6.90
CA GLN B 181 8.32 3.41 -7.15
C GLN B 181 7.76 2.27 -7.99
N PHE B 182 8.51 1.85 -9.00
CA PHE B 182 8.09 0.72 -9.83
C PHE B 182 7.94 -0.55 -9.00
N VAL B 183 8.91 -0.83 -8.12
CA VAL B 183 8.83 -2.00 -7.26
C VAL B 183 7.58 -1.96 -6.38
N MSE B 184 7.31 -0.80 -5.79
CA MSE B 184 6.16 -0.67 -4.90
C MSE B 184 4.86 -0.82 -5.69
O MSE B 184 3.93 -1.48 -5.25
CB MSE B 184 6.19 0.66 -4.15
CG MSE B 184 7.45 0.83 -3.28
SE MSE B 184 7.69 -0.63 -2.01
CE MSE B 184 9.64 -0.62 -1.90
N PHE B 185 4.82 -0.19 -6.87
CA PHE B 185 3.67 -0.31 -7.75
C PHE B 185 3.46 -1.76 -8.17
N ALA B 186 4.52 -2.39 -8.67
CA ALA B 186 4.39 -3.75 -9.22
C ALA B 186 4.02 -4.74 -8.12
N SER B 187 4.48 -4.48 -6.90
CA SER B 187 4.18 -5.38 -5.79
C SER B 187 2.70 -5.33 -5.39
N ASN B 188 1.98 -4.31 -5.86
CA ASN B 188 0.54 -4.23 -5.62
C ASN B 188 -0.28 -4.60 -6.86
N GLN B 189 0.41 -5.09 -7.89
CA GLN B 189 -0.22 -5.54 -9.14
C GLN B 189 0.03 -7.02 -9.35
N SER B 190 0.72 -7.63 -8.40
CA SER B 190 1.08 -9.04 -8.49
C SER B 190 1.24 -9.62 -7.09
N SER B 191 1.26 -10.94 -7.00
CA SER B 191 1.36 -11.62 -5.70
C SER B 191 2.80 -11.94 -5.27
N GLY B 192 3.68 -12.11 -6.25
CA GLY B 192 4.99 -12.71 -6.00
C GLY B 192 6.15 -11.78 -6.25
N ALA B 193 7.27 -12.35 -6.68
CA ALA B 193 8.51 -11.58 -6.78
C ALA B 193 8.47 -10.50 -7.86
N VAL B 194 9.14 -9.38 -7.55
CA VAL B 194 9.45 -8.38 -8.55
C VAL B 194 10.93 -8.57 -8.87
N GLY B 195 11.23 -9.22 -9.99
CA GLY B 195 12.63 -9.46 -10.33
C GLY B 195 13.22 -8.29 -11.10
N LEU B 196 14.45 -7.92 -10.76
CA LEU B 196 15.16 -6.86 -11.46
C LEU B 196 16.53 -7.31 -11.97
N PRO B 197 16.56 -8.33 -12.88
CA PRO B 197 17.85 -8.90 -13.27
C PRO B 197 18.78 -7.95 -14.01
N ASP B 198 18.26 -6.93 -14.71
CA ASP B 198 19.16 -6.05 -15.44
C ASP B 198 19.30 -4.67 -14.81
N PHE B 199 18.98 -4.59 -13.52
CA PHE B 199 19.10 -3.33 -12.80
C PHE B 199 20.43 -2.61 -13.04
N PHE B 200 21.55 -3.33 -12.98
CA PHE B 200 22.87 -2.68 -13.07
C PHE B 200 23.24 -2.29 -14.50
N VAL B 201 22.68 -2.97 -15.48
CA VAL B 201 22.79 -2.54 -16.87
C VAL B 201 22.30 -1.09 -17.01
N TRP B 202 21.14 -0.81 -16.45
CA TRP B 202 20.56 0.52 -16.61
C TRP B 202 21.09 1.53 -15.60
N MSE B 203 21.46 1.07 -14.41
CA MSE B 203 22.05 2.00 -13.45
C MSE B 203 23.36 2.56 -13.95
O MSE B 203 23.66 3.74 -13.75
CB MSE B 203 22.26 1.35 -12.08
CG MSE B 203 22.76 2.36 -11.06
SE MSE B 203 23.15 1.67 -9.29
CE MSE B 203 24.15 3.19 -8.57
N TRP B 204 24.14 1.71 -14.62
CA TRP B 204 25.42 2.15 -15.17
C TRP B 204 25.26 3.35 -16.08
N TYR B 205 24.22 3.34 -16.91
CA TYR B 205 24.02 4.42 -17.86
C TYR B 205 23.89 5.78 -17.17
N PHE B 206 23.24 5.80 -16.01
CA PHE B 206 23.04 7.06 -15.28
C PHE B 206 24.24 7.45 -14.44
N VAL B 207 25.01 6.46 -13.99
CA VAL B 207 26.27 6.74 -13.31
C VAL B 207 27.23 7.46 -14.25
N LYS B 208 27.35 6.92 -15.46
CA LYS B 208 28.20 7.51 -16.50
C LYS B 208 27.71 8.92 -16.88
N LYS B 209 26.39 9.05 -17.01
CA LYS B 209 25.78 10.30 -17.43
C LYS B 209 26.01 11.41 -16.42
N ASP B 210 25.76 11.12 -15.15
CA ASP B 210 25.92 12.11 -14.08
C ASP B 210 27.37 12.52 -13.87
N LEU B 211 28.29 11.59 -14.10
CA LEU B 211 29.71 11.88 -14.00
C LEU B 211 30.12 12.86 -15.11
N LYS B 212 29.66 12.58 -16.32
CA LYS B 212 29.96 13.42 -17.48
C LYS B 212 29.43 14.84 -17.36
N GLU B 213 28.27 15.01 -16.73
CA GLU B 213 27.63 16.31 -16.64
C GLU B 213 28.04 17.07 -15.37
N GLY B 214 29.01 16.54 -14.65
CA GLY B 214 29.53 17.22 -13.48
C GLY B 214 28.61 17.26 -12.28
N ILE B 215 27.59 16.40 -12.29
CA ILE B 215 26.68 16.25 -11.16
C ILE B 215 27.47 15.71 -9.98
N ILE B 216 28.36 14.78 -10.28
CA ILE B 216 29.18 14.13 -9.27
C ILE B 216 30.56 14.73 -9.18
N PRO B 217 30.94 15.20 -7.99
CA PRO B 217 32.37 15.47 -7.77
C PRO B 217 33.14 14.16 -7.92
N ARG B 218 33.87 14.00 -9.02
CA ARG B 218 34.54 12.74 -9.37
C ARG B 218 35.41 12.18 -8.24
N ASP B 219 35.81 13.06 -7.32
CA ASP B 219 36.49 12.65 -6.10
C ASP B 219 35.55 11.87 -5.18
N LYS B 220 34.24 12.10 -5.30
CA LYS B 220 33.25 11.43 -4.48
C LYS B 220 32.44 10.43 -5.29
N LEU B 221 32.97 9.99 -6.42
CA LEU B 221 32.25 9.08 -7.31
C LEU B 221 31.78 7.80 -6.62
N ASP B 222 32.68 7.14 -5.90
CA ASP B 222 32.31 5.89 -5.25
C ASP B 222 31.36 6.14 -4.07
N TRP B 223 31.57 7.23 -3.34
CA TRP B 223 30.66 7.60 -2.26
C TRP B 223 29.25 7.80 -2.82
N TYR B 224 29.18 8.53 -3.93
CA TYR B 224 27.94 8.83 -4.64
C TYR B 224 27.19 7.58 -5.10
N ILE B 225 27.90 6.67 -5.76
CA ILE B 225 27.34 5.38 -6.15
C ILE B 225 26.78 4.64 -4.94
N GLU B 226 27.55 4.60 -3.86
CA GLU B 226 27.18 3.85 -2.66
C GLU B 226 26.02 4.50 -1.90
N GLN B 227 25.93 5.83 -1.96
CA GLN B 227 24.78 6.53 -1.40
C GLN B 227 23.50 6.05 -2.07
N HIS B 228 23.56 5.84 -3.37
CA HIS B 228 22.39 5.39 -4.09
C HIS B 228 22.15 3.89 -3.87
N PHE B 229 23.24 3.12 -3.74
CA PHE B 229 23.12 1.73 -3.26
C PHE B 229 22.31 1.70 -1.97
N GLN B 230 22.68 2.59 -1.04
CA GLN B 230 22.06 2.62 0.28
C GLN B 230 20.59 3.01 0.22
N ILE B 231 20.29 4.10 -0.50
CA ILE B 231 18.91 4.56 -0.62
C ILE B 231 18.02 3.47 -1.23
N LEU B 232 18.49 2.84 -2.30
CA LEU B 232 17.71 1.79 -2.92
C LEU B 232 17.56 0.57 -1.99
N THR B 233 18.67 0.13 -1.43
CA THR B 233 18.64 -1.12 -0.66
C THR B 233 17.82 -0.97 0.62
N TYR B 234 18.03 0.11 1.37
CA TYR B 234 17.25 0.28 2.59
C TYR B 234 15.76 0.50 2.29
N SER B 235 15.46 1.19 1.19
CA SER B 235 14.06 1.37 0.80
C SER B 235 13.37 0.03 0.56
N LEU B 236 14.12 -0.92 0.03
CA LEU B 236 13.57 -2.22 -0.30
C LEU B 236 13.53 -3.16 0.91
N ASN B 237 13.91 -2.62 2.07
CA ASN B 237 13.85 -3.36 3.34
C ASN B 237 13.14 -2.57 4.44
N GLN B 238 12.52 -1.47 4.05
CA GLN B 238 11.75 -0.63 4.96
C GLN B 238 10.28 -0.63 4.57
N PRO B 239 9.54 -1.64 5.02
CA PRO B 239 8.14 -1.80 4.58
C PRO B 239 7.26 -0.63 5.04
N ILE B 240 6.48 -0.11 4.11
CA ILE B 240 5.53 0.96 4.39
C ILE B 240 4.24 0.38 4.96
N ARG B 241 3.80 -0.74 4.41
CA ARG B 241 2.68 -1.52 4.96
C ARG B 241 3.17 -2.91 5.35
N THR B 242 2.49 -3.52 6.32
CA THR B 242 2.84 -4.84 6.86
C THR B 242 4.23 -4.88 7.46
N THR B 243 4.62 -6.07 7.91
CA THR B 243 5.91 -6.26 8.55
C THR B 243 6.97 -6.74 7.55
N GLN B 244 6.59 -6.85 6.29
CA GLN B 244 7.51 -7.38 5.29
C GLN B 244 7.52 -6.55 3.99
N SER B 245 8.73 -6.32 3.48
CA SER B 245 8.93 -5.63 2.22
C SER B 245 8.49 -6.48 1.03
N PRO B 246 8.26 -5.85 -0.13
CA PRO B 246 8.03 -6.64 -1.35
C PRO B 246 9.18 -7.59 -1.59
N TYR B 247 8.91 -8.74 -2.20
CA TYR B 247 9.97 -9.68 -2.53
C TYR B 247 10.66 -9.24 -3.82
N THR B 248 11.93 -8.86 -3.73
CA THR B 248 12.67 -8.41 -4.89
C THR B 248 13.90 -9.27 -5.14
N ASN B 249 14.30 -9.35 -6.41
CA ASN B 249 15.51 -10.07 -6.82
C ASN B 249 16.48 -9.21 -7.60
N PHE B 250 17.76 -9.35 -7.28
CA PHE B 250 18.84 -8.87 -8.14
C PHE B 250 19.56 -10.06 -8.75
N THR B 251 20.10 -9.88 -9.96
CA THR B 251 20.98 -10.88 -10.57
C THR B 251 22.32 -10.26 -10.98
N TYR B 252 23.41 -10.90 -10.56
CA TYR B 252 24.70 -10.59 -11.15
C TYR B 252 24.75 -11.32 -12.49
N LEU B 253 24.64 -10.57 -13.57
CA LEU B 253 24.71 -11.18 -14.90
C LEU B 253 26.18 -11.33 -15.27
N ASP B 254 26.63 -12.54 -15.60
CA ASP B 254 28.04 -12.67 -15.99
C ASP B 254 28.21 -12.10 -17.39
N ARG B 255 29.44 -12.09 -17.91
CA ARG B 255 29.71 -11.41 -19.19
C ARG B 255 29.00 -12.08 -20.35
N ASN B 256 28.82 -13.40 -20.25
CA ASN B 256 28.12 -14.15 -21.28
C ASN B 256 26.66 -13.75 -21.36
N TYR B 257 26.02 -13.61 -20.20
CA TYR B 257 24.61 -13.21 -20.15
C TYR B 257 24.42 -11.79 -20.64
N ILE B 258 25.32 -10.88 -20.28
CA ILE B 258 25.17 -9.49 -20.70
C ILE B 258 25.28 -9.39 -22.23
N LYS B 259 26.26 -10.07 -22.81
CA LYS B 259 26.46 -10.05 -24.26
C LYS B 259 25.29 -10.70 -25.00
N ALA B 260 24.78 -11.80 -24.47
CA ALA B 260 23.70 -12.55 -25.11
C ALA B 260 22.39 -11.79 -25.05
N ILE B 261 22.03 -11.34 -23.86
CA ILE B 261 20.75 -10.65 -23.65
C ILE B 261 20.67 -9.33 -24.41
N PHE B 262 21.76 -8.55 -24.41
CA PHE B 262 21.68 -7.18 -24.90
C PHE B 262 22.39 -6.95 -26.22
N GLU B 263 22.63 -8.02 -26.97
CA GLU B 263 23.16 -7.90 -28.32
C GLU B 263 22.26 -6.97 -29.15
N GLY B 264 22.85 -5.94 -29.73
CA GLY B 264 22.12 -5.01 -30.57
C GLY B 264 21.32 -3.95 -29.82
N GLU B 265 21.17 -4.10 -28.51
CA GLU B 265 20.38 -3.16 -27.73
C GLU B 265 21.15 -1.87 -27.44
N ARG B 266 20.42 -0.77 -27.29
CA ARG B 266 21.06 0.53 -27.13
C ARG B 266 20.51 1.36 -25.98
N TYR B 267 21.40 2.12 -25.35
CA TYR B 267 21.06 3.08 -24.30
C TYR B 267 20.35 4.29 -24.92
N PRO B 268 19.73 5.14 -24.08
CA PRO B 268 19.08 6.33 -24.63
C PRO B 268 19.99 7.29 -25.40
N ASP B 269 21.30 7.25 -25.13
CA ASP B 269 22.21 8.11 -25.88
C ASP B 269 22.60 7.48 -27.23
N GLY B 270 22.14 6.25 -27.46
CA GLY B 270 22.36 5.60 -28.73
C GLY B 270 23.56 4.68 -28.76
N SER B 271 24.33 4.65 -27.67
CA SER B 271 25.48 3.75 -27.59
C SER B 271 25.03 2.32 -27.36
N LEU B 272 25.77 1.38 -27.92
CA LEU B 272 25.50 -0.04 -27.72
C LEU B 272 25.75 -0.44 -26.28
N ILE B 273 24.79 -1.14 -25.68
CA ILE B 273 24.94 -1.62 -24.32
C ILE B 273 26.15 -2.58 -24.21
N THR B 274 26.36 -3.43 -25.21
CA THR B 274 27.48 -4.39 -25.15
C THR B 274 28.85 -3.71 -25.26
N ASP B 275 28.88 -2.41 -25.56
CA ASP B 275 30.14 -1.67 -25.51
C ASP B 275 30.52 -1.32 -24.07
N HIS B 276 29.63 -1.62 -23.13
CA HIS B 276 29.85 -1.27 -21.73
C HIS B 276 29.87 -2.48 -20.80
N VAL B 277 30.15 -3.65 -21.36
CA VAL B 277 30.15 -4.87 -20.57
C VAL B 277 31.05 -4.77 -19.34
N GLU B 278 32.28 -4.29 -19.51
CA GLU B 278 33.20 -4.24 -18.37
C GLU B 278 32.73 -3.25 -17.32
N ASP B 279 32.16 -2.12 -17.74
CA ASP B 279 31.64 -1.12 -16.81
C ASP B 279 30.45 -1.65 -16.02
N ILE B 280 29.62 -2.45 -16.69
CA ILE B 280 28.45 -3.04 -16.02
C ILE B 280 28.92 -4.08 -15.02
N ILE B 281 29.89 -4.90 -15.41
CA ILE B 281 30.45 -5.92 -14.53
C ILE B 281 31.06 -5.25 -13.29
N ALA B 282 31.78 -4.16 -13.50
CA ALA B 282 32.43 -3.45 -12.41
C ALA B 282 31.40 -2.86 -11.43
N LEU B 283 30.30 -2.35 -11.94
CA LEU B 283 29.26 -1.81 -11.09
C LEU B 283 28.59 -2.92 -10.28
N GLN B 284 28.35 -4.07 -10.92
CA GLN B 284 27.79 -5.23 -10.22
C GLN B 284 28.71 -5.66 -9.07
N LYS B 285 30.00 -5.77 -9.36
CA LYS B 285 30.96 -6.15 -8.32
C LYS B 285 30.95 -5.14 -7.17
N HIS B 286 30.87 -3.87 -7.51
CA HIS B 286 30.81 -2.80 -6.51
C HIS B 286 29.62 -3.01 -5.57
N TYR B 287 28.47 -3.34 -6.12
CA TYR B 287 27.29 -3.54 -5.28
C TYR B 287 27.45 -4.75 -4.36
N TRP B 288 27.99 -5.83 -4.92
CA TRP B 288 28.13 -7.06 -4.16
C TRP B 288 29.12 -6.85 -3.02
N GLU B 289 30.19 -6.12 -3.29
CA GLU B 289 31.16 -5.76 -2.25
C GLU B 289 30.52 -4.85 -1.19
N TRP B 290 29.80 -3.83 -1.65
CA TRP B 290 29.14 -2.90 -0.75
C TRP B 290 28.14 -3.64 0.16
N VAL B 291 27.38 -4.54 -0.42
CA VAL B 291 26.38 -5.32 0.32
C VAL B 291 27.04 -6.14 1.41
N SER B 292 28.15 -6.78 1.07
CA SER B 292 28.84 -7.66 2.00
C SER B 292 29.35 -6.84 3.19
N ARG B 293 29.83 -5.64 2.92
CA ARG B 293 30.27 -4.78 4.02
C ARG B 293 29.09 -4.25 4.81
N GLU B 294 27.99 -3.96 4.14
CA GLU B 294 26.86 -3.28 4.79
C GLU B 294 26.16 -4.14 5.83
N ARG B 295 26.18 -5.46 5.66
CA ARG B 295 25.49 -6.35 6.60
C ARG B 295 26.01 -6.21 8.04
N GLU B 296 27.28 -5.85 8.17
CA GLU B 296 27.88 -5.61 9.48
C GLU B 296 27.19 -4.44 10.19
N ARG B 297 26.82 -3.43 9.40
CA ARG B 297 26.13 -2.25 9.92
C ARG B 297 24.68 -2.56 10.24
N GLN B 298 24.06 -3.35 9.36
CA GLN B 298 22.66 -3.71 9.50
C GLN B 298 22.32 -4.88 8.59
N MSE B 299 21.70 -5.91 9.15
CA MSE B 299 21.31 -7.08 8.36
C MSE B 299 20.01 -6.80 7.62
O MSE B 299 19.11 -6.15 8.15
CB MSE B 299 21.17 -8.30 9.27
CG MSE B 299 20.93 -9.60 8.52
SE MSE B 299 22.36 -10.01 7.28
CE MSE B 299 21.56 -11.54 6.33
N PHE B 300 19.90 -7.31 6.39
CA PHE B 300 18.69 -7.12 5.59
C PHE B 300 18.53 -8.31 4.66
N THR B 301 17.31 -8.47 4.14
CA THR B 301 16.95 -9.59 3.29
C THR B 301 17.09 -9.28 1.82
N PHE B 302 16.65 -8.09 1.42
CA PHE B 302 16.40 -7.80 0.02
C PHE B 302 17.38 -6.80 -0.58
N PRO B 303 17.57 -6.83 -1.90
CA PRO B 303 17.06 -7.83 -2.85
C PRO B 303 17.77 -9.15 -2.67
N VAL B 304 17.05 -10.25 -2.92
CA VAL B 304 17.66 -11.56 -2.90
C VAL B 304 18.72 -11.62 -4.00
N LEU B 305 19.92 -12.07 -3.65
CA LEU B 305 21.04 -12.05 -4.59
C LEU B 305 21.27 -13.39 -5.29
N THR B 306 21.29 -13.35 -6.61
CA THR B 306 21.64 -14.49 -7.45
C THR B 306 22.76 -14.09 -8.40
N ALA B 307 23.69 -14.99 -8.66
CA ALA B 307 24.66 -14.79 -9.73
C ALA B 307 24.40 -15.81 -10.84
N SER B 308 24.25 -15.33 -12.08
CA SER B 308 23.98 -16.22 -13.22
C SER B 308 25.26 -16.47 -14.01
N LEU B 309 25.72 -17.70 -13.97
CA LEU B 309 26.99 -18.08 -14.60
C LEU B 309 26.78 -19.10 -15.70
N LEU B 310 27.41 -18.88 -16.85
CA LEU B 310 27.45 -19.87 -17.91
C LEU B 310 28.58 -20.86 -17.64
N TYR B 311 28.23 -22.14 -17.59
CA TYR B 311 29.19 -23.19 -17.27
C TYR B 311 29.06 -24.35 -18.25
N LYS B 312 30.13 -24.64 -18.97
CA LYS B 312 30.14 -25.70 -19.97
C LYS B 312 31.42 -26.51 -19.90
N ASP B 313 31.28 -27.83 -19.98
CA ASP B 313 32.42 -28.74 -20.09
C ASP B 313 33.48 -28.49 -19.03
N GLY B 314 33.03 -28.42 -17.78
CA GLY B 314 33.93 -28.33 -16.65
C GLY B 314 34.52 -26.96 -16.38
N LYS B 315 34.02 -25.93 -17.05
CA LYS B 315 34.56 -24.60 -16.79
C LYS B 315 33.56 -23.45 -16.91
N PHE B 316 33.79 -22.43 -16.11
CA PHE B 316 33.05 -21.18 -16.20
C PHE B 316 33.57 -20.41 -17.40
N LEU B 317 32.67 -20.00 -18.29
CA LEU B 317 33.10 -19.27 -19.47
C LEU B 317 33.46 -17.84 -19.09
N ASP B 318 32.89 -17.37 -17.98
CA ASP B 318 33.34 -16.12 -17.37
C ASP B 318 33.97 -16.43 -16.01
N GLU B 319 35.20 -16.90 -16.02
CA GLU B 319 35.86 -17.35 -14.79
C GLU B 319 36.13 -16.20 -13.83
N ASP B 320 36.41 -15.01 -14.37
CA ASP B 320 36.63 -13.84 -13.54
C ASP B 320 35.42 -13.59 -12.64
N SER B 321 34.24 -13.60 -13.24
CA SER B 321 33.02 -13.37 -12.46
C SER B 321 32.77 -14.50 -11.47
N ALA B 322 33.00 -15.73 -11.91
CA ALA B 322 32.79 -16.87 -11.03
C ALA B 322 33.71 -16.80 -9.81
N ARG B 323 34.97 -16.46 -10.04
CA ARG B 323 35.90 -16.37 -8.93
C ARG B 323 35.55 -15.18 -8.02
N PHE B 324 35.01 -14.11 -8.61
CA PHE B 324 34.55 -12.98 -7.81
C PHE B 324 33.42 -13.37 -6.86
N ILE B 325 32.39 -14.03 -7.39
CA ILE B 325 31.25 -14.42 -6.57
C ILE B 325 31.71 -15.37 -5.47
N ASN B 326 32.57 -16.32 -5.83
CA ASN B 326 33.13 -17.27 -4.89
C ASN B 326 33.83 -16.53 -3.74
N LYS B 327 34.61 -15.52 -4.10
CA LYS B 327 35.35 -14.72 -3.14
C LYS B 327 34.44 -13.93 -2.19
N ILE B 328 33.48 -13.21 -2.76
N ILE B 328 33.50 -13.17 -2.74
CA ILE B 328 32.64 -12.32 -1.95
CA ILE B 328 32.65 -12.33 -1.91
C ILE B 328 31.64 -13.11 -1.10
C ILE B 328 31.76 -13.19 -1.01
N ASN B 329 31.29 -14.30 -1.56
CA ASN B 329 30.42 -15.21 -0.79
C ASN B 329 31.10 -15.78 0.46
N MSE B 330 32.43 -15.73 0.51
CA MSE B 330 33.16 -16.32 1.63
C MSE B 330 32.69 -15.80 2.99
O MSE B 330 32.69 -16.54 3.97
CB MSE B 330 34.67 -16.10 1.48
CG MSE B 330 35.31 -16.84 0.33
SE MSE B 330 35.46 -18.77 0.62
CE MSE B 330 36.81 -18.77 2.04
N LYS B 331 32.28 -14.54 3.04
CA LYS B 331 31.87 -13.92 4.29
C LYS B 331 30.49 -14.38 4.76
N TRP B 332 29.46 -14.14 3.95
CA TRP B 332 28.07 -14.41 4.37
C TRP B 332 27.38 -15.53 3.62
N GLN B 333 28.00 -16.01 2.53
CA GLN B 333 27.33 -16.88 1.57
C GLN B 333 25.95 -16.35 1.23
N ASP B 334 25.86 -15.05 0.97
CA ASP B 334 24.57 -14.39 0.78
C ASP B 334 24.10 -14.37 -0.68
N THR B 335 24.86 -15.02 -1.57
CA THR B 335 24.48 -15.06 -2.98
C THR B 335 24.19 -16.49 -3.44
N ASN B 336 23.05 -16.68 -4.10
CA ASN B 336 22.69 -17.97 -4.70
C ASN B 336 23.36 -18.18 -6.06
N TRP B 337 23.87 -19.38 -6.30
CA TRP B 337 24.50 -19.73 -7.57
C TRP B 337 23.49 -20.24 -8.60
N TYR B 338 23.37 -19.52 -9.72
CA TYR B 338 22.60 -20.02 -10.85
C TYR B 338 23.60 -20.55 -11.87
N ILE B 339 23.43 -21.81 -12.28
CA ILE B 339 24.33 -22.43 -13.25
C ILE B 339 23.54 -22.83 -14.48
N SER B 340 24.01 -22.46 -15.66
CA SER B 340 23.38 -22.86 -16.92
C SER B 340 24.43 -23.26 -17.94
N ASP B 341 24.10 -24.23 -18.80
CA ASP B 341 25.05 -24.68 -19.81
C ASP B 341 24.80 -24.04 -21.17
N SER B 342 23.91 -23.05 -21.22
CA SER B 342 23.58 -22.41 -22.49
C SER B 342 22.96 -21.04 -22.30
N ILE B 343 23.27 -20.11 -23.19
CA ILE B 343 22.61 -18.80 -23.18
C ILE B 343 21.56 -18.69 -24.29
N ASP B 344 21.27 -19.82 -24.94
CA ASP B 344 20.35 -19.84 -26.07
C ASP B 344 18.96 -19.30 -25.72
N ALA B 345 18.48 -19.61 -24.52
CA ALA B 345 17.13 -19.22 -24.12
C ALA B 345 16.99 -17.72 -23.86
N VAL B 346 18.10 -17.07 -23.51
CA VAL B 346 18.06 -15.65 -23.17
C VAL B 346 18.62 -14.75 -24.27
N ALA B 347 19.10 -15.37 -25.35
CA ALA B 347 19.66 -14.62 -26.47
C ALA B 347 18.58 -13.75 -27.14
N LYS B 371 6.34 -20.81 -28.12
CA LYS B 371 6.64 -21.83 -27.11
C LYS B 371 7.73 -21.36 -26.16
N LEU B 372 7.34 -21.03 -24.93
CA LEU B 372 8.21 -20.27 -24.04
C LEU B 372 9.38 -21.07 -23.50
N LYS B 373 10.57 -20.47 -23.54
CA LYS B 373 11.76 -21.03 -22.90
C LYS B 373 12.46 -19.96 -22.07
N GLY B 374 13.14 -20.38 -21.01
CA GLY B 374 13.75 -19.45 -20.07
C GLY B 374 13.43 -19.89 -18.66
N ARG B 375 14.36 -19.69 -17.72
CA ARG B 375 14.19 -20.23 -16.38
C ARG B 375 13.17 -19.47 -15.54
N MSE B 376 12.29 -20.23 -14.90
N MSE B 376 12.25 -20.22 -14.96
CA MSE B 376 11.31 -19.67 -13.98
CA MSE B 376 11.33 -19.69 -13.96
C MSE B 376 11.50 -20.32 -12.60
C MSE B 376 11.69 -20.33 -12.63
O MSE B 376 11.36 -21.52 -12.45
O MSE B 376 11.82 -21.55 -12.53
CB MSE B 376 9.90 -19.92 -14.51
CB MSE B 376 9.87 -19.97 -14.34
CG MSE B 376 8.79 -19.68 -13.51
CG MSE B 376 8.81 -19.56 -13.28
SE MSE B 376 8.80 -17.84 -12.91
SE MSE B 376 8.62 -20.77 -11.75
CE MSE B 376 8.64 -18.19 -11.00
CE MSE B 376 7.00 -20.06 -10.95
N ASN B 377 11.86 -19.50 -11.60
CA ASN B 377 12.16 -19.99 -10.26
C ASN B 377 11.56 -19.01 -9.26
N SER B 378 10.76 -19.51 -8.32
CA SER B 378 10.08 -18.62 -7.37
C SER B 378 11.02 -17.92 -6.39
N ILE B 379 12.23 -18.47 -6.22
CA ILE B 379 13.14 -17.97 -5.21
C ILE B 379 14.07 -16.89 -5.75
N GLY B 380 14.64 -17.16 -6.91
CA GLY B 380 15.53 -16.22 -7.56
C GLY B 380 16.06 -16.84 -8.83
N GLY B 381 16.73 -16.03 -9.64
CA GLY B 381 17.35 -16.50 -10.86
C GLY B 381 16.43 -16.68 -12.05
N SER B 382 15.17 -16.27 -11.94
CA SER B 382 14.31 -16.29 -13.14
C SER B 382 14.98 -15.41 -14.18
N ASP B 383 15.00 -15.87 -15.43
CA ASP B 383 15.62 -15.13 -16.50
C ASP B 383 14.86 -13.84 -16.79
N LEU B 384 15.57 -12.86 -17.35
CA LEU B 384 14.97 -11.60 -17.75
C LEU B 384 13.74 -11.82 -18.66
N ASN B 385 12.67 -11.09 -18.36
CA ASN B 385 11.41 -11.19 -19.09
C ASN B 385 10.81 -12.59 -19.05
N ILE B 386 10.91 -13.23 -17.90
CA ILE B 386 10.23 -14.49 -17.64
C ILE B 386 9.39 -14.37 -16.37
N GLY B 387 8.18 -14.91 -16.38
CA GLY B 387 7.42 -15.04 -15.16
C GLY B 387 6.47 -16.21 -15.17
N SER B 388 5.59 -16.25 -14.18
CA SER B 388 4.51 -17.22 -14.12
C SER B 388 3.25 -16.49 -13.70
N PHE B 389 2.13 -16.72 -14.37
CA PHE B 389 0.93 -16.01 -13.97
C PHE B 389 0.28 -16.69 -12.77
N LYS B 390 0.57 -17.96 -12.56
CA LYS B 390 0.03 -18.69 -11.42
C LYS B 390 0.71 -20.04 -11.28
N VAL B 391 0.90 -20.47 -10.03
CA VAL B 391 1.34 -21.83 -9.71
C VAL B 391 0.21 -22.60 -9.02
N ILE B 392 0.00 -23.84 -9.44
CA ILE B 392 -0.89 -24.74 -8.71
C ILE B 392 -0.12 -26.04 -8.50
N THR B 393 0.00 -26.46 -7.24
CA THR B 393 0.91 -27.52 -6.87
C THR B 393 0.16 -28.82 -6.64
N VAL B 394 0.74 -29.93 -7.12
CA VAL B 394 0.14 -31.22 -6.83
C VAL B 394 0.75 -31.78 -5.55
N ASN B 395 -0.13 -32.23 -4.67
CA ASN B 395 0.25 -32.86 -3.42
C ASN B 395 0.66 -34.30 -3.70
N LEU B 396 1.97 -34.54 -3.80
CA LEU B 396 2.44 -35.88 -4.12
C LEU B 396 2.22 -36.90 -2.98
N PRO B 397 2.41 -36.50 -1.71
CA PRO B 397 2.09 -37.49 -0.68
C PRO B 397 0.62 -37.94 -0.67
N ARG B 398 -0.30 -37.05 -1.03
CA ARG B 398 -1.70 -37.44 -1.14
C ARG B 398 -1.86 -38.59 -2.11
N ILE B 399 -1.20 -38.50 -3.27
CA ILE B 399 -1.31 -39.56 -4.27
C ILE B 399 -0.72 -40.87 -3.74
N ALA B 400 0.40 -40.79 -3.02
CA ALA B 400 0.95 -41.98 -2.40
C ALA B 400 -0.06 -42.64 -1.47
N LEU B 401 -0.73 -41.83 -0.66
CA LEU B 401 -1.74 -42.33 0.27
C LEU B 401 -2.91 -42.97 -0.48
N GLU B 402 -3.35 -42.34 -1.57
CA GLU B 402 -4.46 -42.86 -2.35
C GLU B 402 -4.13 -44.14 -3.09
N SER B 403 -2.88 -44.26 -3.52
CA SER B 403 -2.47 -45.36 -4.39
C SER B 403 -2.38 -46.70 -3.66
N GLY B 404 -2.21 -46.65 -2.35
CA GLY B 404 -2.05 -47.86 -1.57
C GLY B 404 -0.76 -48.62 -1.87
N GLY B 405 0.23 -47.93 -2.45
CA GLY B 405 1.51 -48.55 -2.76
C GLY B 405 1.62 -49.04 -4.20
N ASP B 406 0.51 -48.96 -4.92
CA ASP B 406 0.43 -49.34 -6.33
C ASP B 406 1.01 -48.24 -7.21
N ARG B 407 2.19 -48.48 -7.78
CA ARG B 407 2.88 -47.44 -8.56
C ARG B 407 2.17 -47.09 -9.87
N GLU B 408 1.49 -48.06 -10.48
CA GLU B 408 0.74 -47.79 -11.70
C GLU B 408 -0.50 -46.95 -11.42
N LYS B 409 -1.20 -47.28 -10.34
CA LYS B 409 -2.33 -46.48 -9.89
C LYS B 409 -1.87 -45.06 -9.56
N TYR B 410 -0.74 -44.96 -8.86
CA TYR B 410 -0.14 -43.66 -8.53
C TYR B 410 -0.01 -42.78 -9.77
N LEU B 411 0.61 -43.33 -10.83
CA LEU B 411 0.89 -42.53 -12.02
C LEU B 411 -0.40 -42.18 -12.75
N GLN B 412 -1.40 -43.06 -12.67
CA GLN B 412 -2.71 -42.77 -13.24
C GLN B 412 -3.35 -41.58 -12.52
N ILE B 413 -3.32 -41.60 -11.19
CA ILE B 413 -3.88 -40.49 -10.41
C ILE B 413 -3.10 -39.21 -10.69
N LEU B 414 -1.77 -39.35 -10.73
CA LEU B 414 -0.91 -38.21 -11.01
C LEU B 414 -1.25 -37.56 -12.34
N ARG B 415 -1.38 -38.36 -13.39
N ARG B 415 -1.34 -38.38 -13.39
CA ARG B 415 -1.63 -37.80 -14.72
CA ARG B 415 -1.68 -37.86 -14.72
C ARG B 415 -2.99 -37.12 -14.79
C ARG B 415 -2.98 -37.09 -14.71
N HIS B 416 -4.00 -37.71 -14.14
CA HIS B 416 -5.34 -37.10 -14.09
C HIS B 416 -5.30 -35.79 -13.31
N ARG B 417 -4.61 -35.79 -12.18
CA ARG B 417 -4.57 -34.59 -11.36
C ARG B 417 -3.78 -33.46 -12.03
N VAL B 418 -2.70 -33.81 -12.73
CA VAL B 418 -1.92 -32.79 -13.45
C VAL B 418 -2.77 -32.26 -14.60
N GLN B 419 -3.54 -33.14 -15.23
CA GLN B 419 -4.45 -32.67 -16.28
C GLN B 419 -5.50 -31.71 -15.72
N LEU B 420 -5.96 -31.98 -14.50
CA LEU B 420 -6.93 -31.11 -13.83
C LEU B 420 -6.29 -29.75 -13.50
N ILE B 421 -5.03 -29.79 -13.07
CA ILE B 421 -4.29 -28.56 -12.79
C ILE B 421 -4.10 -27.73 -14.06
N LYS B 422 -3.84 -28.37 -15.20
CA LYS B 422 -3.69 -27.61 -16.45
C LYS B 422 -4.97 -26.85 -16.79
N LYS B 423 -6.12 -27.50 -16.55
CA LYS B 423 -7.40 -26.88 -16.84
C LYS B 423 -7.63 -25.68 -15.93
N ALA B 424 -7.32 -25.84 -14.65
CA ALA B 424 -7.44 -24.76 -13.69
C ALA B 424 -6.50 -23.60 -14.04
N LEU B 425 -5.29 -23.92 -14.50
CA LEU B 425 -4.36 -22.88 -14.93
C LEU B 425 -4.89 -22.14 -16.16
N ALA B 426 -5.46 -22.89 -17.10
CA ALA B 426 -6.04 -22.28 -18.29
C ALA B 426 -7.18 -21.33 -17.92
N ALA B 427 -7.97 -21.74 -16.92
CA ALA B 427 -9.07 -20.91 -16.44
C ALA B 427 -8.56 -19.65 -15.75
N VAL B 428 -7.53 -19.80 -14.91
CA VAL B 428 -6.97 -18.63 -14.25
C VAL B 428 -6.42 -17.67 -15.31
N ARG B 429 -5.79 -18.22 -16.33
CA ARG B 429 -5.23 -17.38 -17.39
C ARG B 429 -6.32 -16.59 -18.12
N GLU B 430 -7.46 -17.23 -18.38
CA GLU B 430 -8.58 -16.55 -19.01
C GLU B 430 -9.13 -15.43 -18.12
N ILE B 431 -9.15 -15.66 -16.81
CA ILE B 431 -9.57 -14.62 -15.87
C ILE B 431 -8.57 -13.46 -15.87
N ILE B 432 -7.27 -13.76 -15.90
CA ILE B 432 -6.26 -12.70 -15.99
C ILE B 432 -6.45 -11.90 -17.28
N LYS B 433 -6.71 -12.59 -18.38
CA LYS B 433 -6.99 -11.92 -19.66
C LYS B 433 -8.21 -11.00 -19.54
N GLU B 434 -9.25 -11.46 -18.83
CA GLU B 434 -10.41 -10.62 -18.56
C GLU B 434 -10.02 -9.35 -17.79
N ARG B 435 -9.20 -9.51 -16.74
CA ARG B 435 -8.78 -8.37 -15.92
C ARG B 435 -7.98 -7.38 -16.75
N ILE B 436 -7.14 -7.89 -17.65
CA ILE B 436 -6.39 -7.04 -18.57
C ILE B 436 -7.34 -6.22 -19.44
N SER B 437 -8.32 -6.89 -20.05
CA SER B 437 -9.26 -6.20 -20.93
C SER B 437 -10.12 -5.20 -20.16
N GLU B 438 -10.29 -5.44 -18.86
CA GLU B 438 -11.07 -4.56 -18.00
C GLU B 438 -10.26 -3.36 -17.49
N GLY B 439 -9.02 -3.25 -17.97
CA GLY B 439 -8.17 -2.12 -17.63
C GLY B 439 -7.64 -2.15 -16.21
N LEU B 440 -7.60 -3.34 -15.59
CA LEU B 440 -7.24 -3.42 -14.18
C LEU B 440 -5.77 -3.73 -13.92
N LEU B 441 -5.05 -4.15 -14.96
CA LEU B 441 -3.67 -4.60 -14.80
C LEU B 441 -2.73 -3.85 -15.75
N PRO B 442 -2.45 -2.57 -15.44
CA PRO B 442 -1.70 -1.70 -16.35
C PRO B 442 -0.26 -2.14 -16.64
N LEU B 443 0.30 -3.04 -15.84
CA LEU B 443 1.65 -3.53 -16.14
C LEU B 443 1.68 -4.26 -17.49
N TYR B 444 0.55 -4.85 -17.86
CA TYR B 444 0.46 -5.54 -19.16
C TYR B 444 0.30 -4.55 -20.31
N GLU B 445 -0.55 -3.55 -20.12
CA GLU B 445 -0.79 -2.53 -21.14
C GLU B 445 0.48 -1.78 -21.47
N ASN B 446 1.34 -1.61 -20.47
CA ASN B 446 2.53 -0.80 -20.62
C ASN B 446 3.79 -1.61 -20.90
N GLY B 447 3.60 -2.88 -21.23
CA GLY B 447 4.68 -3.72 -21.72
C GLY B 447 5.78 -4.02 -20.70
N LEU B 448 5.41 -4.02 -19.43
CA LEU B 448 6.34 -4.38 -18.36
C LEU B 448 6.19 -5.85 -18.00
N MSE B 449 4.94 -6.26 -17.78
CA MSE B 449 4.59 -7.67 -17.67
C MSE B 449 4.10 -8.12 -19.03
O MSE B 449 3.35 -7.41 -19.71
CB MSE B 449 3.53 -7.88 -16.57
CG MSE B 449 3.68 -9.17 -15.81
SE MSE B 449 2.25 -9.32 -14.47
CE MSE B 449 3.33 -9.55 -12.87
N LEU B 450 4.53 -9.30 -19.46
CA LEU B 450 4.15 -9.82 -20.77
C LEU B 450 3.48 -11.17 -20.60
N LEU B 451 2.21 -11.26 -20.96
CA LEU B 451 1.48 -12.50 -20.75
C LEU B 451 2.10 -13.67 -21.53
N ASN B 452 2.56 -13.40 -22.75
CA ASN B 452 3.16 -14.49 -23.54
C ASN B 452 4.58 -14.84 -23.09
N ARG B 453 5.05 -14.17 -22.04
CA ARG B 453 6.32 -14.53 -21.41
C ARG B 453 6.09 -15.09 -20.01
N GLN B 454 4.85 -15.47 -19.72
CA GLN B 454 4.56 -16.08 -18.42
C GLN B 454 4.11 -17.52 -18.62
N TYR B 455 4.68 -18.42 -17.83
CA TYR B 455 4.22 -19.80 -17.75
C TYR B 455 2.97 -19.93 -16.91
N GLY B 456 2.26 -21.03 -17.10
CA GLY B 456 1.38 -21.54 -16.06
C GLY B 456 2.19 -22.64 -15.39
N THR B 457 2.28 -22.62 -14.06
CA THR B 457 3.19 -23.54 -13.37
C THR B 457 2.49 -24.69 -12.64
N ILE B 458 2.92 -25.90 -12.99
CA ILE B 458 2.57 -27.10 -12.25
C ILE B 458 3.60 -27.29 -11.14
N GLY B 459 3.18 -27.06 -9.89
CA GLY B 459 4.08 -27.20 -8.76
C GLY B 459 4.13 -28.62 -8.23
N VAL B 460 5.24 -29.00 -7.61
CA VAL B 460 5.32 -30.27 -6.89
C VAL B 460 5.89 -30.04 -5.51
N THR B 461 5.41 -30.81 -4.54
CA THR B 461 5.97 -30.78 -3.20
C THR B 461 5.84 -32.17 -2.57
N GLY B 462 6.68 -32.47 -1.58
CA GLY B 462 6.65 -33.76 -0.93
C GLY B 462 7.06 -34.95 -1.79
N VAL B 463 7.98 -34.75 -2.73
CA VAL B 463 8.50 -35.86 -3.53
C VAL B 463 9.02 -36.95 -2.61
N TRP B 464 9.88 -36.54 -1.67
CA TRP B 464 10.48 -37.45 -0.70
C TRP B 464 9.44 -38.19 0.15
N GLU B 465 8.49 -37.44 0.72
CA GLU B 465 7.50 -38.07 1.59
C GLU B 465 6.59 -39.00 0.79
N SER B 466 6.30 -38.62 -0.45
CA SER B 466 5.53 -39.49 -1.35
C SER B 466 6.28 -40.80 -1.59
N ALA B 467 7.55 -40.71 -1.96
CA ALA B 467 8.36 -41.91 -2.16
C ALA B 467 8.45 -42.75 -0.89
N SER B 468 8.55 -42.09 0.25
N SER B 468 8.54 -42.10 0.27
CA SER B 468 8.63 -42.77 1.55
CA SER B 468 8.65 -42.80 1.54
C SER B 468 7.39 -43.61 1.81
C SER B 468 7.39 -43.61 1.85
N ILE B 469 6.23 -42.98 1.64
CA ILE B 469 4.95 -43.65 1.85
C ILE B 469 4.81 -44.86 0.89
N MSE B 470 5.37 -44.74 -0.31
CA MSE B 470 5.38 -45.85 -1.27
C MSE B 470 6.37 -46.98 -0.91
O MSE B 470 6.38 -48.03 -1.55
CB MSE B 470 5.70 -45.36 -2.68
CG MSE B 470 4.73 -44.32 -3.21
SE MSE B 470 2.92 -45.04 -3.39
CE MSE B 470 3.17 -46.09 -5.02
N GLY B 471 7.19 -46.75 0.10
CA GLY B 471 8.18 -47.73 0.52
C GLY B 471 9.49 -47.68 -0.24
N LEU B 472 9.80 -46.52 -0.81
CA LEU B 472 10.93 -46.40 -1.73
C LEU B 472 12.08 -45.55 -1.20
N THR B 473 12.11 -45.36 0.12
CA THR B 473 13.25 -44.71 0.74
C THR B 473 13.84 -45.62 1.80
N THR B 474 15.13 -45.45 2.05
CA THR B 474 15.82 -46.33 2.98
C THR B 474 16.91 -45.58 3.73
N GLU B 475 17.52 -46.27 4.69
CA GLU B 475 18.67 -45.71 5.41
C GLU B 475 19.87 -46.61 5.21
N ASP B 476 21.00 -46.01 4.84
CA ASP B 476 22.21 -46.77 4.61
C ASP B 476 23.33 -46.18 5.47
N ILE B 477 24.55 -46.65 5.25
CA ILE B 477 25.70 -46.15 5.99
C ILE B 477 25.89 -44.65 5.71
N ASP B 478 25.43 -44.22 4.54
CA ASP B 478 25.55 -42.81 4.17
C ASP B 478 24.25 -42.04 4.41
N GLY B 479 23.36 -42.60 5.23
CA GLY B 479 22.18 -41.88 5.66
C GLY B 479 20.93 -42.22 4.87
N LEU B 480 19.95 -41.32 4.92
CA LEU B 480 18.68 -41.53 4.23
C LEU B 480 18.85 -41.30 2.74
N LYS B 481 18.18 -42.13 1.94
CA LYS B 481 18.32 -42.04 0.50
C LYS B 481 17.15 -42.74 -0.18
N TYR B 482 16.89 -42.39 -1.43
CA TYR B 482 15.97 -43.15 -2.26
C TYR B 482 16.57 -44.52 -2.52
N THR B 483 15.72 -45.54 -2.60
CA THR B 483 16.18 -46.84 -3.09
C THR B 483 16.43 -46.73 -4.60
N GLU B 484 16.99 -47.79 -5.20
CA GLU B 484 17.20 -47.77 -6.65
C GLU B 484 15.88 -47.57 -7.39
N GLU B 485 14.85 -48.30 -6.97
CA GLU B 485 13.54 -48.14 -7.59
C GLU B 485 12.88 -46.84 -7.16
N GLY B 486 13.30 -46.31 -6.02
CA GLY B 486 12.84 -44.99 -5.61
C GLY B 486 13.30 -43.92 -6.58
N GLU B 487 14.55 -44.02 -7.02
CA GLU B 487 15.05 -43.09 -8.03
C GLU B 487 14.29 -43.22 -9.34
N VAL B 488 14.04 -44.46 -9.76
CA VAL B 488 13.26 -44.71 -10.97
C VAL B 488 11.85 -44.13 -10.82
N PHE B 489 11.26 -44.35 -9.64
CA PHE B 489 9.95 -43.78 -9.31
C PHE B 489 9.93 -42.25 -9.51
N VAL B 490 10.93 -41.55 -8.98
CA VAL B 490 10.96 -40.10 -9.11
C VAL B 490 11.15 -39.71 -10.58
N ASP B 491 12.01 -40.44 -11.30
CA ASP B 491 12.16 -40.22 -12.74
C ASP B 491 10.80 -40.30 -13.42
N ASN B 492 10.05 -41.36 -13.10
CA ASN B 492 8.75 -41.60 -13.73
C ASN B 492 7.73 -40.52 -13.40
N VAL B 493 7.74 -40.07 -12.16
CA VAL B 493 6.86 -38.99 -11.70
C VAL B 493 7.15 -37.70 -12.46
N LEU B 494 8.42 -37.32 -12.49
CA LEU B 494 8.80 -36.07 -13.14
C LEU B 494 8.62 -36.17 -14.66
N ASP B 495 8.94 -37.33 -15.24
CA ASP B 495 8.76 -37.49 -16.68
C ASP B 495 7.28 -37.42 -17.05
N THR B 496 6.42 -37.94 -16.18
CA THR B 496 4.98 -37.88 -16.37
C THR B 496 4.50 -36.43 -16.39
N ILE B 497 4.95 -35.66 -15.41
CA ILE B 497 4.55 -34.25 -15.35
C ILE B 497 5.13 -33.49 -16.54
N ARG B 498 6.37 -33.80 -16.91
CA ARG B 498 7.01 -33.19 -18.08
C ARG B 498 6.20 -33.45 -19.34
N GLU B 499 5.77 -34.68 -19.53
CA GLU B 499 4.96 -35.05 -20.69
C GLU B 499 3.67 -34.22 -20.74
N GLU B 500 3.01 -34.11 -19.59
CA GLU B 500 1.77 -33.36 -19.53
C GLU B 500 2.00 -31.86 -19.74
N ALA B 501 3.09 -31.33 -19.18
CA ALA B 501 3.41 -29.92 -19.37
C ALA B 501 3.62 -29.62 -20.84
N GLU B 502 4.33 -30.52 -21.53
CA GLU B 502 4.61 -30.38 -22.95
C GLU B 502 3.35 -30.47 -23.80
N LYS B 503 2.48 -31.42 -23.46
CA LYS B 503 1.21 -31.57 -24.15
C LYS B 503 0.34 -30.33 -23.97
N GLY B 504 0.51 -29.66 -22.84
CA GLY B 504 -0.31 -28.51 -22.48
C GLY B 504 -0.22 -27.38 -23.48
N TYR B 505 0.94 -27.22 -24.10
CA TYR B 505 1.12 -26.14 -25.06
C TYR B 505 0.18 -26.29 -26.25
N HIS B 506 0.10 -27.51 -26.80
CA HIS B 506 -0.85 -27.75 -27.89
C HIS B 506 -2.28 -27.71 -27.41
N GLU B 507 -2.50 -28.22 -26.19
CA GLU B 507 -3.85 -28.28 -25.65
C GLU B 507 -4.45 -26.91 -25.35
N TYR B 508 -3.66 -26.00 -24.79
CA TYR B 508 -4.23 -24.75 -24.26
C TYR B 508 -3.67 -23.48 -24.90
N GLY B 509 -2.63 -23.62 -25.70
CA GLY B 509 -2.09 -22.48 -26.41
C GLY B 509 -1.16 -21.59 -25.61
N PHE B 510 -0.66 -22.10 -24.49
CA PHE B 510 0.39 -21.42 -23.76
C PHE B 510 1.29 -22.44 -23.09
N THR B 511 2.41 -21.98 -22.56
CA THR B 511 3.46 -22.88 -22.08
C THR B 511 3.35 -23.15 -20.58
N PHE B 512 3.58 -24.41 -20.21
CA PHE B 512 3.59 -24.81 -18.81
C PHE B 512 5.01 -25.11 -18.36
N ASN B 513 5.36 -24.70 -17.15
CA ASN B 513 6.60 -25.16 -16.55
C ASN B 513 6.31 -25.97 -15.29
N ILE B 514 7.37 -26.49 -14.69
CA ILE B 514 7.27 -27.25 -13.45
C ILE B 514 8.18 -26.62 -12.41
N GLU B 515 7.73 -26.57 -11.17
CA GLU B 515 8.62 -26.10 -10.11
C GLU B 515 8.43 -26.94 -8.85
N GLN B 516 9.55 -27.34 -8.25
CA GLN B 516 9.52 -27.85 -6.90
C GLN B 516 9.43 -26.62 -6.00
N VAL B 517 8.21 -26.25 -5.63
CA VAL B 517 7.95 -24.94 -5.03
C VAL B 517 8.55 -24.78 -3.63
N PRO B 518 8.87 -23.53 -3.23
CA PRO B 518 9.38 -23.30 -1.88
C PRO B 518 8.40 -23.79 -0.80
N ALA B 519 7.10 -23.59 -1.03
CA ALA B 519 6.05 -24.11 -0.13
C ALA B 519 6.30 -23.74 1.33
N GLU B 520 6.60 -22.47 1.59
CA GLU B 520 6.82 -22.01 2.95
C GLU B 520 5.71 -22.44 3.90
N LYS B 521 4.48 -22.23 3.47
CA LYS B 521 3.32 -22.62 4.28
C LYS B 521 2.67 -23.90 3.73
N ALA B 522 2.64 -24.04 2.42
CA ALA B 522 1.98 -25.19 1.79
C ALA B 522 2.53 -26.54 2.29
N ALA B 523 3.83 -26.59 2.55
CA ALA B 523 4.45 -27.84 3.02
C ALA B 523 3.88 -28.28 4.36
N VAL B 524 3.43 -27.32 5.16
CA VAL B 524 2.79 -27.60 6.45
C VAL B 524 1.30 -27.90 6.28
N THR B 525 0.62 -27.01 5.57
CA THR B 525 -0.82 -27.09 5.37
C THR B 525 -1.25 -28.41 4.73
N LEU B 526 -0.55 -28.79 3.68
CA LEU B 526 -0.89 -30.03 2.99
C LEU B 526 -0.64 -31.26 3.86
N ALA B 527 0.43 -31.22 4.64
CA ALA B 527 0.72 -32.33 5.56
C ALA B 527 -0.38 -32.45 6.62
N GLN B 528 -0.86 -31.30 7.08
CA GLN B 528 -1.92 -31.30 8.09
C GLN B 528 -3.26 -31.78 7.51
N LYS B 529 -3.57 -31.37 6.28
CA LYS B 529 -4.79 -31.85 5.63
C LYS B 529 -4.75 -33.36 5.41
N ASP B 530 -3.59 -33.86 4.98
CA ASP B 530 -3.43 -35.30 4.75
C ASP B 530 -3.50 -36.10 6.05
N ARG B 531 -3.02 -35.50 7.14
CA ARG B 531 -3.10 -36.13 8.45
C ARG B 531 -4.55 -36.25 8.89
N PHE B 532 -5.31 -35.19 8.62
CA PHE B 532 -6.72 -35.16 8.96
C PHE B 532 -7.50 -36.23 8.19
N LEU B 533 -7.10 -36.46 6.94
CA LEU B 533 -7.80 -37.43 6.09
C LEU B 533 -7.34 -38.87 6.26
N PHE B 534 -6.06 -39.06 6.55
CA PHE B 534 -5.46 -40.40 6.54
C PHE B 534 -4.87 -40.87 7.86
N GLY B 535 -4.82 -39.99 8.85
CA GLY B 535 -4.33 -40.37 10.18
C GLY B 535 -2.90 -40.86 10.22
N GLU B 536 -2.66 -41.95 10.93
CA GLU B 536 -1.32 -42.49 11.16
C GLU B 536 -0.61 -42.96 9.88
N LYS B 537 -1.35 -43.08 8.79
CA LYS B 537 -0.76 -43.43 7.49
C LYS B 537 0.13 -42.29 7.00
N GLN B 538 -0.08 -41.10 7.57
CA GLN B 538 0.65 -39.91 7.14
C GLN B 538 1.49 -39.42 8.33
N PRO B 539 2.75 -39.88 8.41
CA PRO B 539 3.55 -39.64 9.62
C PRO B 539 4.28 -38.30 9.66
N PHE B 540 4.28 -37.53 8.58
CA PHE B 540 5.14 -36.35 8.50
C PHE B 540 4.44 -35.06 8.91
N GLU B 541 5.13 -34.24 9.68
CA GLU B 541 4.55 -32.98 10.15
C GLU B 541 4.69 -31.88 9.11
N ILE B 542 5.60 -32.09 8.16
CA ILE B 542 5.84 -31.12 7.09
C ILE B 542 6.41 -31.87 5.89
N TYR B 543 6.04 -31.42 4.70
CA TYR B 543 6.54 -32.06 3.48
C TYR B 543 7.80 -31.32 3.03
N SER B 544 8.53 -31.95 2.10
N SER B 544 8.55 -31.93 2.12
CA SER B 544 9.85 -31.49 1.66
CA SER B 544 9.84 -31.36 1.75
C SER B 544 9.78 -30.63 0.40
C SER B 544 9.79 -30.63 0.42
N ASN B 545 10.61 -29.58 0.34
CA ASN B 545 10.69 -28.72 -0.82
C ASN B 545 12.04 -28.83 -1.55
N GLN B 546 12.80 -29.86 -1.22
CA GLN B 546 14.03 -30.19 -1.94
C GLN B 546 14.03 -31.69 -2.17
N TRP B 547 14.81 -32.17 -3.14
CA TRP B 547 14.70 -33.57 -3.57
C TRP B 547 14.86 -34.54 -2.41
N VAL B 548 15.76 -34.23 -1.49
CA VAL B 548 15.83 -34.91 -0.19
C VAL B 548 15.71 -33.80 0.87
N PRO B 549 14.91 -34.05 1.92
CA PRO B 549 14.63 -32.98 2.90
C PRO B 549 15.87 -32.38 3.50
N LEU B 550 15.84 -31.08 3.77
CA LEU B 550 16.92 -30.47 4.51
C LEU B 550 17.05 -31.12 5.89
N MSE B 551 15.93 -31.56 6.44
CA MSE B 551 15.92 -32.15 7.79
C MSE B 551 16.16 -33.67 7.79
O MSE B 551 16.04 -34.32 8.84
CB MSE B 551 14.59 -31.83 8.51
CG MSE B 551 13.35 -32.51 7.92
SE MSE B 551 11.66 -31.98 8.81
CE MSE B 551 12.15 -32.41 10.63
N ALA B 552 16.51 -34.24 6.65
CA ALA B 552 16.94 -35.63 6.59
C ALA B 552 18.46 -35.70 6.57
N ASN B 553 19.04 -36.47 7.48
CA ASN B 553 20.49 -36.63 7.49
C ASN B 553 20.95 -37.54 6.37
N THR B 554 21.78 -37.01 5.48
CA THR B 554 22.32 -37.81 4.38
C THR B 554 23.67 -37.26 3.97
N ASP B 555 24.49 -38.11 3.35
CA ASP B 555 25.77 -37.66 2.79
C ASP B 555 25.51 -36.54 1.79
N VAL B 556 26.38 -35.53 1.78
CA VAL B 556 26.16 -34.36 0.94
C VAL B 556 26.15 -34.75 -0.54
N LEU B 557 26.88 -35.81 -0.89
CA LEU B 557 26.93 -36.28 -2.27
C LEU B 557 25.57 -36.77 -2.75
N ASN B 558 24.76 -37.28 -1.83
CA ASN B 558 23.40 -37.68 -2.17
C ASN B 558 22.55 -36.49 -2.59
N ARG B 559 22.58 -35.40 -1.81
CA ARG B 559 21.85 -34.17 -2.17
C ARG B 559 22.26 -33.69 -3.54
N ILE B 560 23.58 -33.62 -3.75
CA ILE B 560 24.12 -33.11 -5.00
C ILE B 560 23.72 -34.01 -6.16
N ARG B 561 23.80 -35.32 -5.95
CA ARG B 561 23.45 -36.27 -7.00
C ARG B 561 21.97 -36.17 -7.40
N TYR B 562 21.08 -36.01 -6.42
CA TYR B 562 19.66 -35.89 -6.71
C TYR B 562 19.37 -34.61 -7.48
N SER B 563 19.95 -33.51 -7.03
CA SER B 563 19.79 -32.24 -7.72
C SER B 563 20.37 -32.34 -9.12
N GLY B 564 21.52 -33.01 -9.24
CA GLY B 564 22.14 -33.23 -10.53
C GLY B 564 21.28 -34.03 -11.50
N LYS B 565 20.52 -34.99 -10.96
CA LYS B 565 19.62 -35.81 -11.76
C LYS B 565 18.35 -35.08 -12.17
N TRP B 566 17.77 -34.30 -11.26
CA TRP B 566 16.38 -33.91 -11.38
C TRP B 566 16.15 -32.41 -11.60
N ASP B 567 17.14 -31.58 -11.31
CA ASP B 567 17.02 -30.15 -11.60
C ASP B 567 16.67 -29.94 -13.07
N LYS B 568 17.35 -30.67 -13.95
CA LYS B 568 17.11 -30.50 -15.38
C LYS B 568 15.70 -30.90 -15.77
N LYS B 569 15.10 -31.84 -15.03
CA LYS B 569 13.74 -32.27 -15.35
C LYS B 569 12.72 -31.15 -15.09
N VAL B 570 13.02 -30.27 -14.16
CA VAL B 570 12.16 -29.11 -13.91
C VAL B 570 12.78 -27.82 -14.43
N SER B 571 13.75 -27.96 -15.34
CA SER B 571 14.37 -26.82 -16.01
C SER B 571 14.87 -25.75 -15.04
N GLY B 572 15.41 -26.20 -13.92
CA GLY B 572 15.98 -25.28 -12.95
C GLY B 572 15.00 -24.72 -11.95
N GLY B 573 13.76 -25.22 -11.97
CA GLY B 573 12.76 -24.83 -11.00
C GLY B 573 12.90 -25.58 -9.68
N ALA B 574 14.03 -25.35 -9.00
CA ALA B 574 14.32 -26.01 -7.74
C ALA B 574 15.48 -25.28 -7.06
N ILE B 575 15.76 -25.63 -5.82
CA ILE B 575 16.96 -25.11 -5.15
C ILE B 575 17.56 -26.19 -4.26
N LEU B 576 18.89 -26.15 -4.13
CA LEU B 576 19.61 -26.99 -3.20
C LEU B 576 20.32 -26.12 -2.17
N HIS B 577 20.16 -26.43 -0.88
CA HIS B 577 21.03 -25.84 0.16
C HIS B 577 22.08 -26.83 0.63
N ILE B 578 23.29 -26.35 0.78
CA ILE B 578 24.32 -27.07 1.51
C ILE B 578 24.62 -26.29 2.79
N ASN B 579 24.09 -26.78 3.91
CA ASN B 579 24.23 -26.11 5.19
C ASN B 579 25.58 -26.41 5.81
N LEU B 580 26.31 -25.35 6.15
CA LEU B 580 27.68 -25.48 6.61
C LEU B 580 27.82 -25.12 8.08
N GLY B 581 28.43 -26.02 8.84
CA GLY B 581 28.72 -25.75 10.24
C GLY B 581 29.69 -24.61 10.42
N GLU B 582 30.59 -24.43 9.45
CA GLU B 582 31.47 -23.28 9.44
C GLU B 582 31.82 -22.82 8.02
N SER B 583 32.21 -21.57 7.89
CA SER B 583 32.61 -21.00 6.61
C SER B 583 33.74 -21.82 5.98
N PHE B 584 33.86 -21.76 4.66
CA PHE B 584 35.00 -22.36 3.96
C PHE B 584 36.31 -21.77 4.48
N LYS B 585 37.36 -22.58 4.49
CA LYS B 585 38.68 -22.12 4.93
C LYS B 585 39.35 -21.26 3.88
N THR B 586 39.40 -21.78 2.65
CA THR B 586 40.07 -21.10 1.56
C THR B 586 39.14 -20.89 0.38
N GLU B 587 39.45 -19.89 -0.44
CA GLU B 587 38.71 -19.65 -1.66
C GLU B 587 38.84 -20.82 -2.63
N GLU B 588 40.01 -21.44 -2.67
CA GLU B 588 40.23 -22.57 -3.56
C GLU B 588 39.37 -23.77 -3.17
N GLU B 589 39.29 -24.04 -1.87
CA GLU B 589 38.43 -25.12 -1.38
C GLU B 589 36.98 -24.86 -1.77
N SER B 590 36.53 -23.63 -1.55
CA SER B 590 35.17 -23.25 -1.90
C SER B 590 34.93 -23.39 -3.40
N PHE B 591 35.86 -22.91 -4.21
CA PHE B 591 35.67 -22.87 -5.65
C PHE B 591 35.67 -24.29 -6.24
N ASN B 592 36.45 -25.19 -5.65
CA ASN B 592 36.47 -26.58 -6.10
C ASN B 592 35.12 -27.26 -5.83
N MSE B 593 34.51 -26.90 -4.71
CA MSE B 593 33.21 -27.43 -4.34
C MSE B 593 32.14 -26.91 -5.30
O MSE B 593 31.30 -27.67 -5.80
CB MSE B 593 32.88 -27.07 -2.89
CG MSE B 593 31.64 -27.75 -2.31
SE MSE B 593 31.82 -29.70 -2.28
CE MSE B 593 33.59 -29.85 -1.50
N VAL B 594 32.20 -25.61 -5.60
CA VAL B 594 31.28 -24.99 -6.56
C VAL B 594 31.36 -25.66 -7.93
N LYS B 595 32.57 -25.84 -8.43
CA LYS B 595 32.76 -26.47 -9.73
C LYS B 595 32.30 -27.93 -9.72
N MSE B 596 32.50 -28.63 -8.61
CA MSE B 596 32.06 -30.02 -8.52
C MSE B 596 30.53 -30.11 -8.59
O MSE B 596 29.97 -30.97 -9.26
CB MSE B 596 32.58 -30.67 -7.23
CG MSE B 596 32.25 -32.15 -7.08
SE MSE B 596 30.50 -32.44 -6.24
CE MSE B 596 31.07 -32.46 -4.37
N ILE B 597 29.88 -29.18 -7.90
CA ILE B 597 28.41 -29.12 -7.86
C ILE B 597 27.85 -28.77 -9.24
N ALA B 598 28.50 -27.82 -9.91
CA ALA B 598 28.12 -27.44 -11.27
C ALA B 598 28.35 -28.59 -12.24
N ASP B 599 29.49 -29.27 -12.09
CA ASP B 599 29.79 -30.45 -12.90
C ASP B 599 28.70 -31.52 -12.81
N MSE B 600 28.12 -31.66 -11.63
CA MSE B 600 27.12 -32.69 -11.38
C MSE B 600 25.75 -32.35 -11.98
O MSE B 600 24.90 -33.22 -12.10
CB MSE B 600 26.99 -32.94 -9.88
CG MSE B 600 28.22 -33.58 -9.26
SE MSE B 600 28.38 -35.46 -9.80
CE MSE B 600 26.88 -36.17 -8.79
N GLY B 601 25.54 -31.09 -12.35
CA GLY B 601 24.32 -30.70 -13.03
C GLY B 601 23.34 -29.91 -12.19
N VAL B 602 23.77 -29.53 -10.99
CA VAL B 602 22.92 -28.73 -10.10
C VAL B 602 22.76 -27.33 -10.69
N MSE B 603 21.53 -26.82 -10.76
CA MSE B 603 21.29 -25.61 -11.52
C MSE B 603 21.07 -24.36 -10.67
O MSE B 603 21.12 -23.24 -11.16
CB MSE B 603 20.08 -25.82 -12.46
CG MSE B 603 20.37 -26.84 -13.55
SE MSE B 603 18.83 -27.31 -14.64
CE MSE B 603 18.52 -25.58 -15.51
N TYR B 604 20.80 -24.56 -9.38
CA TYR B 604 20.55 -23.44 -8.48
C TYR B 604 20.85 -23.91 -7.07
N PHE B 605 21.82 -23.29 -6.43
CA PHE B 605 22.20 -23.75 -5.09
C PHE B 605 22.85 -22.65 -4.26
N ALA B 606 22.88 -22.88 -2.95
CA ALA B 606 23.52 -21.96 -2.03
C ALA B 606 24.14 -22.73 -0.87
N PHE B 607 25.21 -22.19 -0.35
CA PHE B 607 25.73 -22.60 0.94
C PHE B 607 25.07 -21.73 1.99
N ASN B 608 24.81 -22.30 3.17
CA ASN B 608 24.27 -21.57 4.30
C ASN B 608 25.16 -21.63 5.52
N THR B 609 25.45 -20.48 6.10
CA THR B 609 26.03 -20.42 7.44
C THR B 609 25.14 -19.55 8.31
N LYS B 610 24.83 -20.03 9.52
CA LYS B 610 23.98 -19.28 10.44
C LYS B 610 24.60 -17.92 10.76
N ILE B 611 23.88 -16.85 10.42
CA ILE B 611 24.37 -15.50 10.69
C ILE B 611 23.74 -14.94 11.96
N SER B 612 24.57 -14.50 12.90
CA SER B 612 24.07 -13.92 14.15
C SER B 612 23.67 -12.47 13.98
N VAL B 613 22.66 -12.02 14.73
CA VAL B 613 22.37 -10.60 14.85
C VAL B 613 22.11 -10.24 16.31
N CYS B 614 22.44 -9.01 16.66
CA CYS B 614 22.19 -8.49 17.99
C CYS B 614 20.87 -7.72 17.95
N GLU B 615 20.46 -7.15 19.08
CA GLU B 615 19.19 -6.44 19.13
C GLU B 615 19.21 -5.18 18.27
N ASP B 616 20.41 -4.69 17.96
CA ASP B 616 20.56 -3.49 17.14
C ASP B 616 20.76 -3.81 15.65
N GLY B 617 20.68 -5.09 15.28
CA GLY B 617 20.65 -5.48 13.89
C GLY B 617 21.96 -5.71 13.18
N HIS B 618 23.07 -5.67 13.92
CA HIS B 618 24.38 -5.93 13.32
C HIS B 618 24.53 -7.42 13.02
N ALA B 619 25.08 -7.75 11.86
CA ALA B 619 25.35 -9.14 11.50
C ALA B 619 26.78 -9.54 11.84
N PHE B 620 26.93 -10.77 12.33
CA PHE B 620 28.24 -11.31 12.70
C PHE B 620 28.14 -12.81 12.92
N TYR B 621 29.25 -13.42 13.30
CA TYR B 621 29.25 -14.81 13.69
C TYR B 621 29.64 -14.92 15.15
N GLY B 622 29.10 -15.91 15.85
CA GLY B 622 29.38 -16.09 17.26
C GLY B 622 28.31 -15.46 18.15
N GLU B 623 28.62 -15.37 19.44
CA GLU B 623 27.61 -15.01 20.44
C GLU B 623 27.65 -13.53 20.81
N ARG B 624 28.77 -12.87 20.52
CA ARG B 624 28.92 -11.47 20.89
C ARG B 624 29.15 -10.58 19.69
N CYS B 625 28.36 -9.50 19.60
CA CYS B 625 28.49 -8.54 18.51
C CYS B 625 29.82 -7.82 18.59
N PRO B 626 30.62 -7.87 17.51
CA PRO B 626 31.89 -7.16 17.50
C PRO B 626 31.72 -5.65 17.33
N VAL B 627 30.49 -5.20 17.06
CA VAL B 627 30.22 -3.78 16.87
C VAL B 627 29.81 -3.09 18.17
N CYS B 628 28.78 -3.61 18.84
CA CYS B 628 28.26 -2.97 20.03
C CYS B 628 28.41 -3.83 21.29
N GLY B 629 28.97 -5.02 21.13
CA GLY B 629 29.23 -5.91 22.25
C GLY B 629 28.03 -6.64 22.81
N LYS B 630 26.84 -6.34 22.29
CA LYS B 630 25.62 -6.97 22.79
C LYS B 630 25.53 -8.43 22.36
N ALA B 631 24.66 -9.18 23.03
CA ALA B 631 24.53 -10.61 22.76
C ALA B 631 23.72 -10.89 21.50
N LYS B 632 24.05 -11.99 20.83
CA LYS B 632 23.22 -12.49 19.74
C LYS B 632 21.82 -12.80 20.27
N VAL B 633 20.80 -12.33 19.56
CA VAL B 633 19.42 -12.54 19.97
C VAL B 633 18.61 -13.26 18.90
N ASP B 634 19.18 -13.41 17.71
CA ASP B 634 18.47 -14.04 16.60
C ASP B 634 19.49 -14.55 15.58
N GLU B 635 18.99 -15.24 14.56
CA GLU B 635 19.83 -15.83 13.51
C GLU B 635 19.20 -15.54 12.16
N TYR B 636 20.02 -15.26 11.15
CA TYR B 636 19.51 -15.25 9.78
C TYR B 636 19.86 -16.56 9.09
N MSE B 637 18.91 -17.02 8.29
CA MSE B 637 19.01 -18.29 7.59
C MSE B 637 18.15 -18.20 6.34
O MSE B 637 17.15 -17.49 6.35
CB MSE B 637 18.54 -19.45 8.49
CG MSE B 637 18.29 -20.76 7.75
SE MSE B 637 19.99 -21.58 7.24
CE MSE B 637 20.80 -21.23 8.97
N ARG B 638 18.51 -18.92 5.28
CA ARG B 638 17.60 -19.06 4.15
C ARG B 638 16.41 -19.88 4.59
N ILE B 639 15.23 -19.28 4.59
CA ILE B 639 14.05 -20.07 4.97
C ILE B 639 13.77 -21.09 3.86
N VAL B 640 13.96 -20.66 2.60
CA VAL B 640 13.86 -21.57 1.46
C VAL B 640 14.94 -21.23 0.43
N GLY B 641 15.46 -20.02 0.51
CA GLY B 641 16.50 -19.59 -0.44
C GLY B 641 16.80 -18.12 -0.31
N TYR B 642 16.10 -17.46 0.60
CA TYR B 642 16.37 -16.05 0.89
C TYR B 642 16.53 -15.85 2.40
N LEU B 643 17.39 -14.91 2.77
CA LEU B 643 17.85 -14.79 4.15
C LEU B 643 16.89 -13.97 5.01
N VAL B 644 16.30 -14.62 6.02
CA VAL B 644 15.36 -13.96 6.92
C VAL B 644 15.66 -14.37 8.35
N PRO B 645 15.18 -13.59 9.35
CA PRO B 645 15.37 -14.01 10.74
C PRO B 645 14.67 -15.34 11.01
N VAL B 646 15.31 -16.23 11.78
CA VAL B 646 14.68 -17.50 12.14
C VAL B 646 13.39 -17.22 12.92
N SER B 647 13.39 -16.14 13.72
CA SER B 647 12.19 -15.75 14.45
C SER B 647 11.03 -15.42 13.51
N ALA B 648 11.32 -15.12 12.25
CA ALA B 648 10.29 -14.76 11.29
C ALA B 648 9.77 -15.97 10.49
N PHE B 649 10.41 -17.13 10.66
CA PHE B 649 9.89 -18.37 10.09
C PHE B 649 8.48 -18.57 10.62
N ASN B 650 7.58 -19.09 9.79
CA ASN B 650 6.28 -19.49 10.31
C ASN B 650 6.47 -20.58 11.36
N LYS B 651 5.52 -20.66 12.29
CA LYS B 651 5.69 -21.44 13.52
C LYS B 651 6.17 -22.87 13.33
N GLU B 652 5.55 -23.62 12.42
CA GLU B 652 5.91 -25.02 12.25
C GLU B 652 7.33 -25.20 11.71
N ARG B 653 7.72 -24.36 10.76
CA ARG B 653 9.10 -24.42 10.26
C ARG B 653 10.07 -24.04 11.35
N ARG B 654 9.71 -23.01 12.13
CA ARG B 654 10.56 -22.56 13.20
C ARG B 654 10.78 -23.65 14.23
N GLU B 655 9.72 -24.39 14.57
CA GLU B 655 9.77 -25.32 15.70
C GLU B 655 10.02 -26.77 15.28
N ILE B 656 9.47 -27.18 14.15
CA ILE B 656 9.57 -28.57 13.74
C ILE B 656 10.73 -28.81 12.77
N GLU B 657 10.87 -27.94 11.78
CA GLU B 657 11.74 -28.23 10.64
C GLU B 657 13.13 -27.62 10.76
N TYR B 658 13.21 -26.32 11.01
CA TYR B 658 14.52 -25.66 11.07
C TYR B 658 15.49 -26.29 12.08
N PRO B 659 15.04 -26.62 13.30
CA PRO B 659 16.04 -27.17 14.23
C PRO B 659 16.62 -28.52 13.80
N ARG B 660 15.96 -29.20 12.88
CA ARG B 660 16.41 -30.53 12.47
C ARG B 660 17.14 -30.51 11.13
N ARG B 661 17.34 -29.32 10.56
CA ARG B 661 18.07 -29.24 9.30
C ARG B 661 19.50 -29.72 9.47
N GLN B 662 19.93 -30.61 8.59
CA GLN B 662 21.29 -31.11 8.65
C GLN B 662 22.32 -30.04 8.31
N PHE B 663 23.34 -29.93 9.15
CA PHE B 663 24.48 -29.08 8.86
C PHE B 663 25.71 -29.94 8.69
N TYR B 664 26.54 -29.59 7.72
CA TYR B 664 27.73 -30.38 7.41
C TYR B 664 28.96 -29.84 8.12
N ASP B 665 29.70 -30.74 8.76
CA ASP B 665 30.92 -30.41 9.48
C ASP B 665 32.10 -30.38 8.52
N SER B 666 32.08 -31.28 7.54
CA SER B 666 33.08 -31.30 6.48
C SER B 666 32.41 -31.66 5.16
N LEU B 667 33.07 -31.31 4.06
CA LEU B 667 32.52 -31.58 2.73
C LEU B 667 33.43 -32.49 1.93
ZN ZN C . 0.25 21.05 -23.50
C1 CIT D . -13.52 9.12 3.19
O1 CIT D . -13.09 8.21 2.46
O2 CIT D . -13.12 9.16 4.37
C2 CIT D . -14.51 10.11 2.63
C3 CIT D . -15.05 11.15 3.62
O7 CIT D . -14.00 12.09 3.92
C4 CIT D . -16.23 11.86 2.98
C5 CIT D . -16.57 13.16 3.67
O3 CIT D . -16.00 13.53 4.72
O4 CIT D . -17.48 13.87 3.19
C6 CIT D . -15.56 10.51 4.90
O5 CIT D . -16.51 9.70 4.84
O6 CIT D . -15.05 10.78 6.01
C1 GOL E . 18.71 4.20 5.50
O1 GOL E . 17.53 4.92 5.21
C2 GOL E . 19.36 4.74 6.76
O2 GOL E . 19.64 6.11 6.61
C3 GOL E . 20.67 3.98 7.01
O3 GOL E . 20.47 3.13 8.11
NA NA F . -12.51 11.24 5.65
C ACT G . -12.95 13.80 7.77
O ACT G . -12.79 13.28 6.63
OXT ACT G . -12.63 13.08 8.73
CH3 ACT G . -13.46 15.20 7.96
ZN ZN H . 25.57 -5.11 17.67
C1 CIT I . 0.86 -16.51 -0.11
O1 CIT I . 1.15 -16.18 -1.28
O2 CIT I . -0.09 -15.95 0.46
C2 CIT I . 1.67 -17.54 0.64
C3 CIT I . 2.00 -18.80 -0.19
O7 CIT I . 3.17 -18.49 -0.99
C4 CIT I . 2.32 -19.96 0.76
C5 CIT I . 3.10 -21.03 0.04
O3 CIT I . 3.32 -20.97 -1.20
O4 CIT I . 3.53 -22.01 0.68
C6 CIT I . 0.87 -19.23 -1.09
O5 CIT I . 0.98 -19.18 -2.34
O6 CIT I . -0.21 -19.65 -0.59
C1 GOL J . 9.09 12.45 -11.99
O1 GOL J . 9.57 11.33 -11.28
C2 GOL J . 10.21 13.07 -12.83
O2 GOL J . 10.47 12.21 -13.92
C3 GOL J . 9.78 14.43 -13.35
O3 GOL J . 8.74 14.28 -14.29
#